data_2HQ1
# 
_entry.id   2HQ1 
# 
_audit_conform.dict_name       mmcif_pdbx.dic 
_audit_conform.dict_version    5.377 
_audit_conform.dict_location   http://mmcif.pdb.org/dictionaries/ascii/mmcif_pdbx.dic 
# 
loop_
_database_2.database_id 
_database_2.database_code 
_database_2.pdbx_database_accession 
_database_2.pdbx_DOI 
PDB   2HQ1         pdb_00002hq1 10.2210/pdb2hq1/pdb 
RCSB  RCSB038625   ?            ?                   
WWPDB D_1000038625 ?            ?                   
# 
_pdbx_database_related.db_name        TargetDB 
_pdbx_database_related.db_id          Cth-1438 
_pdbx_database_related.details        . 
_pdbx_database_related.content_type   unspecified 
# 
_pdbx_database_status.status_code                     REL 
_pdbx_database_status.entry_id                        2HQ1 
_pdbx_database_status.recvd_initial_deposition_date   2006-07-18 
_pdbx_database_status.deposit_site                    RCSB 
_pdbx_database_status.process_site                    RCSB 
_pdbx_database_status.status_code_sf                  REL 
_pdbx_database_status.status_code_mr                  ? 
_pdbx_database_status.SG_entry                        Y 
_pdbx_database_status.pdb_format_compatible           Y 
_pdbx_database_status.status_code_cs                  ? 
_pdbx_database_status.methods_development_category    ? 
_pdbx_database_status.status_code_nmr_data            ? 
# 
loop_
_audit_author.name 
_audit_author.pdbx_ordinal 
'Southeast Collaboratory for Structural Genomics (SECSG)' 1 
'Li, Y.'                                                  2 
'Shaw, N.'                                                3 
'Xu, H.'                                                  4 
'Cheng, C.'                                               5 
'Chen, L.'                                                6 
'Liu, Z.J.'                                               7 
'Rose, J.P.'                                              8 
'Wang, B.C.'                                              9 
# 
_citation.id                        primary 
_citation.title                     
'Crystal Structure of ORF 1438 a putative Glucose/ ribitol dehydrogenase from Clostridium thermocellum' 
_citation.journal_abbrev            'To be Published' 
_citation.journal_volume            ? 
_citation.page_first                ? 
_citation.page_last                 ? 
_citation.year                      ? 
_citation.journal_id_ASTM           ? 
_citation.country                   ? 
_citation.journal_id_ISSN           ? 
_citation.journal_id_CSD            0353 
_citation.book_publisher            ? 
_citation.pdbx_database_id_PubMed   ? 
_citation.pdbx_database_id_DOI      ? 
# 
loop_
_citation_author.citation_id 
_citation_author.name 
_citation_author.ordinal 
_citation_author.identifier_ORCID 
primary 'Li, Y.'                                          1 ? 
primary 'Shaw, N.'                                        2 ? 
primary 'Xu, H.'                                          3 ? 
primary 'Cheng, C.'                                       4 ? 
primary 'Chen, L.'                                        5 ? 
primary 'Liu, Z.J.'                                       6 ? 
primary 'ROSE, J.P.'                                      7 ? 
primary 'WANG, B.C.'                                      8 ? 
primary 'Southeast Collaboratory for Structural Genomics' 9 ? 
# 
_cell.entry_id           2HQ1 
_cell.length_a           77.982 
_cell.length_b           99.487 
_cell.length_c           69.833 
_cell.angle_alpha        90.00 
_cell.angle_beta         90.00 
_cell.angle_gamma        90.00 
_cell.Z_PDB              8 
_cell.pdbx_unique_axis   ? 
_cell.length_a_esd       ? 
_cell.length_b_esd       ? 
_cell.length_c_esd       ? 
_cell.angle_alpha_esd    ? 
_cell.angle_beta_esd     ? 
_cell.angle_gamma_esd    ? 
# 
_symmetry.entry_id                         2HQ1 
_symmetry.space_group_name_H-M             'C 2 2 2' 
_symmetry.pdbx_full_space_group_name_H-M   ? 
_symmetry.cell_setting                     ? 
_symmetry.Int_Tables_number                21 
_symmetry.space_group_name_Hall            ? 
# 
loop_
_entity.id 
_entity.type 
_entity.src_method 
_entity.pdbx_description 
_entity.formula_weight 
_entity.pdbx_number_of_molecules 
_entity.pdbx_ec 
_entity.pdbx_mutation 
_entity.pdbx_fragment 
_entity.details 
1 polymer man 'Glucose/ribitol dehydrogenase' 26106.236 1  1.1.1.62 ? ? ? 
2 water   nat water                           18.015    54 ?        ? ? ? 
# 
_entity_poly.entity_id                      1 
_entity_poly.type                           'polypeptide(L)' 
_entity_poly.nstd_linkage                   no 
_entity_poly.nstd_monomer                   no 
_entity_poly.pdbx_seq_one_letter_code       
;MQLKGKTAIVTGSSRGLGKAIAWKLGNMGANIVLNGSPASTSLDATAEEFKAAGINVVVAKGDVKNPEDVENMVKTAMDA
FGRIDILVNNAGITRDTLMLKMSEKDWDDVLNTNLKSAYLCTKAVSKIMLKQKSGKIINITSIAGIIGNAGQANYAASKA
GLIGFTKSIAKEFAAKGIYCNAVAPGIIKTDMTDVLPDKVKEMYLNNIPLKRFGTPEEVANVVGFLASDDSNYITGQVIN
IDGGLVM
;
_entity_poly.pdbx_seq_one_letter_code_can   
;MQLKGKTAIVTGSSRGLGKAIAWKLGNMGANIVLNGSPASTSLDATAEEFKAAGINVVVAKGDVKNPEDVENMVKTAMDA
FGRIDILVNNAGITRDTLMLKMSEKDWDDVLNTNLKSAYLCTKAVSKIMLKQKSGKIINITSIAGIIGNAGQANYAASKA
GLIGFTKSIAKEFAAKGIYCNAVAPGIIKTDMTDVLPDKVKEMYLNNIPLKRFGTPEEVANVVGFLASDDSNYITGQVIN
IDGGLVM
;
_entity_poly.pdbx_strand_id                 A 
_entity_poly.pdbx_target_identifier         Cth-1438 
# 
loop_
_entity_poly_seq.entity_id 
_entity_poly_seq.num 
_entity_poly_seq.mon_id 
_entity_poly_seq.hetero 
1 1   MET n 
1 2   GLN n 
1 3   LEU n 
1 4   LYS n 
1 5   GLY n 
1 6   LYS n 
1 7   THR n 
1 8   ALA n 
1 9   ILE n 
1 10  VAL n 
1 11  THR n 
1 12  GLY n 
1 13  SER n 
1 14  SER n 
1 15  ARG n 
1 16  GLY n 
1 17  LEU n 
1 18  GLY n 
1 19  LYS n 
1 20  ALA n 
1 21  ILE n 
1 22  ALA n 
1 23  TRP n 
1 24  LYS n 
1 25  LEU n 
1 26  GLY n 
1 27  ASN n 
1 28  MET n 
1 29  GLY n 
1 30  ALA n 
1 31  ASN n 
1 32  ILE n 
1 33  VAL n 
1 34  LEU n 
1 35  ASN n 
1 36  GLY n 
1 37  SER n 
1 38  PRO n 
1 39  ALA n 
1 40  SER n 
1 41  THR n 
1 42  SER n 
1 43  LEU n 
1 44  ASP n 
1 45  ALA n 
1 46  THR n 
1 47  ALA n 
1 48  GLU n 
1 49  GLU n 
1 50  PHE n 
1 51  LYS n 
1 52  ALA n 
1 53  ALA n 
1 54  GLY n 
1 55  ILE n 
1 56  ASN n 
1 57  VAL n 
1 58  VAL n 
1 59  VAL n 
1 60  ALA n 
1 61  LYS n 
1 62  GLY n 
1 63  ASP n 
1 64  VAL n 
1 65  LYS n 
1 66  ASN n 
1 67  PRO n 
1 68  GLU n 
1 69  ASP n 
1 70  VAL n 
1 71  GLU n 
1 72  ASN n 
1 73  MET n 
1 74  VAL n 
1 75  LYS n 
1 76  THR n 
1 77  ALA n 
1 78  MET n 
1 79  ASP n 
1 80  ALA n 
1 81  PHE n 
1 82  GLY n 
1 83  ARG n 
1 84  ILE n 
1 85  ASP n 
1 86  ILE n 
1 87  LEU n 
1 88  VAL n 
1 89  ASN n 
1 90  ASN n 
1 91  ALA n 
1 92  GLY n 
1 93  ILE n 
1 94  THR n 
1 95  ARG n 
1 96  ASP n 
1 97  THR n 
1 98  LEU n 
1 99  MET n 
1 100 LEU n 
1 101 LYS n 
1 102 MET n 
1 103 SER n 
1 104 GLU n 
1 105 LYS n 
1 106 ASP n 
1 107 TRP n 
1 108 ASP n 
1 109 ASP n 
1 110 VAL n 
1 111 LEU n 
1 112 ASN n 
1 113 THR n 
1 114 ASN n 
1 115 LEU n 
1 116 LYS n 
1 117 SER n 
1 118 ALA n 
1 119 TYR n 
1 120 LEU n 
1 121 CYS n 
1 122 THR n 
1 123 LYS n 
1 124 ALA n 
1 125 VAL n 
1 126 SER n 
1 127 LYS n 
1 128 ILE n 
1 129 MET n 
1 130 LEU n 
1 131 LYS n 
1 132 GLN n 
1 133 LYS n 
1 134 SER n 
1 135 GLY n 
1 136 LYS n 
1 137 ILE n 
1 138 ILE n 
1 139 ASN n 
1 140 ILE n 
1 141 THR n 
1 142 SER n 
1 143 ILE n 
1 144 ALA n 
1 145 GLY n 
1 146 ILE n 
1 147 ILE n 
1 148 GLY n 
1 149 ASN n 
1 150 ALA n 
1 151 GLY n 
1 152 GLN n 
1 153 ALA n 
1 154 ASN n 
1 155 TYR n 
1 156 ALA n 
1 157 ALA n 
1 158 SER n 
1 159 LYS n 
1 160 ALA n 
1 161 GLY n 
1 162 LEU n 
1 163 ILE n 
1 164 GLY n 
1 165 PHE n 
1 166 THR n 
1 167 LYS n 
1 168 SER n 
1 169 ILE n 
1 170 ALA n 
1 171 LYS n 
1 172 GLU n 
1 173 PHE n 
1 174 ALA n 
1 175 ALA n 
1 176 LYS n 
1 177 GLY n 
1 178 ILE n 
1 179 TYR n 
1 180 CYS n 
1 181 ASN n 
1 182 ALA n 
1 183 VAL n 
1 184 ALA n 
1 185 PRO n 
1 186 GLY n 
1 187 ILE n 
1 188 ILE n 
1 189 LYS n 
1 190 THR n 
1 191 ASP n 
1 192 MET n 
1 193 THR n 
1 194 ASP n 
1 195 VAL n 
1 196 LEU n 
1 197 PRO n 
1 198 ASP n 
1 199 LYS n 
1 200 VAL n 
1 201 LYS n 
1 202 GLU n 
1 203 MET n 
1 204 TYR n 
1 205 LEU n 
1 206 ASN n 
1 207 ASN n 
1 208 ILE n 
1 209 PRO n 
1 210 LEU n 
1 211 LYS n 
1 212 ARG n 
1 213 PHE n 
1 214 GLY n 
1 215 THR n 
1 216 PRO n 
1 217 GLU n 
1 218 GLU n 
1 219 VAL n 
1 220 ALA n 
1 221 ASN n 
1 222 VAL n 
1 223 VAL n 
1 224 GLY n 
1 225 PHE n 
1 226 LEU n 
1 227 ALA n 
1 228 SER n 
1 229 ASP n 
1 230 ASP n 
1 231 SER n 
1 232 ASN n 
1 233 TYR n 
1 234 ILE n 
1 235 THR n 
1 236 GLY n 
1 237 GLN n 
1 238 VAL n 
1 239 ILE n 
1 240 ASN n 
1 241 ILE n 
1 242 ASP n 
1 243 GLY n 
1 244 GLY n 
1 245 LEU n 
1 246 VAL n 
1 247 MET n 
# 
_entity_src_gen.entity_id                          1 
_entity_src_gen.pdbx_src_id                        1 
_entity_src_gen.pdbx_alt_source_flag               sample 
_entity_src_gen.pdbx_seq_type                      ? 
_entity_src_gen.pdbx_beg_seq_num                   ? 
_entity_src_gen.pdbx_end_seq_num                   ? 
_entity_src_gen.gene_src_common_name               ? 
_entity_src_gen.gene_src_genus                     Clostridium 
_entity_src_gen.pdbx_gene_src_gene                 ? 
_entity_src_gen.gene_src_species                   ? 
_entity_src_gen.gene_src_strain                    ? 
_entity_src_gen.gene_src_tissue                    ? 
_entity_src_gen.gene_src_tissue_fraction           ? 
_entity_src_gen.gene_src_details                   ? 
_entity_src_gen.pdbx_gene_src_fragment             ? 
_entity_src_gen.pdbx_gene_src_scientific_name      'Clostridium thermocellum' 
_entity_src_gen.pdbx_gene_src_ncbi_taxonomy_id     1515 
_entity_src_gen.pdbx_gene_src_variant              ? 
_entity_src_gen.pdbx_gene_src_cell_line            ? 
_entity_src_gen.pdbx_gene_src_atcc                 ? 
_entity_src_gen.pdbx_gene_src_organ                ? 
_entity_src_gen.pdbx_gene_src_organelle            ? 
_entity_src_gen.pdbx_gene_src_cell                 ? 
_entity_src_gen.pdbx_gene_src_cellular_location    ? 
_entity_src_gen.host_org_common_name               ? 
_entity_src_gen.pdbx_host_org_scientific_name      'Escherichia coli' 
_entity_src_gen.pdbx_host_org_ncbi_taxonomy_id     562 
_entity_src_gen.host_org_genus                     Escherichia 
_entity_src_gen.pdbx_host_org_gene                 ? 
_entity_src_gen.pdbx_host_org_organ                ? 
_entity_src_gen.host_org_species                   ? 
_entity_src_gen.pdbx_host_org_tissue               ? 
_entity_src_gen.pdbx_host_org_tissue_fraction      ? 
_entity_src_gen.pdbx_host_org_strain               ? 
_entity_src_gen.pdbx_host_org_variant              ? 
_entity_src_gen.pdbx_host_org_cell_line            'BL21(DE3)' 
_entity_src_gen.pdbx_host_org_atcc                 ? 
_entity_src_gen.pdbx_host_org_culture_collection   ? 
_entity_src_gen.pdbx_host_org_cell                 ? 
_entity_src_gen.pdbx_host_org_organelle            ? 
_entity_src_gen.pdbx_host_org_cellular_location    ? 
_entity_src_gen.pdbx_host_org_vector_type          BACTERIAL 
_entity_src_gen.pdbx_host_org_vector               ? 
_entity_src_gen.host_org_details                   ? 
_entity_src_gen.expression_system_id               ? 
_entity_src_gen.plasmid_name                       ? 
_entity_src_gen.plasmid_details                    ? 
_entity_src_gen.pdbx_description                   ? 
# 
_struct_ref.id                         1 
_struct_ref.db_name                    UNP 
_struct_ref.db_code                    Q4CFD1_CLOTM 
_struct_ref.pdbx_db_accession          Q4CFD1 
_struct_ref.entity_id                  1 
_struct_ref.pdbx_align_begin           1 
_struct_ref.pdbx_seq_one_letter_code   ? 
_struct_ref.pdbx_db_isoform            ? 
# 
_struct_ref_seq.align_id                      1 
_struct_ref_seq.ref_id                        1 
_struct_ref_seq.pdbx_PDB_id_code              2HQ1 
_struct_ref_seq.pdbx_strand_id                A 
_struct_ref_seq.seq_align_beg                 1 
_struct_ref_seq.pdbx_seq_align_beg_ins_code   ? 
_struct_ref_seq.seq_align_end                 247 
_struct_ref_seq.pdbx_seq_align_end_ins_code   ? 
_struct_ref_seq.pdbx_db_accession             Q4CFD1 
_struct_ref_seq.db_align_beg                  1 
_struct_ref_seq.pdbx_db_align_beg_ins_code    ? 
_struct_ref_seq.db_align_end                  247 
_struct_ref_seq.pdbx_db_align_end_ins_code    ? 
_struct_ref_seq.pdbx_auth_seq_align_beg       1 
_struct_ref_seq.pdbx_auth_seq_align_end       247 
# 
loop_
_chem_comp.id 
_chem_comp.type 
_chem_comp.mon_nstd_flag 
_chem_comp.name 
_chem_comp.pdbx_synonyms 
_chem_comp.formula 
_chem_comp.formula_weight 
ALA 'L-peptide linking' y ALANINE         ? 'C3 H7 N O2'     89.093  
ARG 'L-peptide linking' y ARGININE        ? 'C6 H15 N4 O2 1' 175.209 
ASN 'L-peptide linking' y ASPARAGINE      ? 'C4 H8 N2 O3'    132.118 
ASP 'L-peptide linking' y 'ASPARTIC ACID' ? 'C4 H7 N O4'     133.103 
CYS 'L-peptide linking' y CYSTEINE        ? 'C3 H7 N O2 S'   121.158 
GLN 'L-peptide linking' y GLUTAMINE       ? 'C5 H10 N2 O3'   146.144 
GLU 'L-peptide linking' y 'GLUTAMIC ACID' ? 'C5 H9 N O4'     147.129 
GLY 'peptide linking'   y GLYCINE         ? 'C2 H5 N O2'     75.067  
HOH non-polymer         . WATER           ? 'H2 O'           18.015  
ILE 'L-peptide linking' y ISOLEUCINE      ? 'C6 H13 N O2'    131.173 
LEU 'L-peptide linking' y LEUCINE         ? 'C6 H13 N O2'    131.173 
LYS 'L-peptide linking' y LYSINE          ? 'C6 H15 N2 O2 1' 147.195 
MET 'L-peptide linking' y METHIONINE      ? 'C5 H11 N O2 S'  149.211 
PHE 'L-peptide linking' y PHENYLALANINE   ? 'C9 H11 N O2'    165.189 
PRO 'L-peptide linking' y PROLINE         ? 'C5 H9 N O2'     115.130 
SER 'L-peptide linking' y SERINE          ? 'C3 H7 N O3'     105.093 
THR 'L-peptide linking' y THREONINE       ? 'C4 H9 N O3'     119.119 
TRP 'L-peptide linking' y TRYPTOPHAN      ? 'C11 H12 N2 O2'  204.225 
TYR 'L-peptide linking' y TYROSINE        ? 'C9 H11 N O3'    181.189 
VAL 'L-peptide linking' y VALINE          ? 'C5 H11 N O2'    117.146 
# 
_exptl.entry_id          2HQ1 
_exptl.method            'X-RAY DIFFRACTION' 
_exptl.crystals_number   1 
# 
_exptl_crystal.id                    1 
_exptl_crystal.density_meas          ? 
_exptl_crystal.density_Matthews      2.59 
_exptl_crystal.density_percent_sol   52.57 
_exptl_crystal.description           ? 
_exptl_crystal.F_000                 ? 
_exptl_crystal.preparation           ? 
# 
_exptl_crystal_grow.crystal_id      1 
_exptl_crystal_grow.method          ? 
_exptl_crystal_grow.temp            ? 
_exptl_crystal_grow.temp_details    ? 
_exptl_crystal_grow.pH              ? 
_exptl_crystal_grow.pdbx_details    
;HANGING DROP VAPOR DIFUSION USING
1 MICROLITER DROPS CONTAINING EQUAL VOLUMES OF PROTEIN SOLUTION
(9 MG/ML) AND A PRECIPITANT SOLUTION CONTAINING  0.1M AMMONIUM
DIHYDROGEN PHOSPHATE AND 20% W/V  PEG 3350, SETUP AT 291K.
;
_exptl_crystal_grow.pdbx_pH_range   . 
# 
_diffrn.id                     1 
_diffrn.ambient_temp           100 
_diffrn.ambient_temp_details   ? 
_diffrn.crystal_id             1 
# 
_diffrn_detector.diffrn_id              1 
_diffrn_detector.detector               CCD 
_diffrn_detector.type                   'MARMOSAIC 300 mm CCD' 
_diffrn_detector.pdbx_collection_date   2006-03-18 
_diffrn_detector.details                Rosenbaum 
# 
_diffrn_radiation.diffrn_id                        1 
_diffrn_radiation.wavelength_id                    1 
_diffrn_radiation.pdbx_monochromatic_or_laue_m_l   M 
_diffrn_radiation.monochromator                    'SI CHANNEL 220' 
_diffrn_radiation.pdbx_diffrn_protocol             'SINGLE WAVELENGTH' 
_diffrn_radiation.pdbx_scattering_type             x-ray 
# 
loop_
_diffrn_radiation_wavelength.id 
_diffrn_radiation_wavelength.wavelength 
_diffrn_radiation_wavelength.wt 
1 0.979  1.0 
2 0.9790 1.0 
# 
_diffrn_source.diffrn_id                   1 
_diffrn_source.source                      SYNCHROTRON 
_diffrn_source.type                        'APS BEAMLINE 22-ID' 
_diffrn_source.pdbx_synchrotron_site       APS 
_diffrn_source.pdbx_synchrotron_beamline   22-ID 
_diffrn_source.pdbx_wavelength             0.979 
_diffrn_source.pdbx_wavelength_list        0.9790 
# 
_reflns.entry_id                     2HQ1 
_reflns.observed_criterion_sigma_I   2.0 
_reflns.observed_criterion_sigma_F   0.0 
_reflns.d_resolution_low             20.0 
_reflns.d_resolution_high            1.90 
_reflns.number_obs                   19128 
_reflns.number_all                   20685 
_reflns.percent_possible_obs         92.68 
_reflns.pdbx_Rmerge_I_obs            ? 
_reflns.pdbx_Rsym_value              0.053 
_reflns.pdbx_netI_over_sigmaI        21.2 
_reflns.B_iso_Wilson_estimate        ? 
_reflns.pdbx_redundancy              6.6 
_reflns.R_free_details               ? 
_reflns.limit_h_max                  ? 
_reflns.limit_h_min                  ? 
_reflns.limit_k_max                  ? 
_reflns.limit_k_min                  ? 
_reflns.limit_l_max                  ? 
_reflns.limit_l_min                  ? 
_reflns.observed_criterion_F_max     ? 
_reflns.observed_criterion_F_min     ? 
_reflns.pdbx_chi_squared             ? 
_reflns.pdbx_scaling_rejects         ? 
_reflns.pdbx_diffrn_id               1 
_reflns.pdbx_ordinal                 1 
# 
_reflns_shell.d_res_high             1.90 
_reflns_shell.d_res_low              1.97 
_reflns_shell.percent_possible_all   57.9 
_reflns_shell.Rmerge_I_obs           ? 
_reflns_shell.pdbx_Rsym_value        0.352 
_reflns_shell.meanI_over_sigI_obs    3.23 
_reflns_shell.pdbx_redundancy        3.8 
_reflns_shell.percent_possible_obs   ? 
_reflns_shell.number_unique_all      1282 
_reflns_shell.number_measured_all    ? 
_reflns_shell.number_measured_obs    ? 
_reflns_shell.number_unique_obs      ? 
_reflns_shell.pdbx_chi_squared       ? 
_reflns_shell.pdbx_diffrn_id         ? 
_reflns_shell.pdbx_ordinal           1 
# 
_refine.entry_id                                 2HQ1 
_refine.ls_number_reflns_obs                     19128 
_refine.ls_number_reflns_all                     19128 
_refine.pdbx_ls_sigma_I                          ? 
_refine.pdbx_ls_sigma_F                          0.0 
_refine.pdbx_data_cutoff_high_absF               ? 
_refine.pdbx_data_cutoff_low_absF                ? 
_refine.pdbx_data_cutoff_high_rms_absF           ? 
_refine.ls_d_res_low                             20.00 
_refine.ls_d_res_high                            1.90 
_refine.ls_percent_reflns_obs                    92.68 
_refine.ls_R_factor_obs                          0.23321 
_refine.ls_R_factor_all                          0.23321 
_refine.ls_R_factor_R_work                       0.23235 
_refine.ls_R_factor_R_free                       0.24902 
_refine.ls_R_factor_R_free_error                 ? 
_refine.ls_R_factor_R_free_error_details         ? 
_refine.ls_percent_reflns_R_free                 5.2 
_refine.ls_number_reflns_R_free                  1045 
_refine.ls_number_parameters                     ? 
_refine.ls_number_restraints                     ? 
_refine.occupancy_min                            ? 
_refine.occupancy_max                            ? 
_refine.correlation_coeff_Fo_to_Fc               0.938 
_refine.correlation_coeff_Fo_to_Fc_free          0.938 
_refine.B_iso_mean                               23.136 
_refine.aniso_B[1][1]                            -1.36 
_refine.aniso_B[2][2]                            1.90 
_refine.aniso_B[3][3]                            -0.55 
_refine.aniso_B[1][2]                            0.00 
_refine.aniso_B[1][3]                            0.00 
_refine.aniso_B[2][3]                            0.00 
_refine.solvent_model_details                    MASK 
_refine.solvent_model_param_ksol                 ? 
_refine.solvent_model_param_bsol                 ? 
_refine.pdbx_solvent_vdw_probe_radii             1.40 
_refine.pdbx_solvent_ion_probe_radii             0.80 
_refine.pdbx_solvent_shrinkage_radii             0.80 
_refine.pdbx_ls_cross_valid_method               THROUGHOUT 
_refine.details                                  'HYDROGENS HAVE BEEN ADDED IN THE RIDING POSITIONS' 
_refine.pdbx_starting_model                      'PDB entry 1EDO' 
_refine.pdbx_method_to_determine_struct          'Molecular Replacemet' 
_refine.pdbx_isotropic_thermal_model             ? 
_refine.pdbx_stereochemistry_target_values       'MAXIMUM LIKELIHOOD' 
_refine.pdbx_stereochem_target_val_spec_case     ? 
_refine.pdbx_R_Free_selection_details            RANDOM 
_refine.pdbx_overall_ESU_R                       0.164 
_refine.pdbx_overall_ESU_R_Free                  0.143 
_refine.overall_SU_ML                            0.103 
_refine.overall_SU_B                             7.103 
_refine.ls_redundancy_reflns_obs                 ? 
_refine.B_iso_min                                ? 
_refine.B_iso_max                                ? 
_refine.overall_SU_R_Cruickshank_DPI             ? 
_refine.overall_SU_R_free                        ? 
_refine.ls_wR_factor_R_free                      ? 
_refine.ls_wR_factor_R_work                      ? 
_refine.overall_FOM_free_R_set                   ? 
_refine.overall_FOM_work_R_set                   ? 
_refine.pdbx_overall_phase_error                 ? 
_refine.pdbx_refine_id                           'X-RAY DIFFRACTION' 
_refine.pdbx_diffrn_id                           1 
_refine.pdbx_TLS_residual_ADP_flag               ? 
_refine.pdbx_overall_SU_R_free_Cruickshank_DPI   ? 
_refine.pdbx_overall_SU_R_Blow_DPI               ? 
_refine.pdbx_overall_SU_R_free_Blow_DPI          ? 
# 
_refine_hist.pdbx_refine_id                   'X-RAY DIFFRACTION' 
_refine_hist.cycle_id                         LAST 
_refine_hist.pdbx_number_atoms_protein        1548 
_refine_hist.pdbx_number_atoms_nucleic_acid   0 
_refine_hist.pdbx_number_atoms_ligand         0 
_refine_hist.number_atoms_solvent             54 
_refine_hist.number_atoms_total               1602 
_refine_hist.d_res_high                       1.90 
_refine_hist.d_res_low                        20.00 
# 
loop_
_refine_ls_restr.type 
_refine_ls_restr.dev_ideal 
_refine_ls_restr.dev_ideal_target 
_refine_ls_restr.weight 
_refine_ls_restr.number 
_refine_ls_restr.pdbx_refine_id 
_refine_ls_restr.pdbx_restraint_function 
r_bond_refined_d             0.009  0.022  ? 1566 'X-RAY DIFFRACTION' ? 
r_bond_other_d               ?      ?      ? ?    'X-RAY DIFFRACTION' ? 
r_angle_refined_deg          1.054  1.962  ? 2128 'X-RAY DIFFRACTION' ? 
r_angle_other_deg            ?      ?      ? ?    'X-RAY DIFFRACTION' ? 
r_dihedral_angle_1_deg       4.926  5.000  ? 223  'X-RAY DIFFRACTION' ? 
r_dihedral_angle_2_deg       40.909 26.739 ? 46   'X-RAY DIFFRACTION' ? 
r_dihedral_angle_3_deg       14.363 15.000 ? 249  'X-RAY DIFFRACTION' ? 
r_dihedral_angle_4_deg       11.654 15.000 ? 2    'X-RAY DIFFRACTION' ? 
r_chiral_restr               0.066  0.200  ? 266  'X-RAY DIFFRACTION' ? 
r_gen_planes_refined         0.003  0.020  ? 1134 'X-RAY DIFFRACTION' ? 
r_gen_planes_other           ?      ?      ? ?    'X-RAY DIFFRACTION' ? 
r_nbd_refined                0.181  0.200  ? 668  'X-RAY DIFFRACTION' ? 
r_nbd_other                  ?      ?      ? ?    'X-RAY DIFFRACTION' ? 
r_nbtor_refined              0.294  0.200  ? 1104 'X-RAY DIFFRACTION' ? 
r_nbtor_other                ?      ?      ? ?    'X-RAY DIFFRACTION' ? 
r_xyhbond_nbd_refined        0.104  0.200  ? 60   'X-RAY DIFFRACTION' ? 
r_xyhbond_nbd_other          ?      ?      ? ?    'X-RAY DIFFRACTION' ? 
r_metal_ion_refined          ?      ?      ? ?    'X-RAY DIFFRACTION' ? 
r_metal_ion_other            ?      ?      ? ?    'X-RAY DIFFRACTION' ? 
r_symmetry_vdw_refined       0.151  0.200  ? 37   'X-RAY DIFFRACTION' ? 
r_symmetry_vdw_other         ?      ?      ? ?    'X-RAY DIFFRACTION' ? 
r_symmetry_hbond_refined     0.121  0.200  ? 5    'X-RAY DIFFRACTION' ? 
r_symmetry_hbond_other       ?      ?      ? ?    'X-RAY DIFFRACTION' ? 
r_symmetry_metal_ion_refined ?      ?      ? ?    'X-RAY DIFFRACTION' ? 
r_symmetry_metal_ion_other   ?      ?      ? ?    'X-RAY DIFFRACTION' ? 
r_mcbond_it                  0.542  1.500  ? 1132 'X-RAY DIFFRACTION' ? 
r_mcbond_other               ?      ?      ? ?    'X-RAY DIFFRACTION' ? 
r_mcangle_it                 0.935  2.000  ? 1727 'X-RAY DIFFRACTION' ? 
r_scbond_it                  1.333  3.000  ? 499  'X-RAY DIFFRACTION' ? 
r_scangle_it                 2.035  4.500  ? 398  'X-RAY DIFFRACTION' ? 
r_rigid_bond_restr           ?      ?      ? ?    'X-RAY DIFFRACTION' ? 
r_sphericity_free            ?      ?      ? ?    'X-RAY DIFFRACTION' ? 
r_sphericity_bonded          ?      ?      ? ?    'X-RAY DIFFRACTION' ? 
# 
_refine_ls_shell.pdbx_total_number_of_bins_used   20 
_refine_ls_shell.d_res_high                       1.900 
_refine_ls_shell.d_res_low                        1.949 
_refine_ls_shell.number_reflns_R_work             927 
_refine_ls_shell.R_factor_R_work                  0.312 
_refine_ls_shell.percent_reflns_obs               61.95 
_refine_ls_shell.R_factor_R_free                  0.321 
_refine_ls_shell.R_factor_R_free_error            ? 
_refine_ls_shell.percent_reflns_R_free            ? 
_refine_ls_shell.number_reflns_R_free             53 
_refine_ls_shell.number_reflns_all                ? 
_refine_ls_shell.R_factor_all                     ? 
_refine_ls_shell.number_reflns_obs                ? 
_refine_ls_shell.redundancy_reflns_obs            ? 
_refine_ls_shell.pdbx_refine_id                   'X-RAY DIFFRACTION' 
# 
_struct.entry_id                  2HQ1 
_struct.title                     
'Crystal Structure of ORF 1438 a putative Glucose/ribitol dehydrogenase from Clostridium thermocellum' 
_struct.pdbx_model_details        ? 
_struct.pdbx_CASP_flag            ? 
_struct.pdbx_model_type_details   ? 
# 
_struct_keywords.entry_id        2HQ1 
_struct_keywords.pdbx_keywords   OXIDOREDUCTASE 
_struct_keywords.text            
;Glucose/ribitol dehydrogenase, CTH-1438, STRUCTURAL GENOMICS, SOUTHEAST COLLABORATORY FOR STRUCTURAL GENOMICS, SECSG, PSI, Protein Structure Initiative, Oxidoreductase
;
# 
loop_
_struct_asym.id 
_struct_asym.pdbx_blank_PDB_chainid_flag 
_struct_asym.pdbx_modified 
_struct_asym.entity_id 
_struct_asym.details 
A N N 1 ? 
B N N 2 ? 
# 
_struct_biol.id        1 
_struct_biol.details   ? 
# 
loop_
_struct_conf.conf_type_id 
_struct_conf.id 
_struct_conf.pdbx_PDB_helix_id 
_struct_conf.beg_label_comp_id 
_struct_conf.beg_label_asym_id 
_struct_conf.beg_label_seq_id 
_struct_conf.pdbx_beg_PDB_ins_code 
_struct_conf.end_label_comp_id 
_struct_conf.end_label_asym_id 
_struct_conf.end_label_seq_id 
_struct_conf.pdbx_end_PDB_ins_code 
_struct_conf.beg_auth_comp_id 
_struct_conf.beg_auth_asym_id 
_struct_conf.beg_auth_seq_id 
_struct_conf.end_auth_comp_id 
_struct_conf.end_auth_asym_id 
_struct_conf.end_auth_seq_id 
_struct_conf.pdbx_PDB_helix_class 
_struct_conf.details 
_struct_conf.pdbx_PDB_helix_length 
HELX_P HELX_P1 2  THR A 41  ? ALA A 53  ? THR A 41  ALA A 53  1 ? 13 
HELX_P HELX_P2 3  ASN A 66  ? GLY A 82  ? ASN A 66  GLY A 82  1 ? 17 
HELX_P HELX_P3 6  GLN A 152 ? ALA A 174 ? GLN A 152 ALA A 174 1 ? 23 
HELX_P HELX_P4 9  THR A 215 ? SER A 228 ? THR A 215 SER A 228 1 ? 14 
HELX_P HELX_P5 10 ASP A 229 ? ASN A 232 ? ASP A 229 ASN A 232 5 ? 4  
# 
_struct_conf_type.id          HELX_P 
_struct_conf_type.criteria    ? 
_struct_conf_type.reference   ? 
# 
_struct_sheet.id               A 
_struct_sheet.type             ? 
_struct_sheet.number_strands   7 
_struct_sheet.details          ? 
# 
loop_
_struct_sheet_order.sheet_id 
_struct_sheet_order.range_id_1 
_struct_sheet_order.range_id_2 
_struct_sheet_order.offset 
_struct_sheet_order.sense 
A 1 2 ? parallel 
A 2 3 ? parallel 
A 3 4 ? parallel 
A 4 5 ? parallel 
A 5 6 ? parallel 
A 6 7 ? parallel 
# 
loop_
_struct_sheet_range.sheet_id 
_struct_sheet_range.id 
_struct_sheet_range.beg_label_comp_id 
_struct_sheet_range.beg_label_asym_id 
_struct_sheet_range.beg_label_seq_id 
_struct_sheet_range.pdbx_beg_PDB_ins_code 
_struct_sheet_range.end_label_comp_id 
_struct_sheet_range.end_label_asym_id 
_struct_sheet_range.end_label_seq_id 
_struct_sheet_range.pdbx_end_PDB_ins_code 
_struct_sheet_range.beg_auth_comp_id 
_struct_sheet_range.beg_auth_asym_id 
_struct_sheet_range.beg_auth_seq_id 
_struct_sheet_range.end_auth_comp_id 
_struct_sheet_range.end_auth_asym_id 
_struct_sheet_range.end_auth_seq_id 
A 1 VAL A 57  ? LYS A 61  ? VAL A 57  LYS A 61  
A 2 ASN A 31  ? GLY A 36  ? ASN A 31  GLY A 36  
A 3 THR A 7   ? VAL A 10  ? THR A 7   VAL A 10  
A 4 ILE A 86  ? ASN A 90  ? ILE A 86  ASN A 90  
A 5 GLY A 135 ? ILE A 140 ? GLY A 135 ILE A 140 
A 6 ILE A 178 ? PRO A 185 ? ILE A 178 PRO A 185 
A 7 VAL A 238 ? ILE A 241 ? VAL A 238 ILE A 241 
# 
loop_
_pdbx_struct_sheet_hbond.sheet_id 
_pdbx_struct_sheet_hbond.range_id_1 
_pdbx_struct_sheet_hbond.range_id_2 
_pdbx_struct_sheet_hbond.range_1_label_atom_id 
_pdbx_struct_sheet_hbond.range_1_label_comp_id 
_pdbx_struct_sheet_hbond.range_1_label_asym_id 
_pdbx_struct_sheet_hbond.range_1_label_seq_id 
_pdbx_struct_sheet_hbond.range_1_PDB_ins_code 
_pdbx_struct_sheet_hbond.range_1_auth_atom_id 
_pdbx_struct_sheet_hbond.range_1_auth_comp_id 
_pdbx_struct_sheet_hbond.range_1_auth_asym_id 
_pdbx_struct_sheet_hbond.range_1_auth_seq_id 
_pdbx_struct_sheet_hbond.range_2_label_atom_id 
_pdbx_struct_sheet_hbond.range_2_label_comp_id 
_pdbx_struct_sheet_hbond.range_2_label_asym_id 
_pdbx_struct_sheet_hbond.range_2_label_seq_id 
_pdbx_struct_sheet_hbond.range_2_PDB_ins_code 
_pdbx_struct_sheet_hbond.range_2_auth_atom_id 
_pdbx_struct_sheet_hbond.range_2_auth_comp_id 
_pdbx_struct_sheet_hbond.range_2_auth_asym_id 
_pdbx_struct_sheet_hbond.range_2_auth_seq_id 
A 1 2 O ALA A 60  ? O ALA A 60  N LEU A 34  ? N LEU A 34  
A 2 3 O ASN A 31  ? O ASN A 31  N ALA A 8   ? N ALA A 8   
A 3 4 N ILE A 9   ? N ILE A 9   O VAL A 88  ? O VAL A 88  
A 4 5 N ASN A 89  ? N ASN A 89  O ILE A 140 ? O ILE A 140 
A 5 6 N GLY A 135 ? N GLY A 135 O TYR A 179 ? O TYR A 179 
A 6 7 N ALA A 184 ? N ALA A 184 O ILE A 239 ? O ILE A 239 
# 
_atom_sites.entry_id                    2HQ1 
_atom_sites.fract_transf_matrix[1][1]   0.01099035 
_atom_sites.fract_transf_matrix[1][2]   -0.00457936 
_atom_sites.fract_transf_matrix[1][3]   0.00476142 
_atom_sites.fract_transf_matrix[2][1]   -0.00334896 
_atom_sites.fract_transf_matrix[2][2]   -0.00938825 
_atom_sites.fract_transf_matrix[2][3]   -0.00129917 
_atom_sites.fract_transf_matrix[3][1]   0.00562713 
_atom_sites.fract_transf_matrix[3][2]   -0.00018526 
_atom_sites.fract_transf_matrix[3][3]   -0.01316676 
_atom_sites.fract_transf_vector[1]      0.022713 
_atom_sites.fract_transf_vector[2]      0.318714 
_atom_sites.fract_transf_vector[3]      0.284532 
# 
loop_
_atom_type.symbol 
C 
N 
O 
S 
# 
loop_
_atom_site.group_PDB 
_atom_site.id 
_atom_site.type_symbol 
_atom_site.label_atom_id 
_atom_site.label_alt_id 
_atom_site.label_comp_id 
_atom_site.label_asym_id 
_atom_site.label_entity_id 
_atom_site.label_seq_id 
_atom_site.pdbx_PDB_ins_code 
_atom_site.Cartn_x 
_atom_site.Cartn_y 
_atom_site.Cartn_z 
_atom_site.occupancy 
_atom_site.B_iso_or_equiv 
_atom_site.pdbx_formal_charge 
_atom_site.auth_seq_id 
_atom_site.auth_comp_id 
_atom_site.auth_asym_id 
_atom_site.auth_atom_id 
_atom_site.pdbx_PDB_model_num 
ATOM   1    N N   . MET A 1 1   ? 4.085   18.499  -6.923  1.00 29.04 ? 1   MET A N   1 
ATOM   2    C CA  A MET A 1 1   ? 4.516   17.655  -8.073  0.50 28.61 ? 1   MET A CA  1 
ATOM   3    C CA  B MET A 1 1   ? 4.510   17.703  -8.113  0.50 28.87 ? 1   MET A CA  1 
ATOM   4    C C   . MET A 1 1   ? 3.327   16.861  -8.636  1.00 28.46 ? 1   MET A C   1 
ATOM   5    O O   . MET A 1 1   ? 2.200   17.355  -8.680  1.00 28.58 ? 1   MET A O   1 
ATOM   6    C CB  A MET A 1 1   ? 5.663   16.717  -7.667  0.50 28.78 ? 1   MET A CB  1 
ATOM   7    C CB  B MET A 1 1   ? 5.746   16.859  -7.776  0.50 29.12 ? 1   MET A CB  1 
ATOM   8    C CG  A MET A 1 1   ? 6.711   17.315  -6.735  0.50 28.94 ? 1   MET A CG  1 
ATOM   9    C CG  B MET A 1 1   ? 6.653   16.524  -8.967  0.50 30.51 ? 1   MET A CG  1 
ATOM   10   S SD  A MET A 1 1   ? 6.128   17.440  -5.032  0.50 30.22 ? 1   MET A SD  1 
ATOM   11   S SD  B MET A 1 1   ? 7.691   17.858  -9.603  0.50 34.01 ? 1   MET A SD  1 
ATOM   12   C CE  A MET A 1 1   ? 7.398   18.463  -4.288  0.50 29.35 ? 1   MET A CE  1 
ATOM   13   C CE  B MET A 1 1   ? 8.860   18.102  -8.263  0.50 32.80 ? 1   MET A CE  1 
ATOM   14   N N   . GLN A 1 2   ? 3.575   15.613  -9.041  1.00 27.72 ? 2   GLN A N   1 
ATOM   15   C CA  . GLN A 1 2   ? 2.565   14.752  -9.689  1.00 27.24 ? 2   GLN A CA  1 
ATOM   16   C C   . GLN A 1 2   ? 1.252   14.533  -8.928  1.00 25.84 ? 2   GLN A C   1 
ATOM   17   O O   . GLN A 1 2   ? 0.195   14.388  -9.549  1.00 25.64 ? 2   GLN A O   1 
ATOM   18   C CB  . GLN A 1 2   ? 3.169   13.394  -10.056 1.00 27.13 ? 2   GLN A CB  1 
ATOM   19   C CG  . GLN A 1 2   ? 4.217   13.457  -11.156 1.00 28.74 ? 2   GLN A CG  1 
ATOM   20   C CD  . GLN A 1 2   ? 4.926   12.126  -11.364 1.00 29.40 ? 2   GLN A CD  1 
ATOM   21   O OE1 . GLN A 1 2   ? 4.341   11.169  -11.888 1.00 31.64 ? 2   GLN A OE1 1 
ATOM   22   N NE2 . GLN A 1 2   ? 6.196   12.060  -10.961 1.00 31.16 ? 2   GLN A NE2 1 
ATOM   23   N N   . LEU A 1 3   ? 1.320   14.500  -7.599  1.00 24.07 ? 3   LEU A N   1 
ATOM   24   C CA  . LEU A 1 3   ? 0.147   14.237  -6.771  1.00 22.94 ? 3   LEU A CA  1 
ATOM   25   C C   . LEU A 1 3   ? -0.276  15.436  -5.909  1.00 22.77 ? 3   LEU A C   1 
ATOM   26   O O   . LEU A 1 3   ? -0.994  15.269  -4.922  1.00 22.51 ? 3   LEU A O   1 
ATOM   27   C CB  . LEU A 1 3   ? 0.359   12.982  -5.895  1.00 22.16 ? 3   LEU A CB  1 
ATOM   28   C CG  . LEU A 1 3   ? 0.824   11.655  -6.525  1.00 20.80 ? 3   LEU A CG  1 
ATOM   29   C CD1 . LEU A 1 3   ? 1.036   10.562  -5.464  1.00 16.91 ? 3   LEU A CD1 1 
ATOM   30   C CD2 . LEU A 1 3   ? -0.140  11.161  -7.602  1.00 18.26 ? 3   LEU A CD2 1 
ATOM   31   N N   . LYS A 1 4   ? 0.148   16.641  -6.299  1.00 22.77 ? 4   LYS A N   1 
ATOM   32   C CA  . LYS A 1 4   ? -0.245  17.873  -5.599  1.00 22.83 ? 4   LYS A CA  1 
ATOM   33   C C   . LYS A 1 4   ? -1.757  17.962  -5.426  1.00 22.66 ? 4   LYS A C   1 
ATOM   34   O O   . LYS A 1 4   ? -2.506  17.790  -6.385  1.00 22.60 ? 4   LYS A O   1 
ATOM   35   C CB  . LYS A 1 4   ? 0.273   19.113  -6.343  1.00 23.20 ? 4   LYS A CB  1 
ATOM   36   N N   . GLY A 1 5   ? -2.195  18.204  -4.195  1.00 22.51 ? 5   GLY A N   1 
ATOM   37   C CA  . GLY A 1 5   ? -3.616  18.359  -3.896  1.00 22.05 ? 5   GLY A CA  1 
ATOM   38   C C   . GLY A 1 5   ? -4.401  17.067  -3.818  1.00 21.55 ? 5   GLY A C   1 
ATOM   39   O O   . GLY A 1 5   ? -5.614  17.091  -3.581  1.00 21.71 ? 5   GLY A O   1 
ATOM   40   N N   . LYS A 1 6   ? -3.721  15.937  -4.019  1.00 20.61 ? 6   LYS A N   1 
ATOM   41   C CA  . LYS A 1 6   ? -4.343  14.621  -3.848  1.00 20.09 ? 6   LYS A CA  1 
ATOM   42   C C   . LYS A 1 6   ? -4.050  14.049  -2.456  1.00 19.58 ? 6   LYS A C   1 
ATOM   43   O O   . LYS A 1 6   ? -3.064  14.429  -1.818  1.00 19.70 ? 6   LYS A O   1 
ATOM   44   C CB  . LYS A 1 6   ? -3.892  13.641  -4.937  1.00 20.02 ? 6   LYS A CB  1 
ATOM   45   C CG  . LYS A 1 6   ? -4.465  13.909  -6.325  1.00 20.34 ? 6   LYS A CG  1 
ATOM   46   C CD  . LYS A 1 6   ? -3.840  12.983  -7.371  1.00 20.54 ? 6   LYS A CD  1 
ATOM   47   C CE  . LYS A 1 6   ? -4.543  13.110  -8.733  1.00 23.04 ? 6   LYS A CE  1 
ATOM   48   N NZ  . LYS A 1 6   ? -3.799  12.426  -9.853  1.00 23.32 ? 6   LYS A NZ  1 
ATOM   49   N N   . THR A 1 7   ? -4.918  13.148  -1.997  1.00 19.03 ? 7   THR A N   1 
ATOM   50   C CA  . THR A 1 7   ? -4.767  12.491  -0.700  1.00 18.56 ? 7   THR A CA  1 
ATOM   51   C C   . THR A 1 7   ? -4.563  10.991  -0.882  1.00 17.95 ? 7   THR A C   1 
ATOM   52   O O   . THR A 1 7   ? -5.347  10.331  -1.561  1.00 17.94 ? 7   THR A O   1 
ATOM   53   C CB  . THR A 1 7   ? -6.007  12.713  0.204   1.00 19.08 ? 7   THR A CB  1 
ATOM   54   O OG1 . THR A 1 7   ? -6.081  14.092  0.579   1.00 19.77 ? 7   THR A OG1 1 
ATOM   55   C CG2 . THR A 1 7   ? -5.921  11.851  1.474   1.00 18.51 ? 7   THR A CG2 1 
ATOM   56   N N   . ALA A 1 8   ? -3.505  10.464  -0.270  1.00 17.14 ? 8   ALA A N   1 
ATOM   57   C CA  . ALA A 1 8   ? -3.255  9.026   -0.285  1.00 16.79 ? 8   ALA A CA  1 
ATOM   58   C C   . ALA A 1 8   ? -3.306  8.443   1.118   1.00 16.26 ? 8   ALA A C   1 
ATOM   59   O O   . ALA A 1 8   ? -2.676  8.972   2.039   1.00 16.39 ? 8   ALA A O   1 
ATOM   60   C CB  . ALA A 1 8   ? -1.910  8.710   -0.955  1.00 16.63 ? 8   ALA A CB  1 
ATOM   61   N N   . ILE A 1 9   ? -4.078  7.369   1.267   1.00 15.55 ? 9   ILE A N   1 
ATOM   62   C CA  . ILE A 1 9   ? -4.071  6.541   2.473   1.00 15.16 ? 9   ILE A CA  1 
ATOM   63   C C   . ILE A 1 9   ? -3.189  5.327   2.212   1.00 15.14 ? 9   ILE A C   1 
ATOM   64   O O   . ILE A 1 9   ? -3.384  4.609   1.237   1.00 14.14 ? 9   ILE A O   1 
ATOM   65   C CB  . ILE A 1 9   ? -5.480  6.039   2.845   1.00 15.21 ? 9   ILE A CB  1 
ATOM   66   C CG1 . ILE A 1 9   ? -6.422  7.225   3.112   1.00 15.08 ? 9   ILE A CG1 1 
ATOM   67   C CG2 . ILE A 1 9   ? -5.421  5.079   4.054   1.00 15.41 ? 9   ILE A CG2 1 
ATOM   68   C CD1 . ILE A 1 9   ? -7.877  6.819   3.362   1.00 15.38 ? 9   ILE A CD1 1 
ATOM   69   N N   . VAL A 1 10  ? -2.215  5.116   3.092   1.00 14.92 ? 10  VAL A N   1 
ATOM   70   C CA  . VAL A 1 10  ? -1.343  3.962   3.000   1.00 15.69 ? 10  VAL A CA  1 
ATOM   71   C C   . VAL A 1 10  ? -1.532  3.192   4.297   1.00 16.02 ? 10  VAL A C   1 
ATOM   72   O O   . VAL A 1 10  ? -1.192  3.694   5.372   1.00 16.40 ? 10  VAL A O   1 
ATOM   73   C CB  . VAL A 1 10  ? 0.145   4.381   2.801   1.00 15.31 ? 10  VAL A CB  1 
ATOM   74   C CG1 . VAL A 1 10  ? 1.017   3.166   2.531   1.00 16.14 ? 10  VAL A CG1 1 
ATOM   75   C CG2 . VAL A 1 10  ? 0.280   5.378   1.663   1.00 14.88 ? 10  VAL A CG2 1 
ATOM   76   N N   . THR A 1 11  ? -2.102  1.998   4.210   1.00 16.45 ? 11  THR A N   1 
ATOM   77   C CA  . THR A 1 11  ? -2.274  1.172   5.403   1.00 17.77 ? 11  THR A CA  1 
ATOM   78   C C   . THR A 1 11  ? -0.928  0.555   5.792   1.00 18.13 ? 11  THR A C   1 
ATOM   79   O O   . THR A 1 11  ? -0.028  0.443   4.953   1.00 18.31 ? 11  THR A O   1 
ATOM   80   C CB  . THR A 1 11  ? -3.423  0.140   5.281   1.00 16.93 ? 11  THR A CB  1 
ATOM   81   O OG1 . THR A 1 11  ? -3.077  -0.892  4.354   1.00 18.21 ? 11  THR A OG1 1 
ATOM   82   C CG2 . THR A 1 11  ? -4.722  0.826   4.821   1.00 17.99 ? 11  THR A CG2 1 
ATOM   83   N N   . GLY A 1 12  ? -0.785  0.203   7.072   1.00 18.73 ? 12  GLY A N   1 
ATOM   84   C CA  . GLY A 1 12  ? 0.454   -0.391  7.601   1.00 19.39 ? 12  GLY A CA  1 
ATOM   85   C C   . GLY A 1 12  ? 1.711   0.389   7.250   1.00 19.48 ? 12  GLY A C   1 
ATOM   86   O O   . GLY A 1 12  ? 2.695   -0.177  6.762   1.00 19.78 ? 12  GLY A O   1 
ATOM   87   N N   . SER A 1 13  ? 1.684   1.692   7.507   1.00 19.44 ? 13  SER A N   1 
ATOM   88   C CA  . SER A 1 13  ? 2.712   2.595   7.005   1.00 19.85 ? 13  SER A CA  1 
ATOM   89   C C   . SER A 1 13  ? 3.604   3.206   8.097   1.00 19.93 ? 13  SER A C   1 
ATOM   90   O O   . SER A 1 13  ? 4.292   4.202   7.865   1.00 19.85 ? 13  SER A O   1 
ATOM   91   C CB  . SER A 1 13  ? 2.056   3.694   6.166   1.00 20.03 ? 13  SER A CB  1 
ATOM   92   O OG  . SER A 1 13  ? 0.997   4.294   6.888   1.00 19.34 ? 13  SER A OG  1 
ATOM   93   N N   . SER A 1 14  ? 3.609   2.589   9.276   1.00 20.65 ? 14  SER A N   1 
ATOM   94   C CA  . SER A 1 14  ? 4.402   3.075   10.407  1.00 21.17 ? 14  SER A CA  1 
ATOM   95   C C   . SER A 1 14  ? 5.880   2.776   10.197  1.00 21.33 ? 14  SER A C   1 
ATOM   96   O O   . SER A 1 14  ? 6.746   3.502   10.696  1.00 21.70 ? 14  SER A O   1 
ATOM   97   C CB  . SER A 1 14  ? 3.919   2.437   11.718  1.00 21.55 ? 14  SER A CB  1 
ATOM   98   O OG  . SER A 1 14  ? 4.056   1.020   11.673  1.00 22.32 ? 14  SER A OG  1 
ATOM   99   N N   . ARG A 1 15  ? 6.153   1.706   9.454   1.00 21.22 ? 15  ARG A N   1 
ATOM   100  C CA  . ARG A 1 15  ? 7.510   1.217   9.245   1.00 21.11 ? 15  ARG A CA  1 
ATOM   101  C C   . ARG A 1 15  ? 7.619   0.420   7.943   1.00 20.97 ? 15  ARG A C   1 
ATOM   102  O O   . ARG A 1 15  ? 6.611   0.074   7.323   1.00 20.90 ? 15  ARG A O   1 
ATOM   103  C CB  . ARG A 1 15  ? 7.939   0.347   10.444  1.00 21.10 ? 15  ARG A CB  1 
ATOM   104  N N   . GLY A 1 16  ? 8.856   0.133   7.541   1.00 20.61 ? 16  GLY A N   1 
ATOM   105  C CA  . GLY A 1 16  ? 9.134   -0.790  6.448   1.00 20.24 ? 16  GLY A CA  1 
ATOM   106  C C   . GLY A 1 16  ? 8.568   -0.352  5.112   1.00 19.83 ? 16  GLY A C   1 
ATOM   107  O O   . GLY A 1 16  ? 8.654   0.817   4.741   1.00 19.83 ? 16  GLY A O   1 
ATOM   108  N N   . LEU A 1 17  ? 7.985   -1.302  4.397   1.00 19.87 ? 17  LEU A N   1 
ATOM   109  C CA  . LEU A 1 17  ? 7.474   -1.067  3.051   1.00 19.98 ? 17  LEU A CA  1 
ATOM   110  C C   . LEU A 1 17  ? 6.396   0.021   2.986   1.00 19.63 ? 17  LEU A C   1 
ATOM   111  O O   . LEU A 1 17  ? 6.405   0.860   2.074   1.00 19.88 ? 17  LEU A O   1 
ATOM   112  C CB  . LEU A 1 17  ? 6.939   -2.376  2.483   1.00 20.04 ? 17  LEU A CB  1 
ATOM   113  C CG  . LEU A 1 17  ? 6.728   -2.524  0.984   1.00 20.79 ? 17  LEU A CG  1 
ATOM   114  C CD1 . LEU A 1 17  ? 7.954   -2.030  0.206   1.00 21.37 ? 17  LEU A CD1 1 
ATOM   115  C CD2 . LEU A 1 17  ? 6.456   -3.996  0.683   1.00 20.52 ? 17  LEU A CD2 1 
ATOM   116  N N   . GLY A 1 18  ? 5.480   0.004   3.952   1.00 19.05 ? 18  GLY A N   1 
ATOM   117  C CA  . GLY A 1 18  ? 4.369   0.950   3.989   1.00 18.53 ? 18  GLY A CA  1 
ATOM   118  C C   . GLY A 1 18  ? 4.872   2.364   4.148   1.00 18.67 ? 18  GLY A C   1 
ATOM   119  O O   . GLY A 1 18  ? 4.404   3.281   3.469   1.00 18.15 ? 18  GLY A O   1 
ATOM   120  N N   . LYS A 1 19  ? 5.840   2.535   5.048   1.00 18.27 ? 19  LYS A N   1 
ATOM   121  C CA  . LYS A 1 19  ? 6.489   3.816   5.266   1.00 18.52 ? 19  LYS A CA  1 
ATOM   122  C C   . LYS A 1 19  ? 7.208   4.314   4.004   1.00 17.82 ? 19  LYS A C   1 
ATOM   123  O O   . LYS A 1 19  ? 7.101   5.484   3.657   1.00 17.66 ? 19  LYS A O   1 
ATOM   124  C CB  . LYS A 1 19  ? 7.450   3.731   6.468   1.00 18.54 ? 19  LYS A CB  1 
ATOM   125  C CG  . LYS A 1 19  ? 8.425   4.906   6.606   1.00 19.95 ? 19  LYS A CG  1 
ATOM   126  C CD  . LYS A 1 19  ? 9.276   4.805   7.890   1.00 20.04 ? 19  LYS A CD  1 
ATOM   127  C CE  . LYS A 1 19  ? 10.459  5.777   7.842   1.00 23.19 ? 19  LYS A CE  1 
ATOM   128  N NZ  . LYS A 1 19  ? 11.485  5.510   8.914   1.00 24.55 ? 19  LYS A NZ  1 
ATOM   129  N N   . ALA A 1 20  ? 7.935   3.424   3.324   1.00 17.39 ? 20  ALA A N   1 
ATOM   130  C CA  . ALA A 1 20  ? 8.627   3.788   2.084   1.00 17.00 ? 20  ALA A CA  1 
ATOM   131  C C   . ALA A 1 20  ? 7.632   4.219   0.992   1.00 16.67 ? 20  ALA A C   1 
ATOM   132  O O   . ALA A 1 20  ? 7.866   5.198   0.284   1.00 16.72 ? 20  ALA A O   1 
ATOM   133  C CB  . ALA A 1 20  ? 9.498   2.638   1.600   1.00 16.67 ? 20  ALA A CB  1 
ATOM   134  N N   . ILE A 1 21  ? 6.535   3.480   0.868   1.00 16.82 ? 21  ILE A N   1 
ATOM   135  C CA  . ILE A 1 21  ? 5.455   3.823   -0.074  1.00 16.98 ? 21  ILE A CA  1 
ATOM   136  C C   . ILE A 1 21  ? 4.853   5.199   0.229   1.00 17.39 ? 21  ILE A C   1 
ATOM   137  O O   . ILE A 1 21  ? 4.747   6.036   -0.663  1.00 17.14 ? 21  ILE A O   1 
ATOM   138  C CB  . ILE A 1 21  ? 4.356   2.723   -0.115  1.00 17.36 ? 21  ILE A CB  1 
ATOM   139  C CG1 . ILE A 1 21  ? 4.921   1.450   -0.763  1.00 16.72 ? 21  ILE A CG1 1 
ATOM   140  C CG2 . ILE A 1 21  ? 3.089   3.246   -0.843  1.00 16.67 ? 21  ILE A CG2 1 
ATOM   141  C CD1 . ILE A 1 21  ? 4.038   0.234   -0.673  1.00 16.50 ? 21  ILE A CD1 1 
ATOM   142  N N   . ALA A 1 22  ? 4.502   5.440   1.495   1.00 17.71 ? 22  ALA A N   1 
ATOM   143  C CA  . ALA A 1 22  ? 3.960   6.733   1.919   1.00 18.03 ? 22  ALA A CA  1 
ATOM   144  C C   . ALA A 1 22  ? 4.963   7.877   1.721   1.00 18.19 ? 22  ALA A C   1 
ATOM   145  O O   . ALA A 1 22  ? 4.584   8.968   1.290   1.00 18.26 ? 22  ALA A O   1 
ATOM   146  C CB  . ALA A 1 22  ? 3.484   6.660   3.370   1.00 17.99 ? 22  ALA A CB  1 
ATOM   147  N N   . TRP A 1 23  ? 6.241   7.620   2.021   1.00 18.72 ? 23  TRP A N   1 
ATOM   148  C CA  . TRP A 1 23  ? 7.330   8.563   1.747   1.00 19.25 ? 23  TRP A CA  1 
ATOM   149  C C   . TRP A 1 23  ? 7.401   8.967   0.267   1.00 18.92 ? 23  TRP A C   1 
ATOM   150  O O   . TRP A 1 23  ? 7.549   10.142  -0.052  1.00 18.70 ? 23  TRP A O   1 
ATOM   151  C CB  . TRP A 1 23  ? 8.683   7.981   2.205   1.00 20.73 ? 23  TRP A CB  1 
ATOM   152  C CG  . TRP A 1 23  ? 9.858   8.873   1.906   1.00 22.10 ? 23  TRP A CG  1 
ATOM   153  C CD1 . TRP A 1 23  ? 10.790  8.705   0.910   1.00 24.44 ? 23  TRP A CD1 1 
ATOM   154  C CD2 . TRP A 1 23  ? 10.222  10.075  2.594   1.00 24.16 ? 23  TRP A CD2 1 
ATOM   155  N NE1 . TRP A 1 23  ? 11.712  9.725   0.943   1.00 25.14 ? 23  TRP A NE1 1 
ATOM   156  C CE2 . TRP A 1 23  ? 11.386  10.581  1.965   1.00 25.33 ? 23  TRP A CE2 1 
ATOM   157  C CE3 . TRP A 1 23  ? 9.680   10.773  3.684   1.00 24.83 ? 23  TRP A CE3 1 
ATOM   158  C CZ2 . TRP A 1 23  ? 12.016  11.757  2.388   1.00 24.64 ? 23  TRP A CZ2 1 
ATOM   159  C CZ3 . TRP A 1 23  ? 10.305  11.943  4.104   1.00 24.70 ? 23  TRP A CZ3 1 
ATOM   160  C CH2 . TRP A 1 23  ? 11.464  12.422  3.456   1.00 24.27 ? 23  TRP A CH2 1 
ATOM   161  N N   . LYS A 1 24  ? 7.300   7.997   -0.638  1.00 18.84 ? 24  LYS A N   1 
ATOM   162  C CA  . LYS A 1 24  ? 7.378   8.314   -2.063  1.00 18.44 ? 24  LYS A CA  1 
ATOM   163  C C   . LYS A 1 24  ? 6.157   9.153   -2.495  1.00 18.34 ? 24  LYS A C   1 
ATOM   164  O O   . LYS A 1 24  ? 6.299   10.164  -3.200  1.00 17.46 ? 24  LYS A O   1 
ATOM   165  C CB  . LYS A 1 24  ? 7.519   7.036   -2.904  1.00 18.33 ? 24  LYS A CB  1 
ATOM   166  C CG  . LYS A 1 24  ? 7.492   7.241   -4.428  1.00 18.54 ? 24  LYS A CG  1 
ATOM   167  C CD  . LYS A 1 24  ? 8.601   8.169   -4.916  1.00 18.55 ? 24  LYS A CD  1 
ATOM   168  C CE  . LYS A 1 24  ? 8.532   8.334   -6.426  1.00 21.44 ? 24  LYS A CE  1 
ATOM   169  N NZ  . LYS A 1 24  ? 9.752   8.944   -7.004  1.00 24.03 ? 24  LYS A NZ  1 
ATOM   170  N N   . LEU A 1 25  ? 4.972   8.738   -2.061  1.00 18.23 ? 25  LEU A N   1 
ATOM   171  C CA  . LEU A 1 25  ? 3.746   9.450   -2.428  1.00 18.84 ? 25  LEU A CA  1 
ATOM   172  C C   . LEU A 1 25  ? 3.756   10.869  -1.865  1.00 19.25 ? 25  LEU A C   1 
ATOM   173  O O   . LEU A 1 25  ? 3.384   11.829  -2.557  1.00 19.23 ? 25  LEU A O   1 
ATOM   174  C CB  . LEU A 1 25  ? 2.494   8.668   -1.997  1.00 18.79 ? 25  LEU A CB  1 
ATOM   175  C CG  . LEU A 1 25  ? 2.309   7.265   -2.590  1.00 17.96 ? 25  LEU A CG  1 
ATOM   176  C CD1 . LEU A 1 25  ? 1.031   6.594   -2.091  1.00 18.04 ? 25  LEU A CD1 1 
ATOM   177  C CD2 . LEU A 1 25  ? 2.358   7.283   -4.127  1.00 17.86 ? 25  LEU A CD2 1 
ATOM   178  N N   . GLY A 1 26  ? 4.212   10.997  -0.617  1.00 19.69 ? 26  GLY A N   1 
ATOM   179  C CA  . GLY A 1 26  ? 4.371   12.290  0.026   1.00 20.82 ? 26  GLY A CA  1 
ATOM   180  C C   . GLY A 1 26  ? 5.273   13.203  -0.772  1.00 21.56 ? 26  GLY A C   1 
ATOM   181  O O   . GLY A 1 26  ? 4.949   14.376  -0.986  1.00 21.65 ? 26  GLY A O   1 
ATOM   182  N N   . ASN A 1 27  ? 6.394   12.659  -1.248  1.00 22.15 ? 27  ASN A N   1 
ATOM   183  C CA  . ASN A 1 27  ? 7.357   13.452  -2.001  1.00 23.06 ? 27  ASN A CA  1 
ATOM   184  C C   . ASN A 1 27  ? 6.929   13.762  -3.426  1.00 22.80 ? 27  ASN A C   1 
ATOM   185  O O   . ASN A 1 27  ? 7.526   14.610  -4.081  1.00 23.18 ? 27  ASN A O   1 
ATOM   186  C CB  . ASN A 1 27  ? 8.749   12.822  -1.958  1.00 23.48 ? 27  ASN A CB  1 
ATOM   187  C CG  . ASN A 1 27  ? 9.502   13.188  -0.693  1.00 25.62 ? 27  ASN A CG  1 
ATOM   188  O OD1 . ASN A 1 27  ? 10.039  14.288  -0.571  1.00 28.50 ? 27  ASN A OD1 1 
ATOM   189  N ND2 . ASN A 1 27  ? 9.527   12.274  0.261   1.00 26.75 ? 27  ASN A ND2 1 
ATOM   190  N N   . MET A 1 28  ? 5.890   13.070  -3.893  1.00 22.28 ? 28  MET A N   1 
ATOM   191  C CA  . MET A 1 28  ? 5.245   13.399  -5.169  1.00 21.67 ? 28  MET A CA  1 
ATOM   192  C C   . MET A 1 28  ? 4.188   14.488  -4.998  1.00 21.81 ? 28  MET A C   1 
ATOM   193  O O   . MET A 1 28  ? 3.498   14.855  -5.959  1.00 21.54 ? 28  MET A O   1 
ATOM   194  C CB  . MET A 1 28  ? 4.641   12.145  -5.812  1.00 21.22 ? 28  MET A CB  1 
ATOM   195  C CG  . MET A 1 28  ? 5.683   11.133  -6.288  1.00 20.68 ? 28  MET A CG  1 
ATOM   196  S SD  . MET A 1 28  ? 4.955   9.530   -6.651  1.00 20.98 ? 28  MET A SD  1 
ATOM   197  C CE  . MET A 1 28  ? 3.886   9.970   -8.026  1.00 21.47 ? 28  MET A CE  1 
ATOM   198  N N   . GLY A 1 29  ? 4.075   15.004  -3.770  1.00 21.88 ? 29  GLY A N   1 
ATOM   199  C CA  . GLY A 1 29  ? 3.162   16.105  -3.431  1.00 21.47 ? 29  GLY A CA  1 
ATOM   200  C C   . GLY A 1 29  ? 1.840   15.758  -2.764  1.00 21.24 ? 29  GLY A C   1 
ATOM   201  O O   . GLY A 1 29  ? 1.029   16.651  -2.510  1.00 21.36 ? 29  GLY A O   1 
ATOM   202  N N   . ALA A 1 30  ? 1.610   14.474  -2.481  1.00 20.63 ? 30  ALA A N   1 
ATOM   203  C CA  . ALA A 1 30  ? 0.330   14.035  -1.920  1.00 20.06 ? 30  ALA A CA  1 
ATOM   204  C C   . ALA A 1 30  ? 0.206   14.333  -0.432  1.00 20.14 ? 30  ALA A C   1 
ATOM   205  O O   . ALA A 1 30  ? 1.193   14.298  0.304   1.00 19.56 ? 30  ALA A O   1 
ATOM   206  C CB  . ALA A 1 30  ? 0.113   12.549  -2.175  1.00 20.01 ? 30  ALA A CB  1 
ATOM   207  N N   . ASN A 1 31  ? -1.018  14.627  0.002   1.00 19.80 ? 31  ASN A N   1 
ATOM   208  C CA  . ASN A 1 31  ? -1.367  14.593  1.419   1.00 19.43 ? 31  ASN A CA  1 
ATOM   209  C C   . ASN A 1 31  ? -1.418  13.131  1.858   1.00 19.17 ? 31  ASN A C   1 
ATOM   210  O O   . ASN A 1 31  ? -1.988  12.286  1.161   1.00 19.24 ? 31  ASN A O   1 
ATOM   211  C CB  . ASN A 1 31  ? -2.724  15.270  1.643   1.00 19.48 ? 31  ASN A CB  1 
ATOM   212  C CG  . ASN A 1 31  ? -2.719  16.729  1.233   1.00 20.57 ? 31  ASN A CG  1 
ATOM   213  O OD1 . ASN A 1 31  ? -1.792  17.467  1.550   1.00 22.81 ? 31  ASN A OD1 1 
ATOM   214  N ND2 . ASN A 1 31  ? -3.759  17.155  0.526   1.00 21.61 ? 31  ASN A ND2 1 
ATOM   215  N N   . ILE A 1 32  ? -0.806  12.830  2.997   1.00 18.59 ? 32  ILE A N   1 
ATOM   216  C CA  . ILE A 1 32  ? -0.650  11.450  3.437   1.00 18.36 ? 32  ILE A CA  1 
ATOM   217  C C   . ILE A 1 32  ? -1.438  11.155  4.706   1.00 18.60 ? 32  ILE A C   1 
ATOM   218  O O   . ILE A 1 32  ? -1.407  11.926  5.673   1.00 18.64 ? 32  ILE A O   1 
ATOM   219  C CB  . ILE A 1 32  ? 0.860   11.061  3.617   1.00 18.28 ? 32  ILE A CB  1 
ATOM   220  C CG1 . ILE A 1 32  ? 1.627   11.186  2.286   1.00 17.79 ? 32  ILE A CG1 1 
ATOM   221  C CG2 . ILE A 1 32  ? 1.020   9.666   4.230   1.00 18.31 ? 32  ILE A CG2 1 
ATOM   222  C CD1 . ILE A 1 32  ? 1.051   10.378  1.134   1.00 17.06 ? 32  ILE A CD1 1 
ATOM   223  N N   . VAL A 1 33  ? -2.141  10.027  4.683   1.00 18.67 ? 33  VAL A N   1 
ATOM   224  C CA  . VAL A 1 33  ? -2.739  9.451   5.874   1.00 18.93 ? 33  VAL A CA  1 
ATOM   225  C C   . VAL A 1 33  ? -1.941  8.193   6.213   1.00 19.28 ? 33  VAL A C   1 
ATOM   226  O O   . VAL A 1 33  ? -2.044  7.166   5.534   1.00 18.57 ? 33  VAL A O   1 
ATOM   227  C CB  . VAL A 1 33  ? -4.246  9.111   5.671   1.00 18.60 ? 33  VAL A CB  1 
ATOM   228  C CG1 . VAL A 1 33  ? -4.866  8.580   6.957   1.00 18.45 ? 33  VAL A CG1 1 
ATOM   229  C CG2 . VAL A 1 33  ? -5.006  10.345  5.187   1.00 18.75 ? 33  VAL A CG2 1 
ATOM   230  N N   . LEU A 1 34  ? -1.103  8.308   7.240   1.00 20.21 ? 34  LEU A N   1 
ATOM   231  C CA  . LEU A 1 34  ? -0.390  7.160   7.773   1.00 21.05 ? 34  LEU A CA  1 
ATOM   232  C C   . LEU A 1 34  ? -1.320  6.340   8.648   1.00 21.80 ? 34  LEU A C   1 
ATOM   233  O O   . LEU A 1 34  ? -2.262  6.869   9.247   1.00 22.00 ? 34  LEU A O   1 
ATOM   234  C CB  . LEU A 1 34  ? 0.832   7.601   8.582   1.00 21.33 ? 34  LEU A CB  1 
ATOM   235  C CG  . LEU A 1 34  ? 1.974   8.330   7.878   1.00 20.85 ? 34  LEU A CG  1 
ATOM   236  C CD1 . LEU A 1 34  ? 2.895   8.902   8.929   1.00 21.96 ? 34  LEU A CD1 1 
ATOM   237  C CD2 . LEU A 1 34  ? 2.733   7.404   6.939   1.00 21.07 ? 34  LEU A CD2 1 
ATOM   238  N N   . ASN A 1 35  ? -1.045  5.044   8.725   1.00 22.82 ? 35  ASN A N   1 
ATOM   239  C CA  . ASN A 1 35  ? -1.843  4.128   9.524   1.00 23.77 ? 35  ASN A CA  1 
ATOM   240  C C   . ASN A 1 35  ? -0.949  3.135   10.258  1.00 24.69 ? 35  ASN A C   1 
ATOM   241  O O   . ASN A 1 35  ? 0.057   2.657   9.714   1.00 24.40 ? 35  ASN A O   1 
ATOM   242  C CB  . ASN A 1 35  ? -2.879  3.415   8.643   1.00 23.74 ? 35  ASN A CB  1 
ATOM   243  C CG  . ASN A 1 35  ? -3.524  2.217   9.328   1.00 24.61 ? 35  ASN A CG  1 
ATOM   244  O OD1 . ASN A 1 35  ? -3.341  1.075   8.895   1.00 24.28 ? 35  ASN A OD1 1 
ATOM   245  N ND2 . ASN A 1 35  ? -4.284  2.469   10.403  1.00 25.69 ? 35  ASN A ND2 1 
ATOM   246  N N   . GLY A 1 36  ? -1.304  2.854   11.508  1.00 25.27 ? 36  GLY A N   1 
ATOM   247  C CA  . GLY A 1 36  ? -0.592  1.866   12.307  1.00 26.96 ? 36  GLY A CA  1 
ATOM   248  C C   . GLY A 1 36  ? -1.240  1.683   13.662  1.00 28.08 ? 36  GLY A C   1 
ATOM   249  O O   . GLY A 1 36  ? -2.141  2.437   14.031  1.00 27.91 ? 36  GLY A O   1 
ATOM   250  N N   . SER A 1 37  ? -0.773  0.679   14.400  1.00 29.33 ? 37  SER A N   1 
ATOM   251  C CA  . SER A 1 37  ? -1.257  0.397   15.754  1.00 30.59 ? 37  SER A CA  1 
ATOM   252  C C   . SER A 1 37  ? -1.089  1.597   16.693  1.00 31.55 ? 37  SER A C   1 
ATOM   253  O O   . SER A 1 37  ? -0.103  2.331   16.594  1.00 31.24 ? 37  SER A O   1 
ATOM   254  C CB  . SER A 1 37  ? -0.523  -0.821  16.331  1.00 30.51 ? 37  SER A CB  1 
ATOM   255  O OG  . SER A 1 37  ? -0.784  -0.977  17.718  1.00 31.02 ? 37  SER A OG  1 
ATOM   256  N N   . PRO A 1 38  ? -2.055  1.801   17.613  1.00 32.86 ? 38  PRO A N   1 
ATOM   257  C CA  . PRO A 1 38  ? -1.869  2.800   18.673  1.00 33.85 ? 38  PRO A CA  1 
ATOM   258  C C   . PRO A 1 38  ? -0.621  2.517   19.531  1.00 34.97 ? 38  PRO A C   1 
ATOM   259  O O   . PRO A 1 38  ? -0.051  3.441   20.121  1.00 34.78 ? 38  PRO A O   1 
ATOM   260  C CB  . PRO A 1 38  ? -3.148  2.670   19.512  1.00 33.72 ? 38  PRO A CB  1 
ATOM   261  C CG  . PRO A 1 38  ? -3.753  1.360   19.127  1.00 33.31 ? 38  PRO A CG  1 
ATOM   262  C CD  . PRO A 1 38  ? -3.366  1.130   17.710  1.00 32.81 ? 38  PRO A CD  1 
ATOM   263  N N   . ALA A 1 39  ? -0.202  1.249   19.560  1.00 36.56 ? 39  ALA A N   1 
ATOM   264  C CA  . ALA A 1 39  ? 0.966   0.798   20.332  1.00 37.55 ? 39  ALA A CA  1 
ATOM   265  C C   . ALA A 1 39  ? 2.310   0.995   19.611  1.00 38.42 ? 39  ALA A C   1 
ATOM   266  O O   . ALA A 1 39  ? 3.368   0.657   20.158  1.00 38.65 ? 39  ALA A O   1 
ATOM   267  C CB  . ALA A 1 39  ? 0.791   -0.669  20.729  1.00 37.85 ? 39  ALA A CB  1 
ATOM   268  N N   . SER A 1 40  ? 2.267   1.532   18.390  1.00 38.69 ? 40  SER A N   1 
ATOM   269  C CA  A SER A 1 40  ? 3.479   1.766   17.604  0.50 38.97 ? 40  SER A CA  1 
ATOM   270  C CA  B SER A 1 40  ? 3.474   1.764   17.602  0.50 38.89 ? 40  SER A CA  1 
ATOM   271  C C   . SER A 1 40  ? 4.356   2.847   18.225  1.00 39.09 ? 40  SER A C   1 
ATOM   272  O O   . SER A 1 40  ? 3.889   3.952   18.529  1.00 39.19 ? 40  SER A O   1 
ATOM   273  C CB  A SER A 1 40  ? 3.137   2.141   16.158  0.50 38.92 ? 40  SER A CB  1 
ATOM   274  C CB  B SER A 1 40  ? 3.109   2.134   16.162  0.50 38.83 ? 40  SER A CB  1 
ATOM   275  O OG  A SER A 1 40  ? 2.873   0.993   15.373  0.50 39.19 ? 40  SER A OG  1 
ATOM   276  O OG  B SER A 1 40  ? 4.263   2.264   15.353  0.50 38.60 ? 40  SER A OG  1 
ATOM   277  N N   . THR A 1 41  ? 5.631   2.516   18.417  1.00 39.24 ? 41  THR A N   1 
ATOM   278  C CA  . THR A 1 41  ? 6.612   3.475   18.904  1.00 39.40 ? 41  THR A CA  1 
ATOM   279  C C   . THR A 1 41  ? 7.068   4.327   17.716  1.00 39.27 ? 41  THR A C   1 
ATOM   280  O O   . THR A 1 41  ? 7.436   5.497   17.872  1.00 39.63 ? 41  THR A O   1 
ATOM   281  C CB  . THR A 1 41  ? 7.829   2.763   19.543  1.00 39.63 ? 41  THR A CB  1 
ATOM   282  O OG1 . THR A 1 41  ? 7.408   1.542   20.169  1.00 39.81 ? 41  THR A OG1 1 
ATOM   283  C CG2 . THR A 1 41  ? 8.509   3.663   20.581  1.00 39.93 ? 41  THR A CG2 1 
ATOM   284  N N   . SER A 1 42  ? 7.006   3.731   16.525  1.00 38.80 ? 42  SER A N   1 
ATOM   285  C CA  . SER A 1 42  ? 7.511   4.352   15.299  1.00 38.16 ? 42  SER A CA  1 
ATOM   286  C C   . SER A 1 42  ? 6.518   5.279   14.581  1.00 37.54 ? 42  SER A C   1 
ATOM   287  O O   . SER A 1 42  ? 6.942   6.212   13.895  1.00 37.69 ? 42  SER A O   1 
ATOM   288  C CB  . SER A 1 42  ? 8.055   3.283   14.336  1.00 38.26 ? 42  SER A CB  1 
ATOM   289  O OG  . SER A 1 42  ? 7.218   2.134   14.280  1.00 38.63 ? 42  SER A OG  1 
ATOM   290  N N   . LEU A 1 43  ? 5.215   5.040   14.749  1.00 36.61 ? 43  LEU A N   1 
ATOM   291  C CA  . LEU A 1 43  ? 4.175   5.802   14.035  1.00 35.65 ? 43  LEU A CA  1 
ATOM   292  C C   . LEU A 1 43  ? 4.310   7.319   14.179  1.00 35.13 ? 43  LEU A C   1 
ATOM   293  O O   . LEU A 1 43  ? 4.293   8.049   13.181  1.00 34.86 ? 43  LEU A O   1 
ATOM   294  C CB  . LEU A 1 43  ? 2.776   5.380   14.490  1.00 35.67 ? 43  LEU A CB  1 
ATOM   295  C CG  . LEU A 1 43  ? 1.666   5.094   13.470  1.00 35.59 ? 43  LEU A CG  1 
ATOM   296  C CD1 . LEU A 1 43  ? 0.322   5.183   14.156  1.00 35.00 ? 43  LEU A CD1 1 
ATOM   297  C CD2 . LEU A 1 43  ? 1.702   6.000   12.238  1.00 35.72 ? 43  LEU A CD2 1 
ATOM   298  N N   . ASP A 1 44  ? 4.432   7.786   15.422  1.00 34.41 ? 44  ASP A N   1 
ATOM   299  C CA  . ASP A 1 44  ? 4.546   9.217   15.698  1.00 33.58 ? 44  ASP A CA  1 
ATOM   300  C C   . ASP A 1 44  ? 5.858   9.792   15.156  1.00 32.81 ? 44  ASP A C   1 
ATOM   301  O O   . ASP A 1 44  ? 5.857   10.860  14.534  1.00 32.72 ? 44  ASP A O   1 
ATOM   302  C CB  . ASP A 1 44  ? 4.402   9.493   17.202  1.00 33.83 ? 44  ASP A CB  1 
ATOM   303  C CG  . ASP A 1 44  ? 2.978   9.267   17.713  1.00 34.97 ? 44  ASP A CG  1 
ATOM   304  O OD1 . ASP A 1 44  ? 2.073   8.939   16.909  1.00 35.79 ? 44  ASP A OD1 1 
ATOM   305  O OD2 . ASP A 1 44  ? 2.764   9.426   18.938  0.50 35.06 ? 44  ASP A OD2 1 
ATOM   306  N N   . ALA A 1 45  ? 6.965   9.076   15.383  1.00 31.90 ? 45  ALA A N   1 
ATOM   307  C CA  . ALA A 1 45  ? 8.279   9.488   14.873  1.00 30.91 ? 45  ALA A CA  1 
ATOM   308  C C   . ALA A 1 45  ? 8.248   9.644   13.357  1.00 30.25 ? 45  ALA A C   1 
ATOM   309  O O   . ALA A 1 45  ? 8.722   10.649  12.822  1.00 30.18 ? 45  ALA A O   1 
ATOM   310  C CB  . ALA A 1 45  ? 9.351   8.495   15.283  1.00 31.04 ? 45  ALA A CB  1 
ATOM   311  N N   . THR A 1 46  ? 7.663   8.652   12.682  1.00 29.48 ? 46  THR A N   1 
ATOM   312  C CA  . THR A 1 46  ? 7.491   8.650   11.223  1.00 28.54 ? 46  THR A CA  1 
ATOM   313  C C   . THR A 1 46  ? 6.702   9.869   10.734  1.00 27.96 ? 46  THR A C   1 
ATOM   314  O O   . THR A 1 46  ? 7.137   10.547  9.801   1.00 27.65 ? 46  THR A O   1 
ATOM   315  C CB  . THR A 1 46  ? 6.845   7.332   10.736  1.00 28.57 ? 46  THR A CB  1 
ATOM   316  O OG1 . THR A 1 46  ? 7.695   6.233   11.090  1.00 28.68 ? 46  THR A OG1 1 
ATOM   317  C CG2 . THR A 1 46  ? 6.647   7.329   9.222   1.00 28.53 ? 46  THR A CG2 1 
ATOM   318  N N   . ALA A 1 47  ? 5.572   10.162  11.380  1.00 27.10 ? 47  ALA A N   1 
ATOM   319  C CA  . ALA A 1 47  ? 4.782   11.360  11.052  1.00 26.85 ? 47  ALA A CA  1 
ATOM   320  C C   . ALA A 1 47  ? 5.574   12.662  11.198  1.00 26.64 ? 47  ALA A C   1 
ATOM   321  O O   . ALA A 1 47  ? 5.477   13.548  10.343  1.00 26.72 ? 47  ALA A O   1 
ATOM   322  C CB  . ALA A 1 47  ? 3.500   11.413  11.881  1.00 26.64 ? 47  ALA A CB  1 
ATOM   323  N N   . GLU A 1 48  ? 6.356   12.777  12.275  1.00 26.63 ? 48  GLU A N   1 
ATOM   324  C CA  . GLU A 1 48  ? 7.183   13.963  12.504  0.50 26.23 ? 48  GLU A CA  1 
ATOM   325  C C   . GLU A 1 48  ? 8.278   14.106  11.445  1.00 25.99 ? 48  GLU A C   1 
ATOM   326  O O   . GLU A 1 48  ? 8.550   15.211  10.956  1.00 26.01 ? 48  GLU A O   1 
ATOM   327  C CB  . GLU A 1 48  ? 7.783   13.942  13.911  0.50 26.43 ? 48  GLU A CB  1 
ATOM   328  C CG  . GLU A 1 48  ? 6.758   14.110  15.030  0.50 26.94 ? 48  GLU A CG  1 
ATOM   329  C CD  . GLU A 1 48  ? 6.355   15.557  15.268  0.50 27.66 ? 48  GLU A CD  1 
ATOM   330  O OE1 . GLU A 1 48  ? 5.871   16.225  14.328  0.50 27.69 ? 48  GLU A OE1 1 
ATOM   331  O OE2 . GLU A 1 48  ? 6.512   16.029  16.414  0.50 28.51 ? 48  GLU A OE2 1 
ATOM   332  N N   . GLU A 1 49  ? 8.898   12.983  11.088  1.00 25.86 ? 49  GLU A N   1 
ATOM   333  C CA  . GLU A 1 49  ? 9.857   12.940  9.982   1.00 26.01 ? 49  GLU A CA  1 
ATOM   334  C C   . GLU A 1 49  ? 9.259   13.438  8.660   1.00 25.87 ? 49  GLU A C   1 
ATOM   335  O O   . GLU A 1 49  ? 9.876   14.237  7.956   1.00 25.84 ? 49  GLU A O   1 
ATOM   336  C CB  . GLU A 1 49  ? 10.416  11.524  9.831   1.00 26.14 ? 49  GLU A CB  1 
ATOM   337  C CG  . GLU A 1 49  ? 11.379  11.142  10.948  1.00 27.05 ? 49  GLU A CG  1 
ATOM   338  C CD  . GLU A 1 49  ? 11.402  9.651   11.236  1.00 28.01 ? 49  GLU A CD  1 
ATOM   339  O OE1 . GLU A 1 49  ? 11.950  9.269   12.290  1.00 30.06 ? 49  GLU A OE1 1 
ATOM   340  O OE2 . GLU A 1 49  ? 10.878  8.863   10.419  1.00 28.27 ? 49  GLU A OE2 1 
ATOM   341  N N   . PHE A 1 50  ? 8.051   12.978  8.344   1.00 26.04 ? 50  PHE A N   1 
ATOM   342  C CA  . PHE A 1 50  ? 7.331   13.397  7.137   1.00 26.33 ? 50  PHE A CA  1 
ATOM   343  C C   . PHE A 1 50  ? 7.052   14.899  7.135   1.00 26.67 ? 50  PHE A C   1 
ATOM   344  O O   . PHE A 1 50  ? 7.283   15.571  6.136   1.00 26.43 ? 50  PHE A O   1 
ATOM   345  C CB  . PHE A 1 50  ? 6.010   12.622  7.005   1.00 26.10 ? 50  PHE A CB  1 
ATOM   346  C CG  . PHE A 1 50  ? 6.149   11.263  6.355   1.00 25.76 ? 50  PHE A CG  1 
ATOM   347  C CD1 . PHE A 1 50  ? 7.174   10.388  6.721   1.00 25.66 ? 50  PHE A CD1 1 
ATOM   348  C CD2 . PHE A 1 50  ? 5.231   10.852  5.390   1.00 25.72 ? 50  PHE A CD2 1 
ATOM   349  C CE1 . PHE A 1 50  ? 7.298   9.135   6.119   1.00 26.54 ? 50  PHE A CE1 1 
ATOM   350  C CE2 . PHE A 1 50  ? 5.340   9.599   4.788   1.00 25.65 ? 50  PHE A CE2 1 
ATOM   351  C CZ  . PHE A 1 50  ? 6.376   8.734   5.160   1.00 25.85 ? 50  PHE A CZ  1 
ATOM   352  N N   . LYS A 1 51  ? 6.557   15.410  8.262   1.00 27.54 ? 51  LYS A N   1 
ATOM   353  C CA  . LYS A 1 51  ? 6.265   16.838  8.423   1.00 27.99 ? 51  LYS A CA  1 
ATOM   354  C C   . LYS A 1 51  ? 7.512   17.704  8.246   1.00 28.27 ? 51  LYS A C   1 
ATOM   355  O O   . LYS A 1 51  ? 7.462   18.734  7.571   1.00 28.55 ? 51  LYS A O   1 
ATOM   356  C CB  . LYS A 1 51  ? 5.622   17.097  9.777   1.00 28.27 ? 51  LYS A CB  1 
ATOM   357  N N   . ALA A 1 52  ? 8.628   17.275  8.839   1.00 28.40 ? 52  ALA A N   1 
ATOM   358  C CA  . ALA A 1 52  ? 9.900   17.990  8.711   1.00 28.68 ? 52  ALA A CA  1 
ATOM   359  C C   . ALA A 1 52  ? 10.392  18.043  7.259   1.00 29.02 ? 52  ALA A C   1 
ATOM   360  O O   . ALA A 1 52  ? 11.063  19.001  6.853   1.00 29.13 ? 52  ALA A O   1 
ATOM   361  C CB  . ALA A 1 52  ? 10.951  17.368  9.621   1.00 28.67 ? 52  ALA A CB  1 
ATOM   362  N N   . ALA A 1 53  ? 10.034  17.019  6.481   1.00 29.12 ? 53  ALA A N   1 
ATOM   363  C CA  . ALA A 1 53  ? 10.368  16.945  5.058   1.00 29.30 ? 53  ALA A CA  1 
ATOM   364  C C   . ALA A 1 53  ? 9.388   17.719  4.179   1.00 29.20 ? 53  ALA A C   1 
ATOM   365  O O   . ALA A 1 53  ? 9.557   17.788  2.958   1.00 29.72 ? 53  ALA A O   1 
ATOM   366  C CB  . ALA A 1 53  ? 10.446  15.491  4.608   1.00 29.22 ? 53  ALA A CB  1 
ATOM   367  N N   . GLY A 1 54  ? 8.361   18.292  4.800   1.00 29.01 ? 54  GLY A N   1 
ATOM   368  C CA  . GLY A 1 54  ? 7.413   19.151  4.091   1.00 28.70 ? 54  GLY A CA  1 
ATOM   369  C C   . GLY A 1 54  ? 6.158   18.456  3.593   1.00 28.36 ? 54  GLY A C   1 
ATOM   370  O O   . GLY A 1 54  ? 5.403   19.024  2.797   1.00 28.38 ? 54  GLY A O   1 
ATOM   371  N N   . ILE A 1 55  ? 5.937   17.229  4.061   1.00 27.86 ? 55  ILE A N   1 
ATOM   372  C CA  . ILE A 1 55  ? 4.772   16.437  3.669   1.00 27.08 ? 55  ILE A CA  1 
ATOM   373  C C   . ILE A 1 55  ? 3.627   16.707  4.645   1.00 27.23 ? 55  ILE A C   1 
ATOM   374  O O   . ILE A 1 55  ? 3.811   16.640  5.864   1.00 27.10 ? 55  ILE A O   1 
ATOM   375  C CB  . ILE A 1 55  ? 5.099   14.908  3.646   1.00 27.03 ? 55  ILE A CB  1 
ATOM   376  C CG1 . ILE A 1 55  ? 6.282   14.611  2.716   1.00 26.00 ? 55  ILE A CG1 1 
ATOM   377  C CG2 . ILE A 1 55  ? 3.872   14.064  3.243   1.00 25.54 ? 55  ILE A CG2 1 
ATOM   378  C CD1 . ILE A 1 55  ? 6.892   13.223  2.927   1.00 26.92 ? 55  ILE A CD1 1 
ATOM   379  N N   . ASN A 1 56  ? 2.456   17.030  4.097   1.00 27.18 ? 56  ASN A N   1 
ATOM   380  C CA  A ASN A 1 56  ? 1.256   17.192  4.904   0.50 27.09 ? 56  ASN A CA  1 
ATOM   381  C CA  B ASN A 1 56  ? 1.244   17.201  4.886   0.50 27.14 ? 56  ASN A CA  1 
ATOM   382  C C   . ASN A 1 56  ? 0.736   15.826  5.318   1.00 27.12 ? 56  ASN A C   1 
ATOM   383  O O   . ASN A 1 56  ? 0.356   15.000  4.481   1.00 27.21 ? 56  ASN A O   1 
ATOM   384  C CB  A ASN A 1 56  ? 0.184   17.983  4.154   0.50 27.16 ? 56  ASN A CB  1 
ATOM   385  C CB  B ASN A 1 56  ? 0.195   17.955  4.061   0.50 27.26 ? 56  ASN A CB  1 
ATOM   386  C CG  A ASN A 1 56  ? 0.641   19.378  3.779   0.50 27.34 ? 56  ASN A CG  1 
ATOM   387  C CG  B ASN A 1 56  ? -0.973  18.465  4.896   0.50 27.59 ? 56  ASN A CG  1 
ATOM   388  O OD1 A ASN A 1 56  ? 1.304   20.067  4.558   0.50 27.74 ? 56  ASN A OD1 1 
ATOM   389  O OD1 B ASN A 1 56  ? -1.051  18.238  6.103   0.50 28.70 ? 56  ASN A OD1 1 
ATOM   390  N ND2 A ASN A 1 56  ? 0.280   19.807  2.579   0.50 27.98 ? 56  ASN A ND2 1 
ATOM   391  N ND2 B ASN A 1 56  ? -1.892  19.169  4.241   0.50 28.18 ? 56  ASN A ND2 1 
ATOM   392  N N   . VAL A 1 57  ? 0.736   15.581  6.620   1.00 26.99 ? 57  VAL A N   1 
ATOM   393  C CA  . VAL A 1 57  ? 0.443   14.247  7.120   1.00 27.39 ? 57  VAL A CA  1 
ATOM   394  C C   . VAL A 1 57  ? -0.485  14.220  8.337   1.00 27.42 ? 57  VAL A C   1 
ATOM   395  O O   . VAL A 1 57  ? -0.346  15.016  9.264   1.00 27.62 ? 57  VAL A O   1 
ATOM   396  C CB  . VAL A 1 57  ? 1.772   13.448  7.385   1.00 27.50 ? 57  VAL A CB  1 
ATOM   397  C CG1 . VAL A 1 57  ? 2.700   14.212  8.334   1.00 28.27 ? 57  VAL A CG1 1 
ATOM   398  C CG2 . VAL A 1 57  ? 1.483   12.044  7.905   1.00 27.55 ? 57  VAL A CG2 1 
ATOM   399  N N   . VAL A 1 58  ? -1.445  13.299  8.299   1.00 27.14 ? 58  VAL A N   1 
ATOM   400  C CA  . VAL A 1 58  ? -2.309  13.006  9.433   1.00 26.65 ? 58  VAL A CA  1 
ATOM   401  C C   . VAL A 1 58  ? -2.115  11.530  9.763   1.00 26.44 ? 58  VAL A C   1 
ATOM   402  O O   . VAL A 1 58  ? -1.674  10.750  8.909   1.00 26.24 ? 58  VAL A O   1 
ATOM   403  C CB  . VAL A 1 58  ? -3.803  13.352  9.126   1.00 26.44 ? 58  VAL A CB  1 
ATOM   404  C CG1 . VAL A 1 58  ? -4.494  12.240  8.346   1.00 25.98 ? 58  VAL A CG1 1 
ATOM   405  C CG2 . VAL A 1 58  ? -4.563  13.652  10.404  1.00 27.43 ? 58  VAL A CG2 1 
ATOM   406  N N   . VAL A 1 59  ? -2.413  11.152  11.002  1.00 26.23 ? 59  VAL A N   1 
ATOM   407  C CA  . VAL A 1 59  ? -2.213  9.780   11.456  1.00 26.45 ? 59  VAL A CA  1 
ATOM   408  C C   . VAL A 1 59  ? -3.535  9.158   11.908  1.00 26.68 ? 59  VAL A C   1 
ATOM   409  O O   . VAL A 1 59  ? -4.249  9.731   12.729  1.00 26.74 ? 59  VAL A O   1 
ATOM   410  C CB  . VAL A 1 59  ? -1.140  9.703   12.589  1.00 26.37 ? 59  VAL A CB  1 
ATOM   411  C CG1 . VAL A 1 59  ? -1.068  8.320   13.183  1.00 26.25 ? 59  VAL A CG1 1 
ATOM   412  C CG2 . VAL A 1 59  ? 0.231   10.110  12.066  1.00 26.60 ? 59  VAL A CG2 1 
ATOM   413  N N   . ALA A 1 60  ? -3.857  7.997   11.344  1.00 27.13 ? 60  ALA A N   1 
ATOM   414  C CA  . ALA A 1 60  ? -4.997  7.193   11.772  1.00 27.87 ? 60  ALA A CA  1 
ATOM   415  C C   . ALA A 1 60  ? -4.506  5.950   12.524  1.00 28.54 ? 60  ALA A C   1 
ATOM   416  O O   . ALA A 1 60  ? -3.919  5.041   11.925  1.00 28.22 ? 60  ALA A O   1 
ATOM   417  C CB  . ALA A 1 60  ? -5.842  6.790   10.572  1.00 27.93 ? 60  ALA A CB  1 
ATOM   418  N N   . LYS A 1 61  ? -4.735  5.923   13.839  1.00 29.26 ? 61  LYS A N   1 
ATOM   419  C CA  . LYS A 1 61  ? -4.281  4.813   14.685  1.00 30.18 ? 61  LYS A CA  1 
ATOM   420  C C   . LYS A 1 61  ? -5.364  3.748   14.838  1.00 30.56 ? 61  LYS A C   1 
ATOM   421  O O   . LYS A 1 61  ? -6.509  4.059   15.171  1.00 30.98 ? 61  LYS A O   1 
ATOM   422  C CB  . LYS A 1 61  ? -3.817  5.313   16.060  1.00 30.19 ? 61  LYS A CB  1 
ATOM   423  C CG  . LYS A 1 61  ? -2.656  6.307   16.005  1.00 30.94 ? 61  LYS A CG  1 
ATOM   424  C CD  . LYS A 1 61  ? -2.062  6.594   17.387  1.00 31.03 ? 61  LYS A CD  1 
ATOM   425  C CE  . LYS A 1 61  ? -1.196  7.852   17.357  1.00 33.29 ? 61  LYS A CE  1 
ATOM   426  N NZ  . LYS A 1 61  ? -0.721  8.278   18.717  1.00 34.53 ? 61  LYS A NZ  1 
ATOM   427  N N   . GLY A 1 62  ? -4.993  2.497   14.599  1.00 30.73 ? 62  GLY A N   1 
ATOM   428  C CA  . GLY A 1 62  ? -5.931  1.382   14.673  1.00 31.22 ? 62  GLY A CA  1 
ATOM   429  C C   . GLY A 1 62  ? -5.496  0.187   13.846  1.00 31.38 ? 62  GLY A C   1 
ATOM   430  O O   . GLY A 1 62  ? -4.465  0.231   13.173  1.00 31.86 ? 62  GLY A O   1 
ATOM   431  N N   . ASP A 1 63  ? -6.283  -0.884  13.904  1.00 31.37 ? 63  ASP A N   1 
ATOM   432  C CA  . ASP A 1 63  ? -6.031  -2.084  13.107  1.00 31.43 ? 63  ASP A CA  1 
ATOM   433  C C   . ASP A 1 63  ? -7.070  -2.178  11.994  1.00 31.23 ? 63  ASP A C   1 
ATOM   434  O O   . ASP A 1 63  ? -8.271  -2.257  12.261  1.00 31.09 ? 63  ASP A O   1 
ATOM   435  C CB  . ASP A 1 63  ? -6.052  -3.345  13.991  1.00 31.45 ? 63  ASP A CB  1 
ATOM   436  N N   . VAL A 1 64  ? -6.602  -2.161  10.749  1.00 31.22 ? 64  VAL A N   1 
ATOM   437  C CA  . VAL A 1 64  ? -7.500  -2.124  9.583   1.00 30.93 ? 64  VAL A CA  1 
ATOM   438  C C   . VAL A 1 64  ? -8.171  -3.463  9.262   1.00 31.10 ? 64  VAL A C   1 
ATOM   439  O O   . VAL A 1 64  ? -8.866  -3.593  8.245   1.00 30.88 ? 64  VAL A O   1 
ATOM   440  C CB  . VAL A 1 64  ? -6.802  -1.540  8.318   1.00 31.04 ? 64  VAL A CB  1 
ATOM   441  C CG1 . VAL A 1 64  ? -6.609  -0.033  8.469   1.00 30.26 ? 64  VAL A CG1 1 
ATOM   442  C CG2 . VAL A 1 64  ? -5.476  -2.247  8.033   1.00 30.27 ? 64  VAL A CG2 1 
ATOM   443  N N   . LYS A 1 65  ? -7.963  -4.450  10.131  1.00 31.15 ? 65  LYS A N   1 
ATOM   444  C CA  . LYS A 1 65  ? -8.691  -5.713  10.055  1.00 31.60 ? 65  LYS A CA  1 
ATOM   445  C C   . LYS A 1 65  ? -10.036 -5.608  10.800  1.00 31.63 ? 65  LYS A C   1 
ATOM   446  O O   . LYS A 1 65  ? -10.873 -6.509  10.724  1.00 31.63 ? 65  LYS A O   1 
ATOM   447  C CB  . LYS A 1 65  ? -7.831  -6.892  10.558  1.00 31.57 ? 65  LYS A CB  1 
ATOM   448  C CG  . LYS A 1 65  ? -7.276  -6.757  11.983  1.00 32.16 ? 65  LYS A CG  1 
ATOM   449  C CD  . LYS A 1 65  ? -6.050  -7.653  12.191  1.00 32.07 ? 65  LYS A CD  1 
ATOM   450  C CE  . LYS A 1 65  ? -5.445  -7.498  13.591  1.00 32.22 ? 65  LYS A CE  1 
ATOM   451  N NZ  . LYS A 1 65  ? -5.789  -8.625  14.523  1.00 33.63 ? 65  LYS A NZ  1 
ATOM   452  N N   . ASN A 1 66  ? -10.234 -4.492  11.499  1.00 31.65 ? 66  ASN A N   1 
ATOM   453  C CA  . ASN A 1 66  ? -11.474 -4.226  12.227  1.00 31.92 ? 66  ASN A CA  1 
ATOM   454  C C   . ASN A 1 66  ? -12.280 -3.081  11.599  1.00 31.48 ? 66  ASN A C   1 
ATOM   455  O O   . ASN A 1 66  ? -11.739 -1.993  11.401  1.00 31.73 ? 66  ASN A O   1 
ATOM   456  C CB  . ASN A 1 66  ? -11.168 -3.923  13.698  1.00 32.07 ? 66  ASN A CB  1 
ATOM   457  C CG  . ASN A 1 66  ? -12.311 -3.211  14.405  1.00 33.35 ? 66  ASN A CG  1 
ATOM   458  O OD1 . ASN A 1 66  ? -13.428 -3.734  14.514  1.00 34.55 ? 66  ASN A OD1 1 
ATOM   459  N ND2 . ASN A 1 66  ? -12.034 -2.009  14.899  1.00 34.90 ? 66  ASN A ND2 1 
ATOM   460  N N   . PRO A 1 67  ? -13.573 -3.324  11.292  1.00 31.22 ? 67  PRO A N   1 
ATOM   461  C CA  . PRO A 1 67  ? -14.483 -2.333  10.688  1.00 30.88 ? 67  PRO A CA  1 
ATOM   462  C C   . PRO A 1 67  ? -14.513 -0.943  11.352  1.00 30.47 ? 67  PRO A C   1 
ATOM   463  O O   . PRO A 1 67  ? -14.561 0.071   10.647  1.00 30.58 ? 67  PRO A O   1 
ATOM   464  C CB  . PRO A 1 67  ? -15.856 -3.011  10.800  1.00 30.92 ? 67  PRO A CB  1 
ATOM   465  C CG  . PRO A 1 67  ? -15.551 -4.456  10.733  1.00 31.13 ? 67  PRO A CG  1 
ATOM   466  C CD  . PRO A 1 67  ? -14.247 -4.625  11.481  1.00 31.34 ? 67  PRO A CD  1 
ATOM   467  N N   . GLU A 1 68  ? -14.494 -0.895  12.684  1.00 29.66 ? 68  GLU A N   1 
ATOM   468  C CA  . GLU A 1 68  ? -14.542 0.372   13.416  1.00 28.67 ? 68  GLU A CA  1 
ATOM   469  C C   . GLU A 1 68  ? -13.301 1.229   13.178  1.00 28.10 ? 68  GLU A C   1 
ATOM   470  O O   . GLU A 1 68  ? -13.405 2.453   13.045  1.00 27.83 ? 68  GLU A O   1 
ATOM   471  C CB  . GLU A 1 68  ? -14.751 0.128   14.910  1.00 28.95 ? 68  GLU A CB  1 
ATOM   472  N N   . ASP A 1 69  ? -12.135 0.585   13.122  1.00 27.28 ? 69  ASP A N   1 
ATOM   473  C CA  . ASP A 1 69  ? -10.874 1.276   12.834  1.00 26.81 ? 69  ASP A CA  1 
ATOM   474  C C   . ASP A 1 69  ? -10.794 1.717   11.372  1.00 26.19 ? 69  ASP A C   1 
ATOM   475  O O   . ASP A 1 69  ? -10.215 2.761   11.075  1.00 25.85 ? 69  ASP A O   1 
ATOM   476  C CB  . ASP A 1 69  ? -9.667  0.393   13.161  1.00 27.17 ? 69  ASP A CB  1 
ATOM   477  C CG  . ASP A 1 69  ? -9.477  0.176   14.654  1.00 28.07 ? 69  ASP A CG  1 
ATOM   478  O OD1 . ASP A 1 69  ? -9.934  1.026   15.451  1.00 28.70 ? 69  ASP A OD1 1 
ATOM   479  O OD2 . ASP A 1 69  ? -8.860  -0.847  15.022  1.00 28.19 ? 69  ASP A OD2 1 
ATOM   480  N N   . VAL A 1 70  ? -11.362 0.913   10.472  1.00 25.64 ? 70  VAL A N   1 
ATOM   481  C CA  . VAL A 1 70  ? -11.441 1.280   9.050   1.00 25.13 ? 70  VAL A CA  1 
ATOM   482  C C   . VAL A 1 70  ? -12.271 2.561   8.899   1.00 25.09 ? 70  VAL A C   1 
ATOM   483  O O   . VAL A 1 70  ? -11.852 3.493   8.220   1.00 25.10 ? 70  VAL A O   1 
ATOM   484  C CB  . VAL A 1 70  ? -12.010 0.135   8.166   1.00 25.02 ? 70  VAL A CB  1 
ATOM   485  C CG1 . VAL A 1 70  ? -12.104 0.569   6.696   1.00 25.10 ? 70  VAL A CG1 1 
ATOM   486  C CG2 . VAL A 1 70  ? -11.153 -1.115  8.276   1.00 24.73 ? 70  VAL A CG2 1 
ATOM   487  N N   . GLU A 1 71  ? -13.427 2.609   9.568   1.00 25.45 ? 71  GLU A N   1 
ATOM   488  C CA  . GLU A 1 71  ? -14.285 3.796   9.584   1.00 25.47 ? 71  GLU A CA  1 
ATOM   489  C C   . GLU A 1 71  ? -13.565 5.022   10.140  1.00 25.63 ? 71  GLU A C   1 
ATOM   490  O O   . GLU A 1 71  ? -13.652 6.107   9.557   1.00 25.16 ? 71  GLU A O   1 
ATOM   491  C CB  . GLU A 1 71  ? -15.576 3.526   10.359  1.00 25.87 ? 71  GLU A CB  1 
ATOM   492  N N   . ASN A 1 72  ? -12.851 4.843   11.256  1.00 25.73 ? 72  ASN A N   1 
ATOM   493  C CA  . ASN A 1 72  ? -12.018 5.907   11.828  1.00 26.05 ? 72  ASN A CA  1 
ATOM   494  C C   . ASN A 1 72  ? -10.994 6.437   10.832  1.00 25.65 ? 72  ASN A C   1 
ATOM   495  O O   . ASN A 1 72  ? -10.855 7.650   10.662  1.00 25.39 ? 72  ASN A O   1 
ATOM   496  C CB  . ASN A 1 72  ? -11.281 5.425   13.088  1.00 26.62 ? 72  ASN A CB  1 
ATOM   497  C CG  . ASN A 1 72  ? -10.285 6.461   13.619  1.00 28.33 ? 72  ASN A CG  1 
ATOM   498  O OD1 . ASN A 1 72  ? -10.662 7.388   14.344  1.00 29.48 ? 72  ASN A OD1 1 
ATOM   499  N ND2 . ASN A 1 72  ? -9.004  6.305   13.253  1.00 30.53 ? 72  ASN A ND2 1 
ATOM   500  N N   . MET A 1 73  ? -10.273 5.515   10.191  1.00 25.71 ? 73  MET A N   1 
ATOM   501  C CA  . MET A 1 73  ? -9.243  5.862   9.208   1.00 25.76 ? 73  MET A CA  1 
ATOM   502  C C   . MET A 1 73  ? -9.828  6.753   8.117   1.00 24.89 ? 73  MET A C   1 
ATOM   503  O O   . MET A 1 73  ? -9.280  7.819   7.813   1.00 24.42 ? 73  MET A O   1 
ATOM   504  C CB  . MET A 1 73  ? -8.642  4.594   8.595   1.00 25.72 ? 73  MET A CB  1 
ATOM   505  C CG  . MET A 1 73  ? -7.554  4.850   7.548   1.00 26.28 ? 73  MET A CG  1 
ATOM   506  S SD  . MET A 1 73  ? -6.975  3.316   6.821   1.00 27.56 ? 73  MET A SD  1 
ATOM   507  C CE  . MET A 1 73  ? -8.365  2.858   5.791   1.00 26.10 ? 73  MET A CE  1 
ATOM   508  N N   . VAL A 1 74  ? -10.953 6.310   7.559   1.00 24.68 ? 74  VAL A N   1 
ATOM   509  C CA  . VAL A 1 74  ? -11.670 7.055   6.525   1.00 24.73 ? 74  VAL A CA  1 
ATOM   510  C C   . VAL A 1 74  ? -12.112 8.415   7.047   1.00 24.89 ? 74  VAL A C   1 
ATOM   511  O O   . VAL A 1 74  ? -11.916 9.429   6.379   1.00 24.93 ? 74  VAL A O   1 
ATOM   512  C CB  . VAL A 1 74  ? -12.857 6.232   5.954   1.00 24.60 ? 74  VAL A CB  1 
ATOM   513  C CG1 . VAL A 1 74  ? -13.755 7.089   5.065   1.00 24.77 ? 74  VAL A CG1 1 
ATOM   514  C CG2 . VAL A 1 74  ? -12.329 5.035   5.171   1.00 24.78 ? 74  VAL A CG2 1 
ATOM   515  N N   . LYS A 1 75  ? -12.665 8.441   8.259   1.00 25.55 ? 75  LYS A N   1 
ATOM   516  C CA  . LYS A 1 75  ? -13.078 9.705   8.876   1.00 26.39 ? 75  LYS A CA  1 
ATOM   517  C C   . LYS A 1 75  ? -11.911 10.657  9.131   1.00 26.34 ? 75  LYS A C   1 
ATOM   518  O O   . LYS A 1 75  ? -12.047 11.859  8.895   1.00 26.50 ? 75  LYS A O   1 
ATOM   519  C CB  . LYS A 1 75  ? -13.884 9.480   10.164  1.00 26.34 ? 75  LYS A CB  1 
ATOM   520  C CG  . LYS A 1 75  ? -14.636 10.731  10.611  1.00 27.36 ? 75  LYS A CG  1 
ATOM   521  C CD  . LYS A 1 75  ? -15.356 10.563  11.945  1.00 27.66 ? 75  LYS A CD  1 
ATOM   522  C CE  . LYS A 1 75  ? -16.060 11.862  12.338  1.00 29.86 ? 75  LYS A CE  1 
ATOM   523  N NZ  . LYS A 1 75  ? -15.124 12.918  12.825  1.00 31.50 ? 75  LYS A NZ  1 
ATOM   524  N N   . THR A 1 76  ? -10.767 10.150  9.598   1.00 26.73 ? 76  THR A N   1 
ATOM   525  C CA  . THR A 1 76  ? -9.625  11.059  9.805   1.00 27.42 ? 76  THR A CA  1 
ATOM   526  C C   . THR A 1 76  ? -9.088  11.619  8.487   1.00 27.26 ? 76  THR A C   1 
ATOM   527  O O   . THR A 1 76  ? -8.666  12.769  8.440   1.00 27.80 ? 76  THR A O   1 
ATOM   528  C CB  . THR A 1 76  ? -8.456  10.501  10.701  1.00 27.64 ? 76  THR A CB  1 
ATOM   529  O OG1 . THR A 1 76  ? -7.362  10.068  9.884   1.00 29.40 ? 76  THR A OG1 1 
ATOM   530  C CG2 . THR A 1 76  ? -8.910  9.392   11.613  1.00 26.62 ? 76  THR A CG2 1 
ATOM   531  N N   . ALA A 1 77  ? -9.131  10.815  7.422   1.00 27.31 ? 77  ALA A N   1 
ATOM   532  C CA  . ALA A 1 77  ? -8.745  11.273  6.085   1.00 27.20 ? 77  ALA A CA  1 
ATOM   533  C C   . ALA A 1 77  ? -9.657  12.405  5.620   1.00 27.36 ? 77  ALA A C   1 
ATOM   534  O O   . ALA A 1 77  ? -9.186  13.473  5.196   1.00 27.27 ? 77  ALA A O   1 
ATOM   535  C CB  . ALA A 1 77  ? -8.791  10.112  5.091   1.00 26.95 ? 77  ALA A CB  1 
ATOM   536  N N   . MET A 1 78  ? -10.962 12.163  5.716   1.00 27.59 ? 78  MET A N   1 
ATOM   537  C CA  . MET A 1 78  ? -11.966 13.126  5.263   1.00 28.11 ? 78  MET A CA  1 
ATOM   538  C C   . MET A 1 78  ? -11.947 14.405  6.099   1.00 28.24 ? 78  MET A C   1 
ATOM   539  O O   . MET A 1 78  ? -11.944 15.500  5.540   1.00 28.64 ? 78  MET A O   1 
ATOM   540  C CB  . MET A 1 78  ? -13.358 12.488  5.224   1.00 28.00 ? 78  MET A CB  1 
ATOM   541  C CG  . MET A 1 78  ? -13.528 11.394  4.158   1.00 28.92 ? 78  MET A CG  1 
ATOM   542  S SD  . MET A 1 78  ? -13.264 11.910  2.436   1.00 30.40 ? 78  MET A SD  1 
ATOM   543  C CE  . MET A 1 78  ? -14.770 12.840  2.126   1.00 30.22 ? 78  MET A CE  1 
ATOM   544  N N   . ASP A 1 79  ? -11.899 14.266  7.426   1.00 28.54 ? 79  ASP A N   1 
ATOM   545  C CA  . ASP A 1 79  ? -11.759 15.423  8.322   1.00 28.71 ? 79  ASP A CA  1 
ATOM   546  C C   . ASP A 1 79  ? -10.540 16.267  7.949   1.00 28.83 ? 79  ASP A C   1 
ATOM   547  O O   . ASP A 1 79  ? -10.629 17.497  7.900   1.00 28.70 ? 79  ASP A O   1 
ATOM   548  C CB  . ASP A 1 79  ? -11.655 14.996  9.795   1.00 28.86 ? 79  ASP A CB  1 
ATOM   549  C CG  . ASP A 1 79  ? -12.950 14.414  10.346  1.00 29.08 ? 79  ASP A CG  1 
ATOM   550  O OD1 . ASP A 1 79  ? -12.900 13.830  11.452  1.00 29.24 ? 79  ASP A OD1 1 
ATOM   551  O OD2 . ASP A 1 79  ? -14.012 14.526  9.692   1.00 29.57 ? 79  ASP A OD2 1 
ATOM   552  N N   . ALA A 1 80  ? -9.415  15.603  7.671   1.00 28.31 ? 80  ALA A N   1 
ATOM   553  C CA  . ALA A 1 80  ? -8.170  16.301  7.363   1.00 28.33 ? 80  ALA A CA  1 
ATOM   554  C C   . ALA A 1 80  ? -8.155  16.953  5.981   1.00 28.26 ? 80  ALA A C   1 
ATOM   555  O O   . ALA A 1 80  ? -7.815  18.127  5.849   1.00 28.69 ? 80  ALA A O   1 
ATOM   556  C CB  . ALA A 1 80  ? -6.971  15.369  7.532   1.00 28.43 ? 80  ALA A CB  1 
ATOM   557  N N   . PHE A 1 81  ? -8.549  16.197  4.962   1.00 28.06 ? 81  PHE A N   1 
ATOM   558  C CA  . PHE A 1 81  ? -8.310  16.596  3.580   1.00 27.83 ? 81  PHE A CA  1 
ATOM   559  C C   . PHE A 1 81  ? -9.566  16.646  2.700   1.00 27.49 ? 81  PHE A C   1 
ATOM   560  O O   . PHE A 1 81  ? -9.525  17.193  1.598   1.00 28.22 ? 81  PHE A O   1 
ATOM   561  C CB  . PHE A 1 81  ? -7.246  15.678  2.952   1.00 27.44 ? 81  PHE A CB  1 
ATOM   562  C CG  . PHE A 1 81  ? -5.971  15.566  3.764   1.00 27.77 ? 81  PHE A CG  1 
ATOM   563  C CD1 . PHE A 1 81  ? -5.207  16.694  4.057   1.00 28.16 ? 81  PHE A CD1 1 
ATOM   564  C CD2 . PHE A 1 81  ? -5.532  14.325  4.225   1.00 27.56 ? 81  PHE A CD2 1 
ATOM   565  C CE1 . PHE A 1 81  ? -4.034  16.589  4.808   1.00 28.36 ? 81  PHE A CE1 1 
ATOM   566  C CE2 . PHE A 1 81  ? -4.357  14.209  4.970   1.00 27.80 ? 81  PHE A CE2 1 
ATOM   567  C CZ  . PHE A 1 81  ? -3.606  15.339  5.260   1.00 27.77 ? 81  PHE A CZ  1 
ATOM   568  N N   . GLY A 1 82  ? -10.666 16.065  3.172   1.00 26.93 ? 82  GLY A N   1 
ATOM   569  C CA  . GLY A 1 82  ? -11.958 16.138  2.467   1.00 25.88 ? 82  GLY A CA  1 
ATOM   570  C C   . GLY A 1 82  ? -12.096 15.287  1.216   1.00 25.16 ? 82  GLY A C   1 
ATOM   571  O O   . GLY A 1 82  ? -13.074 15.418  0.476   1.00 25.12 ? 82  GLY A O   1 
ATOM   572  N N   . ARG A 1 83  ? -11.124 14.411  0.968   1.00 23.45 ? 83  ARG A N   1 
ATOM   573  C CA  . ARG A 1 83  ? -11.146 13.554  -0.216  1.00 22.54 ? 83  ARG A CA  1 
ATOM   574  C C   . ARG A 1 83  ? -10.148 12.409  -0.053  1.00 21.66 ? 83  ARG A C   1 
ATOM   575  O O   . ARG A 1 83  ? -9.265  12.481  0.804   1.00 21.26 ? 83  ARG A O   1 
ATOM   576  C CB  . ARG A 1 83  ? -10.813 14.363  -1.479  1.00 22.32 ? 83  ARG A CB  1 
ATOM   577  C CG  . ARG A 1 83  ? -9.421  14.999  -1.490  1.00 21.88 ? 83  ARG A CG  1 
ATOM   578  C CD  . ARG A 1 83  ? -9.132  15.726  -2.797  1.00 22.89 ? 83  ARG A CD  1 
ATOM   579  N NE  . ARG A 1 83  ? -9.396  14.855  -3.939  1.00 20.84 ? 83  ARG A NE  1 
ATOM   580  C CZ  . ARG A 1 83  ? -10.494 14.900  -4.694  1.00 19.63 ? 83  ARG A CZ  1 
ATOM   581  N NH1 . ARG A 1 83  ? -11.443 15.806  -4.470  1.00 18.09 ? 83  ARG A NH1 1 
ATOM   582  N NH2 . ARG A 1 83  ? -10.634 14.036  -5.681  1.00 17.45 ? 83  ARG A NH2 1 
ATOM   583  N N   . ILE A 1 84  ? -10.311 11.371  -0.876  1.00 20.59 ? 84  ILE A N   1 
ATOM   584  C CA  . ILE A 1 84  ? -9.386  10.232  -0.939  1.00 19.70 ? 84  ILE A CA  1 
ATOM   585  C C   . ILE A 1 84  ? -9.163  9.838   -2.399  1.00 18.91 ? 84  ILE A C   1 
ATOM   586  O O   . ILE A 1 84  ? -10.047 9.272   -3.041  1.00 18.87 ? 84  ILE A O   1 
ATOM   587  C CB  . ILE A 1 84  ? -9.895  8.981   -0.156  1.00 19.70 ? 84  ILE A CB  1 
ATOM   588  C CG1 . ILE A 1 84  ? -10.160 9.305   1.327   1.00 19.96 ? 84  ILE A CG1 1 
ATOM   589  C CG2 . ILE A 1 84  ? -8.874  7.823   -0.273  1.00 19.23 ? 84  ILE A CG2 1 
ATOM   590  C CD1 . ILE A 1 84  ? -11.059 8.272   2.048   1.00 19.52 ? 84  ILE A CD1 1 
ATOM   591  N N   . ASP A 1 85  ? -7.970  10.112  -2.912  1.00 18.23 ? 85  ASP A N   1 
ATOM   592  C CA  . ASP A 1 85  ? -7.662  9.826   -4.316  1.00 18.08 ? 85  ASP A CA  1 
ATOM   593  C C   . ASP A 1 85  ? -6.968  8.484   -4.506  1.00 17.36 ? 85  ASP A C   1 
ATOM   594  O O   . ASP A 1 85  ? -7.095  7.849   -5.546  1.00 17.05 ? 85  ASP A O   1 
ATOM   595  C CB  . ASP A 1 85  ? -6.802  10.950  -4.880  1.00 18.36 ? 85  ASP A CB  1 
ATOM   596  C CG  . ASP A 1 85  ? -7.490  12.289  -4.788  1.00 19.21 ? 85  ASP A CG  1 
ATOM   597  O OD1 . ASP A 1 85  ? -8.361  12.557  -5.641  1.00 20.50 ? 85  ASP A OD1 1 
ATOM   598  O OD2 . ASP A 1 85  ? -7.171  13.061  -3.859  1.00 20.74 ? 85  ASP A OD2 1 
ATOM   599  N N   . ILE A 1 86  ? -6.225  8.066   -3.487  1.00 16.98 ? 86  ILE A N   1 
ATOM   600  C CA  . ILE A 1 86  ? -5.395  6.873   -3.570  1.00 16.55 ? 86  ILE A CA  1 
ATOM   601  C C   . ILE A 1 86  ? -5.522  6.100   -2.261  1.00 16.04 ? 86  ILE A C   1 
ATOM   602  O O   . ILE A 1 86  ? -5.373  6.678   -1.182  1.00 15.72 ? 86  ILE A O   1 
ATOM   603  C CB  . ILE A 1 86  ? -3.911  7.237   -3.797  1.00 16.63 ? 86  ILE A CB  1 
ATOM   604  C CG1 . ILE A 1 86  ? -3.706  7.897   -5.168  1.00 17.24 ? 86  ILE A CG1 1 
ATOM   605  C CG2 . ILE A 1 86  ? -3.014  5.992   -3.713  1.00 16.54 ? 86  ILE A CG2 1 
ATOM   606  C CD1 . ILE A 1 86  ? -2.650  9.002   -5.154  1.00 17.23 ? 86  ILE A CD1 1 
ATOM   607  N N   . LEU A 1 87  ? -5.826  4.811   -2.378  1.00 15.71 ? 87  LEU A N   1 
ATOM   608  C CA  . LEU A 1 87  ? -5.746  3.874   -1.258  1.00 15.38 ? 87  LEU A CA  1 
ATOM   609  C C   . LEU A 1 87  ? -4.702  2.809   -1.573  1.00 15.23 ? 87  LEU A C   1 
ATOM   610  O O   . LEU A 1 87  ? -4.832  2.072   -2.554  1.00 15.54 ? 87  LEU A O   1 
ATOM   611  C CB  . LEU A 1 87  ? -7.093  3.176   -1.015  1.00 14.98 ? 87  LEU A CB  1 
ATOM   612  C CG  . LEU A 1 87  ? -7.099  2.044   0.038   1.00 14.93 ? 87  LEU A CG  1 
ATOM   613  C CD1 . LEU A 1 87  ? -6.714  2.551   1.431   1.00 13.95 ? 87  LEU A CD1 1 
ATOM   614  C CD2 . LEU A 1 87  ? -8.441  1.314   0.095   1.00 14.70 ? 87  LEU A CD2 1 
ATOM   615  N N   . VAL A 1 88  ? -3.685  2.715   -0.724  1.00 15.40 ? 88  VAL A N   1 
ATOM   616  C CA  . VAL A 1 88  ? -2.715  1.625   -0.833  1.00 15.36 ? 88  VAL A CA  1 
ATOM   617  C C   . VAL A 1 88  ? -3.000  0.598   0.281   1.00 15.24 ? 88  VAL A C   1 
ATOM   618  O O   . VAL A 1 88  ? -2.838  0.889   1.470   1.00 14.58 ? 88  VAL A O   1 
ATOM   619  C CB  . VAL A 1 88  ? -1.244  2.129   -0.764  1.00 15.06 ? 88  VAL A CB  1 
ATOM   620  C CG1 . VAL A 1 88  ? -0.281  0.971   -0.997  1.00 15.73 ? 88  VAL A CG1 1 
ATOM   621  C CG2 . VAL A 1 88  ? -0.993  3.214   -1.821  1.00 16.34 ? 88  VAL A CG2 1 
ATOM   622  N N   . ASN A 1 89  ? -3.434  -0.586  -0.119  1.00 15.43 ? 89  ASN A N   1 
ATOM   623  C CA  . ASN A 1 89  ? -3.703  -1.660  0.829   1.00 16.39 ? 89  ASN A CA  1 
ATOM   624  C C   . ASN A 1 89  ? -2.439  -2.483  1.031   1.00 17.05 ? 89  ASN A C   1 
ATOM   625  O O   . ASN A 1 89  ? -2.092  -3.347  0.209   1.00 16.93 ? 89  ASN A O   1 
ATOM   626  C CB  . ASN A 1 89  ? -4.872  -2.526  0.349   1.00 15.80 ? 89  ASN A CB  1 
ATOM   627  C CG  . ASN A 1 89  ? -6.210  -1.810  0.474   1.00 16.55 ? 89  ASN A CG  1 
ATOM   628  O OD1 . ASN A 1 89  ? -6.522  -1.243  1.520   1.00 15.90 ? 89  ASN A OD1 1 
ATOM   629  N ND2 . ASN A 1 89  ? -6.996  -1.825  -0.594  1.00 16.75 ? 89  ASN A ND2 1 
ATOM   630  N N   . ASN A 1 90  ? -1.751  -2.167  2.121   1.00 18.49 ? 90  ASN A N   1 
ATOM   631  C CA  . ASN A 1 90  ? -0.487  -2.776  2.484   1.00 20.39 ? 90  ASN A CA  1 
ATOM   632  C C   . ASN A 1 90  ? -0.602  -3.410  3.881   1.00 22.06 ? 90  ASN A C   1 
ATOM   633  O O   . ASN A 1 90  ? -0.875  -2.718  4.861   1.00 23.22 ? 90  ASN A O   1 
ATOM   634  C CB  . ASN A 1 90  ? 0.601   -1.697  2.469   1.00 19.94 ? 90  ASN A CB  1 
ATOM   635  C CG  . ASN A 1 90  ? 1.946   -2.221  2.896   1.00 20.67 ? 90  ASN A CG  1 
ATOM   636  O OD1 . ASN A 1 90  ? 2.568   -3.009  2.189   1.00 20.20 ? 90  ASN A OD1 1 
ATOM   637  N ND2 . ASN A 1 90  ? 2.398   -1.798  4.069   1.00 21.11 ? 90  ASN A ND2 1 
ATOM   638  N N   . ALA A 1 91  ? -0.412  -4.724  3.958   1.00 23.87 ? 91  ALA A N   1 
ATOM   639  C CA  . ALA A 1 91  ? -0.570  -5.491  5.209   1.00 24.64 ? 91  ALA A CA  1 
ATOM   640  C C   . ALA A 1 91  ? -0.490  -6.989  4.925   1.00 25.19 ? 91  ALA A C   1 
ATOM   641  O O   . ALA A 1 91  ? -0.760  -7.823  5.802   1.00 26.27 ? 91  ALA A O   1 
ATOM   642  C CB  . ALA A 1 91  ? -1.894  -5.154  5.890   1.00 24.97 ? 91  ALA A CB  1 
ATOM   643  N N   . TRP A 1 107 ? -4.370  -20.220 9.664   1.00 35.84 ? 107 TRP A N   1 
ATOM   644  C CA  . TRP A 1 107 ? -5.081  -19.980 8.412   1.00 35.87 ? 107 TRP A CA  1 
ATOM   645  C C   . TRP A 1 107 ? -5.956  -18.730 8.496   1.00 35.83 ? 107 TRP A C   1 
ATOM   646  O O   . TRP A 1 107 ? -5.899  -17.868 7.611   1.00 35.83 ? 107 TRP A O   1 
ATOM   647  C CB  . TRP A 1 107 ? -5.918  -21.200 8.026   1.00 35.87 ? 107 TRP A CB  1 
ATOM   648  N N   . ASP A 1 108 ? -6.754  -18.642 9.562   1.00 35.76 ? 108 ASP A N   1 
ATOM   649  C CA  . ASP A 1 108 ? -7.645  -17.500 9.801   1.00 35.74 ? 108 ASP A CA  1 
ATOM   650  C C   . ASP A 1 108 ? -6.894  -16.174 9.892   1.00 35.56 ? 108 ASP A C   1 
ATOM   651  O O   . ASP A 1 108 ? -7.303  -15.192 9.277   1.00 35.42 ? 108 ASP A O   1 
ATOM   652  C CB  . ASP A 1 108 ? -8.488  -17.708 11.069  1.00 35.88 ? 108 ASP A CB  1 
ATOM   653  C CG  . ASP A 1 108 ? -9.715  -18.577 10.826  1.00 36.27 ? 108 ASP A CG  1 
ATOM   654  O OD1 . ASP A 1 108 ? -10.308 -18.495 9.728   1.00 36.50 ? 108 ASP A OD1 1 
ATOM   655  O OD2 . ASP A 1 108 ? -10.091 -19.338 11.744  1.00 36.65 ? 108 ASP A OD2 1 
ATOM   656  N N   . ASP A 1 109 ? -5.795  -16.164 10.647  1.00 35.40 ? 109 ASP A N   1 
ATOM   657  C CA  . ASP A 1 109 ? -4.977  -14.963 10.847  1.00 35.11 ? 109 ASP A CA  1 
ATOM   658  C C   . ASP A 1 109 ? -4.337  -14.454 9.550   1.00 34.98 ? 109 ASP A C   1 
ATOM   659  O O   . ASP A 1 109 ? -4.252  -13.243 9.329   1.00 34.81 ? 109 ASP A O   1 
ATOM   660  C CB  . ASP A 1 109 ? -3.909  -15.217 11.907  1.00 35.17 ? 109 ASP A CB  1 
ATOM   661  N N   . VAL A 1 110 ? -3.895  -15.386 8.704   1.00 34.71 ? 110 VAL A N   1 
ATOM   662  C CA  . VAL A 1 110 ? -3.281  -15.049 7.415   1.00 34.48 ? 110 VAL A CA  1 
ATOM   663  C C   . VAL A 1 110 ? -4.264  -14.374 6.448   1.00 34.23 ? 110 VAL A C   1 
ATOM   664  O O   . VAL A 1 110 ? -3.967  -13.312 5.892   1.00 33.89 ? 110 VAL A O   1 
ATOM   665  C CB  . VAL A 1 110 ? -2.663  -16.292 6.778   1.00 34.47 ? 110 VAL A CB  1 
ATOM   666  N N   . LEU A 1 111 ? -5.428  -14.997 6.257   1.00 33.99 ? 111 LEU A N   1 
ATOM   667  C CA  . LEU A 1 111 ? -6.466  -14.469 5.366   1.00 33.88 ? 111 LEU A CA  1 
ATOM   668  C C   . LEU A 1 111 ? -7.112  -13.192 5.915   1.00 33.82 ? 111 LEU A C   1 
ATOM   669  O O   . LEU A 1 111 ? -7.534  -12.316 5.147   1.00 33.71 ? 111 LEU A O   1 
ATOM   670  C CB  . LEU A 1 111 ? -7.522  -15.540 5.071   1.00 33.88 ? 111 LEU A CB  1 
ATOM   671  C CG  . LEU A 1 111 ? -7.126  -16.607 4.045   1.00 33.50 ? 111 LEU A CG  1 
ATOM   672  C CD1 . LEU A 1 111 ? -7.758  -17.941 4.381   1.00 33.83 ? 111 LEU A CD1 1 
ATOM   673  C CD2 . LEU A 1 111 ? -7.485  -16.181 2.623   1.00 33.13 ? 111 LEU A CD2 1 
ATOM   674  N N   . ASN A 1 112 ? -7.171  -13.085 7.240   1.00 33.57 ? 112 ASN A N   1 
ATOM   675  C CA  . ASN A 1 112 ? -7.663  -11.870 7.885   1.00 33.46 ? 112 ASN A CA  1 
ATOM   676  C C   . ASN A 1 112 ? -6.717  -10.674 7.753   1.00 33.13 ? 112 ASN A C   1 
ATOM   677  O O   . ASN A 1 112 ? -7.162  -9.564  7.460   1.00 33.50 ? 112 ASN A O   1 
ATOM   678  C CB  . ASN A 1 112 ? -8.015  -12.123 9.358   1.00 33.55 ? 112 ASN A CB  1 
ATOM   679  C CG  . ASN A 1 112 ? -9.266  -12.982 9.529   1.00 33.86 ? 112 ASN A CG  1 
ATOM   680  O OD1 . ASN A 1 112 ? -10.013 -13.227 8.576   1.00 33.87 ? 112 ASN A OD1 1 
ATOM   681  N ND2 . ASN A 1 112 ? -9.492  -13.444 10.751  1.00 33.84 ? 112 ASN A ND2 1 
ATOM   682  N N   . THR A 1 113 ? -5.420  -10.902 7.960   1.00 32.57 ? 113 THR A N   1 
ATOM   683  C CA  . THR A 1 113 ? -4.434  -9.821  7.943   1.00 32.07 ? 113 THR A CA  1 
ATOM   684  C C   . THR A 1 113 ? -4.281  -9.183  6.559   1.00 31.61 ? 113 THR A C   1 
ATOM   685  O O   . THR A 1 113 ? -4.540  -7.997  6.388   1.00 31.76 ? 113 THR A O   1 
ATOM   686  C CB  . THR A 1 113 ? -3.084  -10.305 8.475   1.00 32.24 ? 113 THR A CB  1 
ATOM   687  N N   . ASN A 1 114 ? -3.880  -9.978  5.575   1.00 30.92 ? 114 ASN A N   1 
ATOM   688  C CA  . ASN A 1 114 ? -3.677  -9.473  4.220   1.00 30.14 ? 114 ASN A CA  1 
ATOM   689  C C   . ASN A 1 114 ? -5.003  -9.127  3.540   1.00 29.29 ? 114 ASN A C   1 
ATOM   690  O O   . ASN A 1 114 ? -5.336  -7.940  3.349   1.00 29.56 ? 114 ASN A O   1 
ATOM   691  C CB  . ASN A 1 114 ? -2.893  -10.492 3.395   1.00 30.25 ? 114 ASN A CB  1 
ATOM   692  N N   . LEU A 1 115 ? -5.770  -10.166 3.223   1.00 28.04 ? 115 LEU A N   1 
ATOM   693  C CA  . LEU A 1 115 ? -6.934  -10.064 2.346   1.00 26.74 ? 115 LEU A CA  1 
ATOM   694  C C   . LEU A 1 115 ? -8.133  -9.328  2.944   1.00 26.16 ? 115 LEU A C   1 
ATOM   695  O O   . LEU A 1 115 ? -8.740  -8.486  2.274   1.00 25.71 ? 115 LEU A O   1 
ATOM   696  C CB  . LEU A 1 115 ? -7.332  -11.463 1.856   1.00 26.72 ? 115 LEU A CB  1 
ATOM   697  C CG  . LEU A 1 115 ? -8.414  -11.669 0.794   1.00 26.24 ? 115 LEU A CG  1 
ATOM   698  C CD1 . LEU A 1 115 ? -8.194  -10.803 -0.449  1.00 25.68 ? 115 LEU A CD1 1 
ATOM   699  C CD2 . LEU A 1 115 ? -8.468  -13.142 0.423   1.00 26.17 ? 115 LEU A CD2 1 
ATOM   700  N N   . LYS A 1 116 ? -8.478  -9.635  4.196   1.00 25.53 ? 116 LYS A N   1 
ATOM   701  C CA  . LYS A 1 116 ? -9.658  -9.024  4.817   1.00 24.72 ? 116 LYS A CA  1 
ATOM   702  C C   . LYS A 1 116 ? -9.518  -7.512  5.031   1.00 24.03 ? 116 LYS A C   1 
ATOM   703  O O   . LYS A 1 116 ? -10.482 -6.777  4.814   1.00 24.36 ? 116 LYS A O   1 
ATOM   704  C CB  . LYS A 1 116 ? -10.058 -9.746  6.118   1.00 24.94 ? 116 LYS A CB  1 
ATOM   705  N N   . SER A 1 117 ? -8.326  -7.057  5.420   1.00 23.00 ? 117 SER A N   1 
ATOM   706  C CA  . SER A 1 117 ? -8.025  -5.622  5.529   1.00 22.40 ? 117 SER A CA  1 
ATOM   707  C C   . SER A 1 117 ? -8.211  -4.899  4.191   1.00 21.41 ? 117 SER A C   1 
ATOM   708  O O   . SER A 1 117 ? -8.756  -3.790  4.150   1.00 20.40 ? 117 SER A O   1 
ATOM   709  C CB  . SER A 1 117 ? -6.593  -5.396  6.018   1.00 22.58 ? 117 SER A CB  1 
ATOM   710  O OG  . SER A 1 117 ? -6.316  -6.183  7.168   1.00 25.24 ? 117 SER A OG  1 
ATOM   711  N N   . ALA A 1 118 ? -7.750  -5.530  3.109   1.00 20.32 ? 118 ALA A N   1 
ATOM   712  C CA  . ALA A 1 118 ? -7.884  -4.957  1.766   1.00 20.20 ? 118 ALA A CA  1 
ATOM   713  C C   . ALA A 1 118 ? -9.357  -4.830  1.393   1.00 20.05 ? 118 ALA A C   1 
ATOM   714  O O   . ALA A 1 118 ? -9.779  -3.797  0.871   1.00 19.62 ? 118 ALA A O   1 
ATOM   715  C CB  . ALA A 1 118 ? -7.141  -5.794  0.741   1.00 19.88 ? 118 ALA A CB  1 
ATOM   716  N N   . TYR A 1 119 ? -10.125 -5.881  1.685   1.00 20.19 ? 119 TYR A N   1 
ATOM   717  C CA  . TYR A 1 119 ? -11.564 -5.896  1.441   1.00 20.82 ? 119 TYR A CA  1 
ATOM   718  C C   . TYR A 1 119 ? -12.318 -4.774  2.175   1.00 20.52 ? 119 TYR A C   1 
ATOM   719  O O   . TYR A 1 119 ? -13.115 -4.053  1.562   1.00 20.29 ? 119 TYR A O   1 
ATOM   720  C CB  . TYR A 1 119 ? -12.163 -7.270  1.776   1.00 21.72 ? 119 TYR A CB  1 
ATOM   721  C CG  . TYR A 1 119 ? -13.676 -7.269  1.787   1.00 23.62 ? 119 TYR A CG  1 
ATOM   722  C CD1 . TYR A 1 119 ? -14.402 -7.230  0.594   1.00 24.49 ? 119 TYR A CD1 1 
ATOM   723  C CD2 . TYR A 1 119 ? -14.383 -7.292  2.987   1.00 24.22 ? 119 TYR A CD2 1 
ATOM   724  C CE1 . TYR A 1 119 ? -15.794 -7.213  0.595   1.00 25.41 ? 119 TYR A CE1 1 
ATOM   725  C CE2 . TYR A 1 119 ? -15.779 -7.275  3.000   1.00 25.46 ? 119 TYR A CE2 1 
ATOM   726  C CZ  . TYR A 1 119 ? -16.475 -7.235  1.798   1.00 25.14 ? 119 TYR A CZ  1 
ATOM   727  O OH  . TYR A 1 119 ? -17.855 -7.220  1.800   1.00 25.70 ? 119 TYR A OH  1 
ATOM   728  N N   . LEU A 1 120 ? -12.054 -4.625  3.473   1.00 20.08 ? 120 LEU A N   1 
ATOM   729  C CA  . LEU A 1 120 ? -12.757 -3.641  4.303   1.00 19.55 ? 120 LEU A CA  1 
ATOM   730  C C   . LEU A 1 120 ? -12.398 -2.214  3.922   1.00 19.16 ? 120 LEU A C   1 
ATOM   731  O O   . LEU A 1 120 ? -13.272 -1.341  3.860   1.00 18.32 ? 120 LEU A O   1 
ATOM   732  C CB  . LEU A 1 120 ? -12.471 -3.861  5.797   1.00 20.03 ? 120 LEU A CB  1 
ATOM   733  C CG  . LEU A 1 120 ? -12.984 -5.139  6.477   1.00 20.63 ? 120 LEU A CG  1 
ATOM   734  C CD1 . LEU A 1 120 ? -12.610 -5.153  7.961   1.00 22.79 ? 120 LEU A CD1 1 
ATOM   735  C CD2 . LEU A 1 120 ? -14.490 -5.318  6.305   1.00 22.45 ? 120 LEU A CD2 1 
ATOM   736  N N   . CYS A 1 121 ? -11.112 -1.975  3.678   1.00 18.30 ? 121 CYS A N   1 
ATOM   737  C CA  . CYS A 1 121 ? -10.654 -0.641  3.337   1.00 18.07 ? 121 CYS A CA  1 
ATOM   738  C C   . CYS A 1 121 ? -11.199 -0.212  1.969   1.00 17.96 ? 121 CYS A C   1 
ATOM   739  O O   . CYS A 1 121 ? -11.685 0.903   1.822   1.00 17.77 ? 121 CYS A O   1 
ATOM   740  C CB  . CYS A 1 121 ? -9.130  -0.556  3.397   1.00 18.30 ? 121 CYS A CB  1 
ATOM   741  S SG  . CYS A 1 121 ? -8.461  -0.617  5.080   1.00 18.53 ? 121 CYS A SG  1 
ATOM   742  N N   . THR A 1 122 ? -11.139 -1.117  0.996   1.00 18.14 ? 122 THR A N   1 
ATOM   743  C CA  . THR A 1 122 ? -11.669 -0.872  -0.351  1.00 18.53 ? 122 THR A CA  1 
ATOM   744  C C   . THR A 1 122 ? -13.163 -0.553  -0.279  1.00 19.28 ? 122 THR A C   1 
ATOM   745  O O   . THR A 1 122 ? -13.601 0.462   -0.818  1.00 19.23 ? 122 THR A O   1 
ATOM   746  C CB  . THR A 1 122 ? -11.399 -2.075  -1.289  1.00 18.49 ? 122 THR A CB  1 
ATOM   747  O OG1 . THR A 1 122 ? -9.991  -2.310  -1.362  1.00 17.48 ? 122 THR A OG1 1 
ATOM   748  C CG2 . THR A 1 122 ? -11.923 -1.826  -2.704  1.00 18.85 ? 122 THR A CG2 1 
ATOM   749  N N   . LYS A 1 123 ? -13.927 -1.411  0.402   1.00 19.89 ? 123 LYS A N   1 
ATOM   750  C CA  . LYS A 1 123 ? -15.369 -1.192  0.598   1.00 20.21 ? 123 LYS A CA  1 
ATOM   751  C C   . LYS A 1 123 ? -15.676 0.208   1.158   1.00 20.60 ? 123 LYS A C   1 
ATOM   752  O O   . LYS A 1 123 ? -16.534 0.918   0.624   1.00 21.22 ? 123 LYS A O   1 
ATOM   753  C CB  . LYS A 1 123 ? -15.969 -2.288  1.486   1.00 20.48 ? 123 LYS A CB  1 
ATOM   754  N N   . ALA A 1 124 ? -14.957 0.614   2.204   1.00 20.82 ? 124 ALA A N   1 
ATOM   755  C CA  . ALA A 1 124 ? -15.166 1.926   2.838   1.00 20.86 ? 124 ALA A CA  1 
ATOM   756  C C   . ALA A 1 124 ? -14.749 3.111   1.953   1.00 21.05 ? 124 ALA A C   1 
ATOM   757  O O   . ALA A 1 124 ? -15.488 4.096   1.811   1.00 20.92 ? 124 ALA A O   1 
ATOM   758  C CB  . ALA A 1 124 ? -14.443 1.985   4.190   1.00 20.95 ? 124 ALA A CB  1 
ATOM   759  N N   . VAL A 1 125 ? -13.568 3.011   1.351   1.00 20.77 ? 125 VAL A N   1 
ATOM   760  C CA  . VAL A 1 125 ? -13.039 4.096   0.539   1.00 21.04 ? 125 VAL A CA  1 
ATOM   761  C C   . VAL A 1 125 ? -13.792 4.226   -0.798  1.00 21.06 ? 125 VAL A C   1 
ATOM   762  O O   . VAL A 1 125 ? -13.960 5.328   -1.316  1.00 20.92 ? 125 VAL A O   1 
ATOM   763  C CB  . VAL A 1 125 ? -11.501 3.951   0.352   1.00 21.32 ? 125 VAL A CB  1 
ATOM   764  C CG1 . VAL A 1 125 ? -10.974 4.939   -0.657  1.00 21.87 ? 125 VAL A CG1 1 
ATOM   765  C CG2 . VAL A 1 125 ? -10.783 4.147   1.692   1.00 20.53 ? 125 VAL A CG2 1 
ATOM   766  N N   . SER A 1 126 ? -14.257 3.103   -1.342  1.00 21.43 ? 126 SER A N   1 
ATOM   767  C CA  . SER A 1 126 ? -14.952 3.115   -2.635  1.00 22.21 ? 126 SER A CA  1 
ATOM   768  C C   . SER A 1 126 ? -16.197 4.011   -2.630  1.00 22.23 ? 126 SER A C   1 
ATOM   769  O O   . SER A 1 126 ? -16.567 4.561   -3.665  1.00 22.07 ? 126 SER A O   1 
ATOM   770  C CB  . SER A 1 126 ? -15.311 1.696   -3.091  1.00 22.04 ? 126 SER A CB  1 
ATOM   771  O OG  . SER A 1 126 ? -16.361 1.149   -2.305  1.00 24.03 ? 126 SER A OG  1 
ATOM   772  N N   . LYS A 1 127 ? -16.823 4.160   -1.460  1.00 22.57 ? 127 LYS A N   1 
ATOM   773  C CA  . LYS A 1 127 ? -18.022 4.989   -1.318  1.00 22.61 ? 127 LYS A CA  1 
ATOM   774  C C   . LYS A 1 127 ? -17.710 6.441   -1.641  1.00 22.39 ? 127 LYS A C   1 
ATOM   775  O O   . LYS A 1 127 ? -18.486 7.119   -2.321  1.00 22.54 ? 127 LYS A O   1 
ATOM   776  C CB  . LYS A 1 127 ? -18.606 4.859   0.093   1.00 23.26 ? 127 LYS A CB  1 
ATOM   777  N N   . ILE A 1 128 ? -16.557 6.898   -1.155  1.00 21.58 ? 128 ILE A N   1 
ATOM   778  C CA  . ILE A 1 128 ? -16.068 8.251   -1.384  1.00 20.86 ? 128 ILE A CA  1 
ATOM   779  C C   . ILE A 1 128 ? -15.543 8.432   -2.816  1.00 20.36 ? 128 ILE A C   1 
ATOM   780  O O   . ILE A 1 128 ? -15.806 9.458   -3.454  1.00 19.81 ? 128 ILE A O   1 
ATOM   781  C CB  . ILE A 1 128 ? -15.010 8.613   -0.318  1.00 20.94 ? 128 ILE A CB  1 
ATOM   782  C CG1 . ILE A 1 128 ? -15.698 8.712   1.045   1.00 22.37 ? 128 ILE A CG1 1 
ATOM   783  C CG2 . ILE A 1 128 ? -14.288 9.904   -0.654  1.00 20.84 ? 128 ILE A CG2 1 
ATOM   784  C CD1 . ILE A 1 128 ? -14.810 8.414   2.207   1.00 23.17 ? 128 ILE A CD1 1 
ATOM   785  N N   . MET A 1 129 ? -14.829 7.428   -3.331  1.00 19.57 ? 129 MET A N   1 
ATOM   786  C CA  . MET A 1 129 ? -14.312 7.500   -4.701  1.00 18.94 ? 129 MET A CA  1 
ATOM   787  C C   . MET A 1 129 ? -15.423 7.526   -5.756  1.00 19.22 ? 129 MET A C   1 
ATOM   788  O O   . MET A 1 129 ? -15.274 8.161   -6.802  1.00 19.11 ? 129 MET A O   1 
ATOM   789  C CB  . MET A 1 129 ? -13.327 6.370   -4.977  1.00 18.81 ? 129 MET A CB  1 
ATOM   790  C CG  . MET A 1 129 ? -12.028 6.512   -4.216  1.00 17.45 ? 129 MET A CG  1 
ATOM   791  S SD  . MET A 1 129 ? -10.938 5.104   -4.538  1.00 18.49 ? 129 MET A SD  1 
ATOM   792  C CE  . MET A 1 129 ? -9.447  5.738   -3.767  1.00 17.53 ? 129 MET A CE  1 
ATOM   793  N N   . LEU A 1 130 ? -16.534 6.850   -5.469  1.00 19.54 ? 130 LEU A N   1 
ATOM   794  C CA  . LEU A 1 130 ? -17.693 6.852   -6.364  1.00 20.17 ? 130 LEU A CA  1 
ATOM   795  C C   . LEU A 1 130 ? -18.316 8.236   -6.518  1.00 20.35 ? 130 LEU A C   1 
ATOM   796  O O   . LEU A 1 130 ? -18.778 8.586   -7.610  1.00 20.78 ? 130 LEU A O   1 
ATOM   797  C CB  . LEU A 1 130 ? -18.747 5.840   -5.902  1.00 20.44 ? 130 LEU A CB  1 
ATOM   798  C CG  . LEU A 1 130 ? -18.439 4.364   -6.163  1.00 21.52 ? 130 LEU A CG  1 
ATOM   799  C CD1 . LEU A 1 130 ? -19.359 3.468   -5.343  1.00 23.68 ? 130 LEU A CD1 1 
ATOM   800  C CD2 . LEU A 1 130 ? -18.567 4.042   -7.642  1.00 22.40 ? 130 LEU A CD2 1 
ATOM   801  N N   . LYS A 1 131 ? -18.327 9.014   -5.435  1.00 20.18 ? 131 LYS A N   1 
ATOM   802  C CA  . LYS A 1 131 ? -18.843 10.389  -5.453  1.00 20.04 ? 131 LYS A CA  1 
ATOM   803  C C   . LYS A 1 131 ? -17.893 11.302  -6.230  1.00 19.42 ? 131 LYS A C   1 
ATOM   804  O O   . LYS A 1 131 ? -18.324 12.197  -6.971  1.00 19.02 ? 131 LYS A O   1 
ATOM   805  C CB  . LYS A 1 131 ? -19.003 10.917  -4.034  1.00 20.48 ? 131 LYS A CB  1 
ATOM   806  C CG  . LYS A 1 131 ? -20.237 10.445  -3.279  1.00 22.26 ? 131 LYS A CG  1 
ATOM   807  C CD  . LYS A 1 131 ? -20.240 11.070  -1.878  1.00 24.90 ? 131 LYS A CD  1 
ATOM   808  C CE  . LYS A 1 131 ? -21.414 10.603  -1.016  1.00 26.55 ? 131 LYS A CE  1 
ATOM   809  N NZ  . LYS A 1 131 ? -22.578 11.543  -1.064  1.00 28.17 ? 131 LYS A NZ  1 
ATOM   810  N N   . GLN A 1 132 ? -16.591 11.057  -6.059  1.00 18.25 ? 132 GLN A N   1 
ATOM   811  C CA  . GLN A 1 132 ? -15.558 11.750  -6.807  1.00 17.02 ? 132 GLN A CA  1 
ATOM   812  C C   . GLN A 1 132 ? -15.557 11.351  -8.273  1.00 16.66 ? 132 GLN A C   1 
ATOM   813  O O   . GLN A 1 132 ? -15.041 12.089  -9.102  1.00 16.62 ? 132 GLN A O   1 
ATOM   814  C CB  . GLN A 1 132 ? -14.168 11.442  -6.216  1.00 17.07 ? 132 GLN A CB  1 
ATOM   815  C CG  . GLN A 1 132 ? -13.968 11.954  -4.796  1.00 15.87 ? 132 GLN A CG  1 
ATOM   816  C CD  . GLN A 1 132 ? -12.707 11.430  -4.122  1.00 16.91 ? 132 GLN A CD  1 
ATOM   817  O OE1 . GLN A 1 132 ? -11.914 10.678  -4.705  1.00 17.82 ? 132 GLN A OE1 1 
ATOM   818  N NE2 . GLN A 1 132 ? -12.513 11.835  -2.889  1.00 12.09 ? 132 GLN A NE2 1 
ATOM   819  N N   . LYS A 1 133 ? -16.107 10.178  -8.580  1.00 15.94 ? 133 LYS A N   1 
ATOM   820  C CA  . LYS A 1 133 ? -15.899 9.534   -9.877  1.00 16.18 ? 133 LYS A CA  1 
ATOM   821  C C   . LYS A 1 133 ? -14.404 9.474   -10.230 1.00 16.06 ? 133 LYS A C   1 
ATOM   822  O O   . LYS A 1 133 ? -14.013 9.601   -11.393 1.00 16.15 ? 133 LYS A O   1 
ATOM   823  C CB  . LYS A 1 133 ? -16.720 10.222  -10.990 1.00 15.97 ? 133 LYS A CB  1 
ATOM   824  C CG  . LYS A 1 133 ? -18.223 10.066  -10.835 1.00 15.60 ? 133 LYS A CG  1 
ATOM   825  C CD  . LYS A 1 133 ? -18.956 10.450  -12.120 1.00 16.61 ? 133 LYS A CD  1 
ATOM   826  C CE  . LYS A 1 133 ? -20.462 10.478  -11.922 1.00 16.82 ? 133 LYS A CE  1 
ATOM   827  N NZ  . LYS A 1 133 ? -21.204 10.969  -13.153 1.00 18.84 ? 133 LYS A NZ  1 
ATOM   828  N N   . SER A 1 134 ? -13.564 9.283   -9.215  1.00 16.04 ? 134 SER A N   1 
ATOM   829  C CA  . SER A 1 134 ? -12.113 9.202   -9.421  1.00 15.94 ? 134 SER A CA  1 
ATOM   830  C C   . SER A 1 134 ? -11.461 8.476   -8.253  1.00 15.93 ? 134 SER A C   1 
ATOM   831  O O   . SER A 1 134 ? -11.905 8.597   -7.106  1.00 15.55 ? 134 SER A O   1 
ATOM   832  C CB  . SER A 1 134 ? -11.478 10.593  -9.594  1.00 15.92 ? 134 SER A CB  1 
ATOM   833  O OG  . SER A 1 134 ? -11.564 11.359  -8.411  1.00 17.31 ? 134 SER A OG  1 
ATOM   834  N N   . GLY A 1 135 ? -10.408 7.725   -8.542  1.00 15.99 ? 135 GLY A N   1 
ATOM   835  C CA  . GLY A 1 135 ? -9.714  7.022   -7.471  1.00 16.59 ? 135 GLY A CA  1 
ATOM   836  C C   . GLY A 1 135 ? -8.833  5.905   -7.951  1.00 16.87 ? 135 GLY A C   1 
ATOM   837  O O   . GLY A 1 135 ? -9.113  5.260   -8.959  1.00 16.86 ? 135 GLY A O   1 
ATOM   838  N N   . LYS A 1 136 ? -7.749  5.691   -7.217  1.00 17.38 ? 136 LYS A N   1 
ATOM   839  C CA  . LYS A 1 136 ? -6.825  4.611   -7.523  1.00 17.49 ? 136 LYS A CA  1 
ATOM   840  C C   . LYS A 1 136 ? -6.680  3.731   -6.277  1.00 16.95 ? 136 LYS A C   1 
ATOM   841  O O   . LYS A 1 136 ? -6.364  4.224   -5.211  1.00 16.96 ? 136 LYS A O   1 
ATOM   842  C CB  . LYS A 1 136 ? -5.480  5.194   -7.947  1.00 17.88 ? 136 LYS A CB  1 
ATOM   843  C CG  . LYS A 1 136 ? -5.539  6.106   -9.199  1.00 20.26 ? 136 LYS A CG  1 
ATOM   844  C CD  . LYS A 1 136 ? -4.696  5.577   -10.337 1.00 22.89 ? 136 LYS A CD  1 
ATOM   845  C CE  . LYS A 1 136 ? -4.519  6.622   -11.430 1.00 24.10 ? 136 LYS A CE  1 
ATOM   846  N NZ  . LYS A 1 136 ? -3.581  6.178   -12.492 1.00 24.02 ? 136 LYS A NZ  1 
ATOM   847  N N   . ILE A 1 137 ? -6.956  2.442   -6.424  1.00 16.76 ? 137 ILE A N   1 
ATOM   848  C CA  . ILE A 1 137 ? -6.754  1.472   -5.348  1.00 16.33 ? 137 ILE A CA  1 
ATOM   849  C C   . ILE A 1 137 ? -5.608  0.548   -5.759  1.00 15.49 ? 137 ILE A C   1 
ATOM   850  O O   . ILE A 1 137 ? -5.628  -0.063  -6.837  1.00 15.15 ? 137 ILE A O   1 
ATOM   851  C CB  . ILE A 1 137 ? -8.044  0.678   -5.046  1.00 16.94 ? 137 ILE A CB  1 
ATOM   852  C CG1 . ILE A 1 137 ? -9.169  1.647   -4.650  1.00 16.78 ? 137 ILE A CG1 1 
ATOM   853  C CG2 . ILE A 1 137 ? -7.820  -0.320  -3.900  1.00 17.70 ? 137 ILE A CG2 1 
ATOM   854  C CD1 . ILE A 1 137 ? -10.551 1.108   -4.886  1.00 19.16 ? 137 ILE A CD1 1 
ATOM   855  N N   . ILE A 1 138 ? -4.597  0.488   -4.906  1.00 15.12 ? 138 ILE A N   1 
ATOM   856  C CA  . ILE A 1 138 ? -3.376  -0.254  -5.202  1.00 14.09 ? 138 ILE A CA  1 
ATOM   857  C C   . ILE A 1 138 ? -3.147  -1.239  -4.057  1.00 13.74 ? 138 ILE A C   1 
ATOM   858  O O   . ILE A 1 138 ? -2.931  -0.832  -2.917  1.00 12.61 ? 138 ILE A O   1 
ATOM   859  C CB  . ILE A 1 138 ? -2.162  0.677   -5.367  1.00 14.59 ? 138 ILE A CB  1 
ATOM   860  C CG1 . ILE A 1 138 ? -2.434  1.757   -6.443  1.00 14.50 ? 138 ILE A CG1 1 
ATOM   861  C CG2 . ILE A 1 138 ? -0.904  -0.145  -5.702  1.00 13.83 ? 138 ILE A CG2 1 
ATOM   862  C CD1 . ILE A 1 138 ? -1.547  2.998   -6.315  1.00 15.35 ? 138 ILE A CD1 1 
ATOM   863  N N   . ASN A 1 139 ? -3.223  -2.527  -4.383  1.00 13.29 ? 139 ASN A N   1 
ATOM   864  C CA  . ASN A 1 139 ? -3.131  -3.605  -3.402  1.00 13.99 ? 139 ASN A CA  1 
ATOM   865  C C   . ASN A 1 139 ? -1.718  -4.170  -3.423  1.00 13.81 ? 139 ASN A C   1 
ATOM   866  O O   . ASN A 1 139 ? -1.200  -4.499  -4.484  1.00 14.43 ? 139 ASN A O   1 
ATOM   867  C CB  . ASN A 1 139 ? -4.164  -4.703  -3.736  1.00 13.62 ? 139 ASN A CB  1 
ATOM   868  C CG  . ASN A 1 139 ? -5.614  -4.221  -3.575  1.00 13.89 ? 139 ASN A CG  1 
ATOM   869  O OD1 . ASN A 1 139 ? -5.895  -3.374  -2.743  1.00 15.03 ? 139 ASN A OD1 1 
ATOM   870  N ND2 . ASN A 1 139 ? -6.527  -4.770  -4.373  1.00 15.58 ? 139 ASN A ND2 1 
ATOM   871  N N   . ILE A 1 140 ? -1.078  -4.244  -2.268  1.00 14.00 ? 140 ILE A N   1 
ATOM   872  C CA  . ILE A 1 140 ? 0.260   -4.853  -2.188  1.00 14.18 ? 140 ILE A CA  1 
ATOM   873  C C   . ILE A 1 140 ? 0.154   -6.261  -1.594  1.00 14.43 ? 140 ILE A C   1 
ATOM   874  O O   . ILE A 1 140 ? -0.395  -6.444  -0.504  1.00 13.89 ? 140 ILE A O   1 
ATOM   875  C CB  . ILE A 1 140 ? 1.265   -4.003  -1.354  1.00 14.44 ? 140 ILE A CB  1 
ATOM   876  C CG1 . ILE A 1 140 ? 1.120   -2.496  -1.637  1.00 13.68 ? 140 ILE A CG1 1 
ATOM   877  C CG2 . ILE A 1 140 ? 2.721   -4.526  -1.541  1.00 13.87 ? 140 ILE A CG2 1 
ATOM   878  C CD1 . ILE A 1 140 ? 1.417   -2.065  -3.066  1.00 14.49 ? 140 ILE A CD1 1 
ATOM   879  N N   . THR A 1 141 ? 0.666   -7.252  -2.322  1.00 14.57 ? 141 THR A N   1 
ATOM   880  C CA  . THR A 1 141 ? 0.654   -8.621  -1.835  1.00 15.68 ? 141 THR A CA  1 
ATOM   881  C C   . THR A 1 141 ? 1.721   -8.788  -0.762  1.00 16.66 ? 141 THR A C   1 
ATOM   882  O O   . THR A 1 141 ? 2.716   -8.056  -0.743  1.00 16.04 ? 141 THR A O   1 
ATOM   883  C CB  . THR A 1 141 ? 0.860   -9.672  -2.951  1.00 15.60 ? 141 THR A CB  1 
ATOM   884  O OG1 . THR A 1 141 ? 2.143   -9.494  -3.567  1.00 15.55 ? 141 THR A OG1 1 
ATOM   885  C CG2 . THR A 1 141 ? -0.231  -9.571  -4.000  1.00 15.88 ? 141 THR A CG2 1 
ATOM   886  N N   . SER A 1 142 ? 1.482   -9.737  0.139   1.00 18.00 ? 142 SER A N   1 
ATOM   887  C CA  . SER A 1 142 ? 2.416   -10.057 1.211   1.00 19.70 ? 142 SER A CA  1 
ATOM   888  C C   . SER A 1 142 ? 3.526   -10.935 0.669   1.00 20.17 ? 142 SER A C   1 
ATOM   889  O O   . SER A 1 142 ? 4.468   -10.432 0.077   1.00 21.48 ? 142 SER A O   1 
ATOM   890  C CB  . SER A 1 142 ? 1.696   -10.781 2.342   1.00 19.66 ? 142 SER A CB  1 
ATOM   891  O OG  . SER A 1 142 ? 0.611   -9.999  2.826   1.00 22.71 ? 142 SER A OG  1 
ATOM   892  N N   . GLN A 1 152 ? 2.849   -21.804 4.142   1.00 20.71 ? 152 GLN A N   1 
ATOM   893  C CA  . GLN A 1 152 ? 3.101   -21.500 2.737   1.00 20.55 ? 152 GLN A CA  1 
ATOM   894  C C   . GLN A 1 152 ? 1.808   -21.493 1.926   1.00 20.40 ? 152 GLN A C   1 
ATOM   895  O O   . GLN A 1 152 ? 1.592   -20.585 1.131   1.00 20.70 ? 152 GLN A O   1 
ATOM   896  C CB  . GLN A 1 152 ? 4.107   -22.480 2.140   1.00 20.57 ? 152 GLN A CB  1 
ATOM   897  N N   . ALA A 1 153 ? 0.958   -22.502 2.134   1.00 20.20 ? 153 ALA A N   1 
ATOM   898  C CA  . ALA A 1 153 ? -0.336  -22.603 1.440   1.00 19.82 ? 153 ALA A CA  1 
ATOM   899  C C   . ALA A 1 153 ? -1.268  -21.453 1.805   1.00 19.64 ? 153 ALA A C   1 
ATOM   900  O O   . ALA A 1 153 ? -1.969  -20.914 0.943   1.00 19.38 ? 153 ALA A O   1 
ATOM   901  C CB  . ALA A 1 153 ? -1.003  -23.946 1.726   1.00 20.08 ? 153 ALA A CB  1 
ATOM   902  N N   . ASN A 1 154 ? -1.254  -21.082 3.087   1.00 19.24 ? 154 ASN A N   1 
ATOM   903  C CA  . ASN A 1 154 ? -1.993  -19.929 3.602   1.00 18.82 ? 154 ASN A CA  1 
ATOM   904  C C   . ASN A 1 154 ? -1.605  -18.631 2.895   1.00 18.37 ? 154 ASN A C   1 
ATOM   905  O O   . ASN A 1 154 ? -2.475  -17.869 2.470   1.00 18.57 ? 154 ASN A O   1 
ATOM   906  C CB  . ASN A 1 154 ? -1.784  -19.800 5.127   1.00 19.23 ? 154 ASN A CB  1 
ATOM   907  N N   . TYR A 1 155 ? -0.303  -18.391 2.762   1.00 17.53 ? 155 TYR A N   1 
ATOM   908  C CA  . TYR A 1 155 ? 0.200   -17.203 2.083   1.00 16.62 ? 155 TYR A CA  1 
ATOM   909  C C   . TYR A 1 155 ? -0.120  -17.244 0.590   1.00 16.21 ? 155 TYR A C   1 
ATOM   910  O O   . TYR A 1 155 ? -0.531  -16.231 0.012   1.00 15.58 ? 155 TYR A O   1 
ATOM   911  C CB  . TYR A 1 155 ? 1.704   -17.048 2.306   1.00 16.77 ? 155 TYR A CB  1 
ATOM   912  N N   . ALA A 1 156 ? 0.064   -18.414 -0.023  1.00 15.55 ? 156 ALA A N   1 
ATOM   913  C CA  . ALA A 1 156 ? -0.214  -18.590 -1.453  1.00 15.23 ? 156 ALA A CA  1 
ATOM   914  C C   . ALA A 1 156 ? -1.677  -18.312 -1.805  1.00 15.07 ? 156 ALA A C   1 
ATOM   915  O O   . ALA A 1 156 ? -1.955  -17.600 -2.780  1.00 15.34 ? 156 ALA A O   1 
ATOM   916  C CB  . ALA A 1 156 ? 0.194   -19.979 -1.914  1.00 15.01 ? 156 ALA A CB  1 
ATOM   917  N N   . ALA A 1 157 ? -2.597  -18.848 -1.005  1.00 14.75 ? 157 ALA A N   1 
ATOM   918  C CA  . ALA A 1 157 ? -4.034  -18.624 -1.196  1.00 15.24 ? 157 ALA A CA  1 
ATOM   919  C C   . ALA A 1 157 ? -4.431  -17.162 -0.993  1.00 15.46 ? 157 ALA A C   1 
ATOM   920  O O   . ALA A 1 157 ? -5.263  -16.637 -1.739  1.00 15.05 ? 157 ALA A O   1 
ATOM   921  C CB  . ALA A 1 157 ? -4.858  -19.540 -0.273  1.00 15.16 ? 157 ALA A CB  1 
ATOM   922  N N   . SER A 1 158 ? -3.831  -16.528 0.020   1.00 15.76 ? 158 SER A N   1 
ATOM   923  C CA  . SER A 1 158 ? -4.053  -15.123 0.356   1.00 16.28 ? 158 SER A CA  1 
ATOM   924  C C   . SER A 1 158 ? -3.562  -14.203 -0.748  1.00 15.64 ? 158 SER A C   1 
ATOM   925  O O   . SER A 1 158 ? -4.256  -13.269 -1.139  1.00 15.43 ? 158 SER A O   1 
ATOM   926  C CB  . SER A 1 158 ? -3.329  -14.752 1.658   1.00 16.33 ? 158 SER A CB  1 
ATOM   927  O OG  . SER A 1 158 ? -3.777  -15.548 2.733   1.00 19.63 ? 158 SER A OG  1 
ATOM   928  N N   . LYS A 1 159 ? -2.347  -14.461 -1.223  1.00 15.31 ? 159 LYS A N   1 
ATOM   929  C CA  . LYS A 1 159 ? -1.763  -13.701 -2.313  1.00 15.71 ? 159 LYS A CA  1 
ATOM   930  C C   . LYS A 1 159 ? -2.621  -13.794 -3.581  1.00 15.27 ? 159 LYS A C   1 
ATOM   931  O O   . LYS A 1 159 ? -2.934  -12.768 -4.188  1.00 15.37 ? 159 LYS A O   1 
ATOM   932  C CB  . LYS A 1 159 ? -0.335  -14.177 -2.597  1.00 15.29 ? 159 LYS A CB  1 
ATOM   933  C CG  . LYS A 1 159 ? 0.388   -13.385 -3.688  1.00 15.99 ? 159 LYS A CG  1 
ATOM   934  C CD  . LYS A 1 159 ? 1.805   -13.920 -3.898  1.00 17.06 ? 159 LYS A CD  1 
ATOM   935  C CE  . LYS A 1 159 ? 2.472   -13.306 -5.119  1.00 19.80 ? 159 LYS A CE  1 
ATOM   936  N NZ  . LYS A 1 159 ? 3.958   -13.317 -4.951  1.00 22.16 ? 159 LYS A NZ  1 
ATOM   937  N N   . ALA A 1 160 ? -2.988  -15.019 -3.968  1.00 14.38 ? 160 ALA A N   1 
ATOM   938  C CA  . ALA A 1 160 ? -3.807  -15.250 -5.163  1.00 14.27 ? 160 ALA A CA  1 
ATOM   939  C C   . ALA A 1 160 ? -5.206  -14.667 -4.994  1.00 14.11 ? 160 ALA A C   1 
ATOM   940  O O   . ALA A 1 160 ? -5.801  -14.162 -5.955  1.00 14.00 ? 160 ALA A O   1 
ATOM   941  C CB  . ALA A 1 160 ? -3.890  -16.731 -5.476  1.00 13.82 ? 160 ALA A CB  1 
ATOM   942  N N   . GLY A 1 161 ? -5.720  -14.761 -3.770  1.00 14.03 ? 161 GLY A N   1 
ATOM   943  C CA  . GLY A 1 161 ? -6.998  -14.168 -3.387  1.00 14.24 ? 161 GLY A CA  1 
ATOM   944  C C   . GLY A 1 161 ? -6.999  -12.665 -3.591  1.00 14.43 ? 161 GLY A C   1 
ATOM   945  O O   . GLY A 1 161 ? -7.938  -12.119 -4.168  1.00 14.10 ? 161 GLY A O   1 
ATOM   946  N N   . LEU A 1 162 ? -5.944  -12.001 -3.125  1.00 14.58 ? 162 LEU A N   1 
ATOM   947  C CA  . LEU A 1 162 ? -5.836  -10.548 -3.247  1.00 15.24 ? 162 LEU A CA  1 
ATOM   948  C C   . LEU A 1 162 ? -5.765  -10.112 -4.711  1.00 15.33 ? 162 LEU A C   1 
ATOM   949  O O   . LEU A 1 162 ? -6.322  -9.077  -5.084  1.00 15.20 ? 162 LEU A O   1 
ATOM   950  C CB  . LEU A 1 162 ? -4.638  -10.006 -2.446  1.00 15.28 ? 162 LEU A CB  1 
ATOM   951  C CG  . LEU A 1 162 ? -4.478  -8.474  -2.417  1.00 15.12 ? 162 LEU A CG  1 
ATOM   952  C CD1 . LEU A 1 162 ? -5.614  -7.826  -1.636  1.00 16.79 ? 162 LEU A CD1 1 
ATOM   953  C CD2 . LEU A 1 162 ? -3.148  -8.077  -1.810  1.00 15.38 ? 162 LEU A CD2 1 
ATOM   954  N N   . ILE A 1 163 ? -5.092  -10.914 -5.533  1.00 15.46 ? 163 ILE A N   1 
ATOM   955  C CA  . ILE A 1 163 ? -5.017  -10.678 -6.981  1.00 15.51 ? 163 ILE A CA  1 
ATOM   956  C C   . ILE A 1 163 ? -6.394  -10.829 -7.668  1.00 15.70 ? 163 ILE A C   1 
ATOM   957  O O   . ILE A 1 163 ? -6.789  -9.986  -8.481  1.00 16.04 ? 163 ILE A O   1 
ATOM   958  C CB  . ILE A 1 163 ? -3.907  -11.546 -7.643  1.00 15.12 ? 163 ILE A CB  1 
ATOM   959  C CG1 . ILE A 1 163 ? -2.526  -11.043 -7.179  1.00 14.87 ? 163 ILE A CG1 1 
ATOM   960  C CG2 . ILE A 1 163 ? -4.017  -11.514 -9.174  1.00 15.64 ? 163 ILE A CG2 1 
ATOM   961  C CD1 . ILE A 1 163 ? -1.344  -11.950 -7.533  1.00 16.16 ? 163 ILE A CD1 1 
ATOM   962  N N   . GLY A 1 164 ? -7.121  -11.889 -7.327  1.00 15.70 ? 164 GLY A N   1 
ATOM   963  C CA  . GLY A 1 164 ? -8.474  -12.086 -7.843  1.00 16.09 ? 164 GLY A CA  1 
ATOM   964  C C   . GLY A 1 164 ? -9.403  -10.976 -7.387  1.00 15.83 ? 164 GLY A C   1 
ATOM   965  O O   . GLY A 1 164 ? -10.233 -10.493 -8.163  1.00 15.03 ? 164 GLY A O   1 
ATOM   966  N N   . PHE A 1 165 ? -9.250  -10.574 -6.127  1.00 15.98 ? 165 PHE A N   1 
ATOM   967  C CA  . PHE A 1 165 ? -10.009 -9.455  -5.556  1.00 16.13 ? 165 PHE A CA  1 
ATOM   968  C C   . PHE A 1 165 ? -9.753  -8.168  -6.346  1.00 15.95 ? 165 PHE A C   1 
ATOM   969  O O   . PHE A 1 165 ? -10.697 -7.490  -6.756  1.00 16.14 ? 165 PHE A O   1 
ATOM   970  C CB  . PHE A 1 165 ? -9.652  -9.257  -4.081  1.00 16.78 ? 165 PHE A CB  1 
ATOM   971  C CG  . PHE A 1 165 ? -10.387 -8.116  -3.421  1.00 17.14 ? 165 PHE A CG  1 
ATOM   972  C CD1 . PHE A 1 165 ? -11.758 -8.192  -3.189  1.00 17.65 ? 165 PHE A CD1 1 
ATOM   973  C CD2 . PHE A 1 165 ? -9.707  -6.971  -3.031  1.00 17.73 ? 165 PHE A CD2 1 
ATOM   974  C CE1 . PHE A 1 165 ? -12.439 -7.135  -2.579  1.00 17.94 ? 165 PHE A CE1 1 
ATOM   975  C CE2 . PHE A 1 165 ? -10.379 -5.916  -2.419  1.00 17.35 ? 165 PHE A CE2 1 
ATOM   976  C CZ  . PHE A 1 165 ? -11.738 -5.999  -2.185  1.00 16.53 ? 165 PHE A CZ  1 
ATOM   977  N N   . THR A 1 166 ? -8.475  -7.857  -6.554  1.00 15.57 ? 166 THR A N   1 
ATOM   978  C CA  . THR A 1 166 ? -8.023  -6.737  -7.386  1.00 15.31 ? 166 THR A CA  1 
ATOM   979  C C   . THR A 1 166 ? -8.719  -6.684  -8.732  1.00 15.49 ? 166 THR A C   1 
ATOM   980  O O   . THR A 1 166 ? -9.231  -5.631  -9.127  1.00 15.65 ? 166 THR A O   1 
ATOM   981  C CB  . THR A 1 166 ? -6.488  -6.811  -7.636  1.00 15.13 ? 166 THR A CB  1 
ATOM   982  O OG1 . THR A 1 166 ? -5.808  -6.705  -6.391  1.00 14.38 ? 166 THR A OG1 1 
ATOM   983  C CG2 . THR A 1 166 ? -6.014  -5.691  -8.572  1.00 14.86 ? 166 THR A CG2 1 
ATOM   984  N N   . LYS A 1 167 ? -8.733  -7.821  -9.428  1.00 15.65 ? 167 LYS A N   1 
ATOM   985  C CA  . LYS A 1 167 ? -9.267  -7.910  -10.774 1.00 16.47 ? 167 LYS A CA  1 
ATOM   986  C C   . LYS A 1 167 ? -10.783 -7.748  -10.776 1.00 16.56 ? 167 LYS A C   1 
ATOM   987  O O   . LYS A 1 167 ? -11.340 -7.143  -11.695 1.00 16.42 ? 167 LYS A O   1 
ATOM   988  C CB  . LYS A 1 167 ? -8.873  -9.237  -11.425 1.00 16.80 ? 167 LYS A CB  1 
ATOM   989  C CG  . LYS A 1 167 ? -7.387  -9.332  -11.764 1.00 18.09 ? 167 LYS A CG  1 
ATOM   990  C CD  . LYS A 1 167 ? -7.017  -10.706 -12.278 1.00 21.48 ? 167 LYS A CD  1 
ATOM   991  C CE  . LYS A 1 167 ? -5.526  -10.782 -12.610 1.00 23.61 ? 167 LYS A CE  1 
ATOM   992  N NZ  . LYS A 1 167 ? -5.074  -12.178 -12.931 1.00 26.71 ? 167 LYS A NZ  1 
ATOM   993  N N   . SER A 1 168 ? -11.426 -8.293  -9.743  1.00 15.96 ? 168 SER A N   1 
ATOM   994  C CA  . SER A 1 168 ? -12.873 -8.162  -9.530  1.00 16.43 ? 168 SER A CA  1 
ATOM   995  C C   . SER A 1 168 ? -13.291 -6.711  -9.303  1.00 15.90 ? 168 SER A C   1 
ATOM   996  O O   . SER A 1 168 ? -14.198 -6.225  -9.970  1.00 16.74 ? 168 SER A O   1 
ATOM   997  C CB  . SER A 1 168 ? -13.315 -9.014  -8.341  1.00 15.96 ? 168 SER A CB  1 
ATOM   998  O OG  . SER A 1 168 ? -14.726 -9.138  -8.329  1.00 18.11 ? 168 SER A OG  1 
ATOM   999  N N   . ILE A 1 169 ? -12.631 -6.043  -8.353  1.00 15.42 ? 169 ILE A N   1 
ATOM   1000 C CA  . ILE A 1 169 ? -12.855 -4.624  -8.029  1.00 15.06 ? 169 ILE A CA  1 
ATOM   1001 C C   . ILE A 1 169 ? -12.631 -3.712  -9.235  1.00 15.37 ? 169 ILE A C   1 
ATOM   1002 O O   . ILE A 1 169 ? -13.395 -2.761  -9.471  1.00 14.93 ? 169 ILE A O   1 
ATOM   1003 C CB  . ILE A 1 169 ? -11.967 -4.166  -6.825  1.00 14.99 ? 169 ILE A CB  1 
ATOM   1004 C CG1 . ILE A 1 169 ? -12.426 -4.826  -5.511  1.00 14.62 ? 169 ILE A CG1 1 
ATOM   1005 C CG2 . ILE A 1 169 ? -11.943 -2.628  -6.676  1.00 14.12 ? 169 ILE A CG2 1 
ATOM   1006 C CD1 . ILE A 1 169 ? -13.873 -4.516  -5.082  1.00 15.24 ? 169 ILE A CD1 1 
ATOM   1007 N N   . ALA A 1 170 ? -11.585 -4.012  -10.000 1.00 15.24 ? 170 ALA A N   1 
ATOM   1008 C CA  . ALA A 1 170 ? -11.273 -3.242  -11.202 1.00 15.91 ? 170 ALA A CA  1 
ATOM   1009 C C   . ALA A 1 170 ? -12.443 -3.323  -12.194 1.00 16.32 ? 170 ALA A C   1 
ATOM   1010 O O   . ALA A 1 170 ? -12.921 -2.302  -12.689 1.00 16.01 ? 170 ALA A O   1 
ATOM   1011 C CB  . ALA A 1 170 ? -9.999  -3.765  -11.837 1.00 15.10 ? 170 ALA A CB  1 
ATOM   1012 N N   . LYS A 1 171 ? -12.897 -4.547  -12.457 1.00 17.24 ? 171 LYS A N   1 
ATOM   1013 C CA  . LYS A 1 171 ? -14.033 -4.802  -13.349 1.00 18.51 ? 171 LYS A CA  1 
ATOM   1014 C C   . LYS A 1 171 ? -15.299 -4.068  -12.872 1.00 18.56 ? 171 LYS A C   1 
ATOM   1015 O O   . LYS A 1 171 ? -16.003 -3.446  -13.673 1.00 18.54 ? 171 LYS A O   1 
ATOM   1016 C CB  . LYS A 1 171 ? -14.267 -6.313  -13.455 1.00 18.12 ? 171 LYS A CB  1 
ATOM   1017 C CG  . LYS A 1 171 ? -15.341 -6.746  -14.432 1.00 19.68 ? 171 LYS A CG  1 
ATOM   1018 C CD  . LYS A 1 171 ? -15.401 -8.268  -14.512 1.00 19.84 ? 171 LYS A CD  1 
ATOM   1019 C CE  . LYS A 1 171 ? -16.511 -8.742  -15.442 1.00 22.79 ? 171 LYS A CE  1 
ATOM   1020 N NZ  . LYS A 1 171 ? -16.588 -10.237 -15.480 1.00 24.68 ? 171 LYS A NZ  1 
ATOM   1021 N N   . GLU A 1 172 ? -15.557 -4.132  -11.565 1.00 18.92 ? 172 GLU A N   1 
ATOM   1022 C CA  . GLU A 1 172 ? -16.760 -3.561  -10.952 1.00 19.44 ? 172 GLU A CA  1 
ATOM   1023 C C   . GLU A 1 172 ? -16.821 -2.033  -11.018 1.00 19.25 ? 172 GLU A C   1 
ATOM   1024 O O   . GLU A 1 172 ? -17.893 -1.466  -11.243 1.00 18.76 ? 172 GLU A O   1 
ATOM   1025 C CB  . GLU A 1 172 ? -16.881 -4.029  -9.495  1.00 19.36 ? 172 GLU A CB  1 
ATOM   1026 C CG  . GLU A 1 172 ? -18.041 -3.401  -8.718  1.00 20.46 ? 172 GLU A CG  1 
ATOM   1027 C CD  . GLU A 1 172 ? -18.154 -3.909  -7.285  1.00 21.60 ? 172 GLU A CD  1 
ATOM   1028 O OE1 . GLU A 1 172 ? -19.137 -3.528  -6.611  1.00 23.39 ? 172 GLU A OE1 1 
ATOM   1029 O OE2 . GLU A 1 172 ? -17.275 -4.691  -6.839  1.00 23.90 ? 172 GLU A OE2 1 
ATOM   1030 N N   . PHE A 1 173 ? -15.682 -1.369  -10.820 1.00 18.86 ? 173 PHE A N   1 
ATOM   1031 C CA  . PHE A 1 173 ? -15.671 0.089   -10.707 1.00 19.65 ? 173 PHE A CA  1 
ATOM   1032 C C   . PHE A 1 173 ? -15.112 0.818   -11.935 1.00 19.64 ? 173 PHE A C   1 
ATOM   1033 O O   . PHE A 1 173 ? -15.019 2.051   -11.939 1.00 19.16 ? 173 PHE A O   1 
ATOM   1034 C CB  . PHE A 1 173 ? -14.955 0.533   -9.424  1.00 20.08 ? 173 PHE A CB  1 
ATOM   1035 C CG  . PHE A 1 173 ? -15.648 0.094   -8.163  1.00 21.43 ? 173 PHE A CG  1 
ATOM   1036 C CD1 . PHE A 1 173 ? -15.111 -0.911  -7.374  1.00 23.43 ? 173 PHE A CD1 1 
ATOM   1037 C CD2 . PHE A 1 173 ? -16.847 0.678   -7.771  1.00 22.93 ? 173 PHE A CD2 1 
ATOM   1038 C CE1 . PHE A 1 173 ? -15.760 -1.328  -6.209  1.00 23.71 ? 173 PHE A CE1 1 
ATOM   1039 C CE2 . PHE A 1 173 ? -17.498 0.267   -6.609  1.00 23.41 ? 173 PHE A CE2 1 
ATOM   1040 C CZ  . PHE A 1 173 ? -16.951 -0.735  -5.831  1.00 22.21 ? 173 PHE A CZ  1 
ATOM   1041 N N   . ALA A 1 174 ? -14.771 0.054   -12.971 1.00 20.01 ? 174 ALA A N   1 
ATOM   1042 C CA  . ALA A 1 174 ? -14.211 0.606   -14.210 1.00 20.64 ? 174 ALA A CA  1 
ATOM   1043 C C   . ALA A 1 174 ? -15.124 1.665   -14.834 1.00 21.10 ? 174 ALA A C   1 
ATOM   1044 O O   . ALA A 1 174 ? -14.653 2.724   -15.256 1.00 21.34 ? 174 ALA A O   1 
ATOM   1045 C CB  . ALA A 1 174 ? -13.939 -0.502  -15.199 1.00 20.55 ? 174 ALA A CB  1 
ATOM   1046 N N   . ALA A 1 175 ? -16.426 1.379   -14.862 1.00 21.27 ? 175 ALA A N   1 
ATOM   1047 C CA  . ALA A 1 175 ? -17.420 2.272   -15.471 1.00 21.68 ? 175 ALA A CA  1 
ATOM   1048 C C   . ALA A 1 175 ? -17.468 3.634   -14.780 1.00 21.73 ? 175 ALA A C   1 
ATOM   1049 O O   . ALA A 1 175 ? -17.856 4.640   -15.386 1.00 21.96 ? 175 ALA A O   1 
ATOM   1050 C CB  . ALA A 1 175 ? -18.803 1.614   -15.457 1.00 21.78 ? 175 ALA A CB  1 
ATOM   1051 N N   . LYS A 1 176 ? -17.058 3.660   -13.515 1.00 21.50 ? 176 LYS A N   1 
ATOM   1052 C CA  . LYS A 1 176 ? -17.115 4.872   -12.710 1.00 22.08 ? 176 LYS A CA  1 
ATOM   1053 C C   . LYS A 1 176 ? -15.783 5.617   -12.600 1.00 21.75 ? 176 LYS A C   1 
ATOM   1054 O O   . LYS A 1 176 ? -15.661 6.558   -11.815 1.00 22.20 ? 176 LYS A O   1 
ATOM   1055 C CB  . LYS A 1 176 ? -17.678 4.564   -11.319 1.00 22.61 ? 176 LYS A CB  1 
ATOM   1056 C CG  . LYS A 1 176 ? -19.099 3.985   -11.330 1.00 24.57 ? 176 LYS A CG  1 
ATOM   1057 C CD  . LYS A 1 176 ? -19.079 2.484   -11.068 1.00 27.63 ? 176 LYS A CD  1 
ATOM   1058 C CE  . LYS A 1 176 ? -20.358 2.032   -10.358 1.00 28.84 ? 176 LYS A CE  1 
ATOM   1059 N NZ  . LYS A 1 176 ? -20.206 0.688   -9.710  1.00 29.11 ? 176 LYS A NZ  1 
ATOM   1060 N N   . GLY A 1 177 ? -14.793 5.189   -13.379 1.00 21.36 ? 177 GLY A N   1 
ATOM   1061 C CA  . GLY A 1 177 ? -13.487 5.858   -13.425 1.00 21.19 ? 177 GLY A CA  1 
ATOM   1062 C C   . GLY A 1 177 ? -12.491 5.445   -12.341 1.00 20.63 ? 177 GLY A C   1 
ATOM   1063 O O   . GLY A 1 177 ? -11.377 5.977   -12.285 1.00 21.80 ? 177 GLY A O   1 
ATOM   1064 N N   . ILE A 1 178 ? -12.887 4.510   -11.482 1.00 19.15 ? 178 ILE A N   1 
ATOM   1065 C CA  . ILE A 1 178 ? -12.025 4.049   -10.389 1.00 17.39 ? 178 ILE A CA  1 
ATOM   1066 C C   . ILE A 1 178 ? -11.155 2.881   -10.841 1.00 16.68 ? 178 ILE A C   1 
ATOM   1067 O O   . ILE A 1 178 ? -11.644 1.905   -11.415 1.00 16.26 ? 178 ILE A O   1 
ATOM   1068 C CB  . ILE A 1 178 ? -12.849 3.681   -9.135  1.00 17.55 ? 178 ILE A CB  1 
ATOM   1069 C CG1 . ILE A 1 178 ? -13.651 4.902   -8.662  1.00 17.11 ? 178 ILE A CG1 1 
ATOM   1070 C CG2 . ILE A 1 178 ? -11.956 3.135   -7.995  1.00 16.35 ? 178 ILE A CG2 1 
ATOM   1071 C CD1 . ILE A 1 178 ? -14.883 4.559   -7.854  1.00 17.44 ? 178 ILE A CD1 1 
ATOM   1072 N N   . TYR A 1 179 ? -9.858  3.009   -10.566 1.00 15.76 ? 179 TYR A N   1 
ATOM   1073 C CA  . TYR A 1 179 ? -8.835  2.034   -10.940 1.00 15.10 ? 179 TYR A CA  1 
ATOM   1074 C C   . TYR A 1 179 ? -8.551  1.088   -9.774  1.00 14.55 ? 179 TYR A C   1 
ATOM   1075 O O   . TYR A 1 179 ? -8.636  1.492   -8.606  1.00 14.32 ? 179 TYR A O   1 
ATOM   1076 C CB  . TYR A 1 179 ? -7.531  2.773   -11.266 1.00 15.01 ? 179 TYR A CB  1 
ATOM   1077 C CG  . TYR A 1 179 ? -7.538  3.604   -12.526 1.00 14.70 ? 179 TYR A CG  1 
ATOM   1078 C CD1 . TYR A 1 179 ? -7.721  4.978   -12.482 1.00 14.23 ? 179 TYR A CD1 1 
ATOM   1079 C CD2 . TYR A 1 179 ? -7.332  3.006   -13.765 1.00 14.30 ? 179 TYR A CD2 1 
ATOM   1080 C CE1 . TYR A 1 179 ? -7.713  5.745   -13.660 1.00 15.23 ? 179 TYR A CE1 1 
ATOM   1081 C CE2 . TYR A 1 179 ? -7.321  3.745   -14.930 1.00 15.61 ? 179 TYR A CE2 1 
ATOM   1082 C CZ  . TYR A 1 179 ? -7.511  5.111   -14.876 1.00 14.91 ? 179 TYR A CZ  1 
ATOM   1083 O OH  . TYR A 1 179 ? -7.475  5.821   -16.050 1.00 14.19 ? 179 TYR A OH  1 
ATOM   1084 N N   . CYS A 1 180 ? -8.226  -0.162  -10.096 1.00 14.04 ? 180 CYS A N   1 
ATOM   1085 C CA  . CYS A 1 180 ? -7.690  -1.089  -9.107  1.00 13.08 ? 180 CYS A CA  1 
ATOM   1086 C C   . CYS A 1 180 ? -6.581  -1.928  -9.719  1.00 12.63 ? 180 CYS A C   1 
ATOM   1087 O O   . CYS A 1 180 ? -6.795  -2.646  -10.702 1.00 12.02 ? 180 CYS A O   1 
ATOM   1088 C CB  . CYS A 1 180 ? -8.770  -1.994  -8.509  1.00 13.11 ? 180 CYS A CB  1 
ATOM   1089 S SG  . CYS A 1 180 ? -8.172  -2.918  -7.056  1.00 14.32 ? 180 CYS A SG  1 
ATOM   1090 N N   . ASN A 1 181 ? -5.386  -1.836  -9.133  1.00 12.22 ? 181 ASN A N   1 
ATOM   1091 C CA  . ASN A 1 181 ? -4.263  -2.660  -9.592  1.00 12.43 ? 181 ASN A CA  1 
ATOM   1092 C C   . ASN A 1 181 ? -3.512  -3.223  -8.405  1.00 12.77 ? 181 ASN A C   1 
ATOM   1093 O O   . ASN A 1 181 ? -3.745  -2.797  -7.259  1.00 13.65 ? 181 ASN A O   1 
ATOM   1094 C CB  . ASN A 1 181 ? -3.310  -1.865  -10.492 1.00 11.92 ? 181 ASN A CB  1 
ATOM   1095 C CG  . ASN A 1 181 ? -3.932  -1.480  -11.815 1.00 11.32 ? 181 ASN A CG  1 
ATOM   1096 O OD1 . ASN A 1 181 ? -4.182  -2.325  -12.669 1.00 10.30 ? 181 ASN A OD1 1 
ATOM   1097 N ND2 . ASN A 1 181 ? -4.159  -0.190  -11.997 1.00 11.58 ? 181 ASN A ND2 1 
ATOM   1098 N N   . ALA A 1 182 ? -2.628  -4.182  -8.669  1.00 13.21 ? 182 ALA A N   1 
ATOM   1099 C CA  . ALA A 1 182 ? -1.826  -4.779  -7.584  1.00 13.37 ? 182 ALA A CA  1 
ATOM   1100 C C   . ALA A 1 182 ? -0.326  -4.712  -7.887  1.00 13.49 ? 182 ALA A C   1 
ATOM   1101 O O   . ALA A 1 182 ? 0.091   -4.663  -9.056  1.00 13.61 ? 182 ALA A O   1 
ATOM   1102 C CB  . ALA A 1 182 ? -2.259  -6.231  -7.318  1.00 12.58 ? 182 ALA A CB  1 
ATOM   1103 N N   . VAL A 1 183 ? 0.470   -4.690  -6.818  1.00 13.86 ? 183 VAL A N   1 
ATOM   1104 C CA  . VAL A 1 183 ? 1.922   -4.810  -6.916  1.00 13.67 ? 183 VAL A CA  1 
ATOM   1105 C C   . VAL A 1 183 ? 2.308   -6.087  -6.151  1.00 14.17 ? 183 VAL A C   1 
ATOM   1106 O O   . VAL A 1 183 ? 1.918   -6.263  -4.997  1.00 14.20 ? 183 VAL A O   1 
ATOM   1107 C CB  . VAL A 1 183 ? 2.657   -3.564  -6.353  1.00 13.64 ? 183 VAL A CB  1 
ATOM   1108 C CG1 . VAL A 1 183 ? 4.176   -3.761  -6.423  1.00 13.83 ? 183 VAL A CG1 1 
ATOM   1109 C CG2 . VAL A 1 183 ? 2.283   -2.285  -7.128  1.00 13.48 ? 183 VAL A CG2 1 
ATOM   1110 N N   . ALA A 1 184 ? 3.034   -6.986  -6.810  1.00 14.55 ? 184 ALA A N   1 
ATOM   1111 C CA  . ALA A 1 184 ? 3.461   -8.230  -6.190  1.00 15.26 ? 184 ALA A CA  1 
ATOM   1112 C C   . ALA A 1 184 ? 4.985   -8.277  -6.076  1.00 16.11 ? 184 ALA A C   1 
ATOM   1113 O O   . ALA A 1 184 ? 5.671   -8.623  -7.032  1.00 16.11 ? 184 ALA A O   1 
ATOM   1114 C CB  . ALA A 1 184 ? 2.914   -9.449  -6.971  1.00 15.05 ? 184 ALA A CB  1 
ATOM   1115 N N   . PRO A 1 185 ? 5.522   -7.880  -4.909  1.00 17.17 ? 185 PRO A N   1 
ATOM   1116 C CA  . PRO A 1 185 ? 6.961   -7.938  -4.702  1.00 17.91 ? 185 PRO A CA  1 
ATOM   1117 C C   . PRO A 1 185 ? 7.475   -9.365  -4.491  1.00 18.31 ? 185 PRO A C   1 
ATOM   1118 O O   . PRO A 1 185 ? 6.811   -10.184 -3.851  1.00 18.31 ? 185 PRO A O   1 
ATOM   1119 C CB  . PRO A 1 185 ? 7.172   -7.107  -3.423  1.00 17.95 ? 185 PRO A CB  1 
ATOM   1120 C CG  . PRO A 1 185 ? 5.864   -6.402  -3.173  1.00 18.33 ? 185 PRO A CG  1 
ATOM   1121 C CD  . PRO A 1 185 ? 4.830   -7.319  -3.740  1.00 17.32 ? 185 PRO A CD  1 
ATOM   1122 N N   . GLY A 1 186 ? 8.656   -9.646  -5.039  1.00 19.22 ? 186 GLY A N   1 
ATOM   1123 C CA  . GLY A 1 186 ? 9.393   -10.867 -4.706  1.00 20.02 ? 186 GLY A CA  1 
ATOM   1124 C C   . GLY A 1 186 ? 10.142  -10.647 -3.404  1.00 20.69 ? 186 GLY A C   1 
ATOM   1125 O O   . GLY A 1 186 ? 9.615   -10.040 -2.474  1.00 20.64 ? 186 GLY A O   1 
ATOM   1126 N N   . ILE A 1 187 ? 11.385  -11.120 -3.335  1.00 21.54 ? 187 ILE A N   1 
ATOM   1127 C CA  . ILE A 1 187 ? 12.188  -10.936 -2.122  1.00 22.36 ? 187 ILE A CA  1 
ATOM   1128 C C   . ILE A 1 187 ? 12.757  -9.522  -2.036  1.00 22.22 ? 187 ILE A C   1 
ATOM   1129 O O   . ILE A 1 187 ? 13.566  -9.128  -2.867  1.00 22.06 ? 187 ILE A O   1 
ATOM   1130 C CB  . ILE A 1 187 ? 13.337  -11.982 -1.990  1.00 22.25 ? 187 ILE A CB  1 
ATOM   1131 C CG1 . ILE A 1 187 ? 12.868  -13.371 -2.459  1.00 23.00 ? 187 ILE A CG1 1 
ATOM   1132 C CG2 . ILE A 1 187 ? 13.846  -12.001 -0.539  1.00 23.11 ? 187 ILE A CG2 1 
ATOM   1133 C CD1 . ILE A 1 187 ? 13.937  -14.463 -2.423  1.00 22.99 ? 187 ILE A CD1 1 
ATOM   1134 N N   . ILE A 1 188 ? 12.340  -8.784  -1.009  1.00 23.21 ? 188 ILE A N   1 
ATOM   1135 C CA  . ILE A 1 188 ? 12.735  -7.387  -0.805  1.00 24.16 ? 188 ILE A CA  1 
ATOM   1136 C C   . ILE A 1 188 ? 13.661  -7.244  0.412   1.00 25.54 ? 188 ILE A C   1 
ATOM   1137 O O   . ILE A 1 188 ? 13.458  -7.914  1.420   1.00 25.27 ? 188 ILE A O   1 
ATOM   1138 C CB  . ILE A 1 188 ? 11.476  -6.457  -0.628  1.00 23.96 ? 188 ILE A CB  1 
ATOM   1139 C CG1 . ILE A 1 188 ? 10.512  -6.558  -1.823  1.00 23.03 ? 188 ILE A CG1 1 
ATOM   1140 C CG2 . ILE A 1 188 ? 11.876  -4.999  -0.373  1.00 23.52 ? 188 ILE A CG2 1 
ATOM   1141 C CD1 . ILE A 1 188 ? 11.144  -6.412  -3.213  1.00 21.32 ? 188 ILE A CD1 1 
ATOM   1142 N N   . LYS A 1 189 ? 14.666  -6.369  0.307   1.00 27.51 ? 189 LYS A N   1 
ATOM   1143 C CA  . LYS A 1 189 ? 15.601  -6.076  1.408   1.00 29.53 ? 189 LYS A CA  1 
ATOM   1144 C C   . LYS A 1 189 ? 14.884  -5.633  2.686   1.00 31.12 ? 189 LYS A C   1 
ATOM   1145 O O   . LYS A 1 189 ? 14.142  -4.641  2.697   1.00 31.04 ? 189 LYS A O   1 
ATOM   1146 C CB  . LYS A 1 189 ? 16.626  -5.016  0.985   1.00 29.58 ? 189 LYS A CB  1 
ATOM   1147 C CG  . LYS A 1 189 ? 17.664  -4.647  2.061   1.00 30.33 ? 189 LYS A CG  1 
ATOM   1148 C CD  . LYS A 1 189 ? 18.568  -3.504  1.600   1.00 30.03 ? 189 LYS A CD  1 
ATOM   1149 C CE  . LYS A 1 189 ? 19.469  -2.981  2.741   1.00 31.30 ? 189 LYS A CE  1 
ATOM   1150 N NZ  . LYS A 1 189 ? 20.712  -3.785  2.954   1.00 30.96 ? 189 LYS A NZ  1 
ATOM   1151 N N   . THR A 1 190 ? 15.097  -6.397  3.755   1.00 32.57 ? 190 THR A N   1 
ATOM   1152 C CA  . THR A 1 190 ? 14.563  -6.068  5.077   1.00 34.26 ? 190 THR A CA  1 
ATOM   1153 C C   . THR A 1 190 ? 15.666  -6.166  6.129   1.00 35.19 ? 190 THR A C   1 
ATOM   1154 O O   . THR A 1 190 ? 16.826  -6.451  5.809   1.00 35.33 ? 190 THR A O   1 
ATOM   1155 C CB  . THR A 1 190 ? 13.379  -6.985  5.474   1.00 34.37 ? 190 THR A CB  1 
ATOM   1156 O OG1 . THR A 1 190 ? 13.809  -8.353  5.526   1.00 34.65 ? 190 THR A OG1 1 
ATOM   1157 C CG2 . THR A 1 190 ? 12.230  -6.856  4.483   1.00 34.72 ? 190 THR A CG2 1 
ATOM   1158 N N   . ASP A 1 191 ? 15.297  -5.902  7.379   1.00 36.28 ? 191 ASP A N   1 
ATOM   1159 C CA  . ASP A 1 191 ? 16.167  -6.129  8.529   1.00 37.14 ? 191 ASP A CA  1 
ATOM   1160 C C   . ASP A 1 191 ? 16.453  -7.623  8.711   1.00 37.01 ? 191 ASP A C   1 
ATOM   1161 O O   . ASP A 1 191 ? 17.550  -8.008  9.118   1.00 37.22 ? 191 ASP A O   1 
ATOM   1162 C CB  . ASP A 1 191 ? 15.536  -5.533  9.796   1.00 37.92 ? 191 ASP A CB  1 
ATOM   1163 C CG  . ASP A 1 191 ? 14.014  -5.429  9.705   1.00 39.50 ? 191 ASP A CG  1 
ATOM   1164 O OD1 . ASP A 1 191 ? 13.503  -4.813  8.739   1.00 43.68 ? 191 ASP A OD1 1 
ATOM   1165 O OD2 . ASP A 1 191 ? 13.323  -5.953  10.602  1.00 41.98 ? 191 ASP A OD2 1 
ATOM   1166 N N   . MET A 1 192 ? 15.461  -8.454  8.397   1.00 36.91 ? 192 MET A N   1 
ATOM   1167 C CA  . MET A 1 192 ? 15.620  -9.913  8.402   1.00 36.75 ? 192 MET A CA  1 
ATOM   1168 C C   . MET A 1 192 ? 16.581  -10.425 7.317   1.00 36.49 ? 192 MET A C   1 
ATOM   1169 O O   . MET A 1 192 ? 17.448  -11.257 7.597   1.00 36.53 ? 192 MET A O   1 
ATOM   1170 C CB  . MET A 1 192 ? 14.257  -10.600 8.286   1.00 36.76 ? 192 MET A CB  1 
ATOM   1171 N N   . THR A 1 193 ? 16.430  -9.934  6.084   1.00 35.94 ? 193 THR A N   1 
ATOM   1172 C CA  . THR A 1 193 ? 17.291  -10.377 4.982   1.00 35.14 ? 193 THR A CA  1 
ATOM   1173 C C   . THR A 1 193 ? 18.746  -9.926  5.163   1.00 34.88 ? 193 THR A C   1 
ATOM   1174 O O   . THR A 1 193 ? 19.670  -10.613 4.728   1.00 34.45 ? 193 THR A O   1 
ATOM   1175 C CB  . THR A 1 193 ? 16.751  -9.963  3.575   1.00 35.16 ? 193 THR A CB  1 
ATOM   1176 O OG1 . THR A 1 193 ? 16.865  -8.544  3.393   1.00 34.54 ? 193 THR A OG1 1 
ATOM   1177 C CG2 . THR A 1 193 ? 15.296  -10.390 3.399   1.00 34.74 ? 193 THR A CG2 1 
ATOM   1178 N N   . ASP A 1 194 ? 18.937  -8.777  5.811   1.00 34.93 ? 194 ASP A N   1 
ATOM   1179 C CA  . ASP A 1 194 ? 20.279  -8.241  6.074   1.00 35.33 ? 194 ASP A CA  1 
ATOM   1180 C C   . ASP A 1 194 ? 21.083  -9.135  7.021   1.00 35.37 ? 194 ASP A C   1 
ATOM   1181 O O   . ASP A 1 194 ? 22.308  -9.244  6.894   1.00 35.46 ? 194 ASP A O   1 
ATOM   1182 C CB  . ASP A 1 194 ? 20.204  -6.821  6.653   1.00 35.53 ? 194 ASP A CB  1 
ATOM   1183 C CG  . ASP A 1 194 ? 19.853  -5.763  5.606   1.00 36.24 ? 194 ASP A CG  1 
ATOM   1184 O OD1 . ASP A 1 194 ? 19.940  -6.039  4.391   1.00 36.47 ? 194 ASP A OD1 1 
ATOM   1185 O OD2 . ASP A 1 194 ? 19.491  -4.638  6.009   1.00 37.27 ? 194 ASP A OD2 1 
ATOM   1186 N N   . VAL A 1 195 ? 20.385  -9.765  7.963   1.00 35.49 ? 195 VAL A N   1 
ATOM   1187 C CA  . VAL A 1 195 ? 21.005  -10.639 8.965   1.00 35.80 ? 195 VAL A CA  1 
ATOM   1188 C C   . VAL A 1 195 ? 20.910  -12.126 8.593   1.00 35.93 ? 195 VAL A C   1 
ATOM   1189 O O   . VAL A 1 195 ? 21.238  -12.994 9.407   1.00 35.90 ? 195 VAL A O   1 
ATOM   1190 C CB  . VAL A 1 195 ? 20.385  -10.383 10.349  1.00 35.73 ? 195 VAL A CB  1 
ATOM   1191 N N   . LEU A 1 196 ? 20.457  -12.413 7.372   1.00 36.00 ? 196 LEU A N   1 
ATOM   1192 C CA  . LEU A 1 196 ? 20.421  -13.780 6.859   1.00 36.35 ? 196 LEU A CA  1 
ATOM   1193 C C   . LEU A 1 196 ? 21.820  -14.375 6.801   1.00 36.57 ? 196 LEU A C   1 
ATOM   1194 O O   . LEU A 1 196 ? 22.758  -13.697 6.373   1.00 36.61 ? 196 LEU A O   1 
ATOM   1195 C CB  . LEU A 1 196 ? 19.813  -13.836 5.454   1.00 36.30 ? 196 LEU A CB  1 
ATOM   1196 C CG  . LEU A 1 196 ? 18.303  -13.959 5.244   1.00 36.34 ? 196 LEU A CG  1 
ATOM   1197 C CD1 . LEU A 1 196 ? 18.003  -13.917 3.748   1.00 36.03 ? 196 LEU A CD1 1 
ATOM   1198 C CD2 . LEU A 1 196 ? 17.732  -15.228 5.871   1.00 36.53 ? 196 LEU A CD2 1 
ATOM   1199 N N   . PRO A 1 197 ? 21.966  -15.651 7.223   1.00 36.88 ? 197 PRO A N   1 
ATOM   1200 C CA  . PRO A 1 197 ? 23.240  -16.349 7.047   1.00 37.00 ? 197 PRO A CA  1 
ATOM   1201 C C   . PRO A 1 197 ? 23.637  -16.328 5.574   1.00 37.29 ? 197 PRO A C   1 
ATOM   1202 O O   . PRO A 1 197 ? 22.772  -16.489 4.705   1.00 37.18 ? 197 PRO A O   1 
ATOM   1203 C CB  . PRO A 1 197 ? 22.925  -17.782 7.492   1.00 36.99 ? 197 PRO A CB  1 
ATOM   1204 C CG  . PRO A 1 197 ? 21.743  -17.660 8.388   1.00 37.01 ? 197 PRO A CG  1 
ATOM   1205 C CD  . PRO A 1 197 ? 20.950  -16.498 7.879   1.00 36.76 ? 197 PRO A CD  1 
ATOM   1206 N N   . ASP A 1 198 ? 24.926  -16.124 5.304   1.00 37.37 ? 198 ASP A N   1 
ATOM   1207 C CA  . ASP A 1 198 ? 25.434  -15.966 3.937   1.00 37.61 ? 198 ASP A CA  1 
ATOM   1208 C C   . ASP A 1 198 ? 25.070  -17.115 2.993   1.00 37.76 ? 198 ASP A C   1 
ATOM   1209 O O   . ASP A 1 198 ? 24.869  -16.898 1.798   1.00 38.15 ? 198 ASP A O   1 
ATOM   1210 C CB  . ASP A 1 198 ? 26.949  -15.734 3.944   1.00 37.55 ? 198 ASP A CB  1 
ATOM   1211 N N   . LYS A 1 199 ? 24.978  -18.328 3.530   1.00 37.70 ? 199 LYS A N   1 
ATOM   1212 C CA  . LYS A 1 199 ? 24.632  -19.503 2.732   1.00 37.69 ? 199 LYS A CA  1 
ATOM   1213 C C   . LYS A 1 199 ? 23.148  -19.540 2.344   1.00 37.55 ? 199 LYS A C   1 
ATOM   1214 O O   . LYS A 1 199 ? 22.813  -19.892 1.212   1.00 37.54 ? 199 LYS A O   1 
ATOM   1215 C CB  . LYS A 1 199 ? 25.037  -20.786 3.462   1.00 37.72 ? 199 LYS A CB  1 
ATOM   1216 N N   . VAL A 1 200 ? 22.271  -19.187 3.285   1.00 37.48 ? 200 VAL A N   1 
ATOM   1217 C CA  . VAL A 1 200 ? 20.829  -19.106 3.018   1.00 37.52 ? 200 VAL A CA  1 
ATOM   1218 C C   . VAL A 1 200 ? 20.496  -17.915 2.112   1.00 37.57 ? 200 VAL A C   1 
ATOM   1219 O O   . VAL A 1 200 ? 19.569  -17.985 1.300   1.00 37.46 ? 200 VAL A O   1 
ATOM   1220 C CB  . VAL A 1 200 ? 20.036  -19.037 4.318   1.00 37.55 ? 200 VAL A CB  1 
ATOM   1221 N N   . LYS A 1 201 ? 21.263  -16.833 2.263   1.00 37.56 ? 201 LYS A N   1 
ATOM   1222 C CA  . LYS A 1 201 ? 21.157  -15.654 1.402   1.00 37.70 ? 201 LYS A CA  1 
ATOM   1223 C C   . LYS A 1 201 ? 21.580  -15.968 -0.036  1.00 37.83 ? 201 LYS A C   1 
ATOM   1224 O O   . LYS A 1 201 ? 20.908  -15.562 -0.985  1.00 37.76 ? 201 LYS A O   1 
ATOM   1225 C CB  . LYS A 1 201 ? 21.988  -14.505 1.965   1.00 37.67 ? 201 LYS A CB  1 
ATOM   1226 N N   . GLU A 1 202 ? 22.688  -16.697 -0.187  1.00 37.85 ? 202 GLU A N   1 
ATOM   1227 C CA  . GLU A 1 202 ? 23.188  -17.087 -1.508  1.00 37.97 ? 202 GLU A CA  1 
ATOM   1228 C C   . GLU A 1 202 ? 22.249  -18.059 -2.225  1.00 37.99 ? 202 GLU A C   1 
ATOM   1229 O O   . GLU A 1 202 ? 22.191  -18.070 -3.453  1.00 38.22 ? 202 GLU A O   1 
ATOM   1230 C CB  . GLU A 1 202 ? 24.597  -17.666 -1.408  1.00 37.82 ? 202 GLU A CB  1 
ATOM   1231 N N   . MET A 1 203 ? 21.515  -18.860 -1.455  1.00 38.05 ? 203 MET A N   1 
ATOM   1232 C CA  . MET A 1 203 ? 20.526  -19.789 -2.007  1.00 38.22 ? 203 MET A CA  1 
ATOM   1233 C C   . MET A 1 203 ? 19.323  -19.065 -2.607  1.00 38.39 ? 203 MET A C   1 
ATOM   1234 O O   . MET A 1 203 ? 18.790  -19.485 -3.638  1.00 38.45 ? 203 MET A O   1 
ATOM   1235 C CB  . MET A 1 203 ? 20.069  -20.783 -0.945  1.00 38.27 ? 203 MET A CB  1 
ATOM   1236 N N   . TYR A 1 204 ? 18.891  -17.989 -1.952  1.00 38.42 ? 204 TYR A N   1 
ATOM   1237 C CA  . TYR A 1 204 ? 17.783  -17.179 -2.452  1.00 38.68 ? 204 TYR A CA  1 
ATOM   1238 C C   . TYR A 1 204 ? 18.221  -16.345 -3.650  1.00 38.16 ? 204 TYR A C   1 
ATOM   1239 O O   . TYR A 1 204 ? 17.526  -16.285 -4.665  1.00 38.21 ? 204 TYR A O   1 
ATOM   1240 C CB  . TYR A 1 204 ? 17.209  -16.282 -1.347  1.00 39.26 ? 204 TYR A CB  1 
ATOM   1241 C CG  . TYR A 1 204 ? 16.295  -17.001 -0.377  1.00 40.26 ? 204 TYR A CG  1 
ATOM   1242 C CD1 . TYR A 1 204 ? 15.157  -17.680 -0.828  1.00 41.28 ? 204 TYR A CD1 1 
ATOM   1243 C CD2 . TYR A 1 204 ? 16.558  -16.992 0.997   1.00 40.69 ? 204 TYR A CD2 1 
ATOM   1244 C CE1 . TYR A 1 204 ? 14.310  -18.343 0.064   1.00 41.65 ? 204 TYR A CE1 1 
ATOM   1245 C CE2 . TYR A 1 204 ? 15.718  -17.649 1.898   1.00 41.20 ? 204 TYR A CE2 1 
ATOM   1246 C CZ  . TYR A 1 204 ? 14.596  -18.319 1.426   1.00 41.49 ? 204 TYR A CZ  1 
ATOM   1247 O OH  . TYR A 1 204 ? 13.759  -18.971 2.309   1.00 41.68 ? 204 TYR A OH  1 
ATOM   1248 N N   . LEU A 1 205 ? 19.393  -15.729 -3.521  1.00 37.58 ? 205 LEU A N   1 
ATOM   1249 C CA  . LEU A 1 205 ? 19.967  -14.867 -4.545  1.00 37.22 ? 205 LEU A CA  1 
ATOM   1250 C C   . LEU A 1 205 ? 20.176  -15.631 -5.853  1.00 36.85 ? 205 LEU A C   1 
ATOM   1251 O O   . LEU A 1 205 ? 19.920  -15.098 -6.938  1.00 36.95 ? 205 LEU A O   1 
ATOM   1252 C CB  . LEU A 1 205 ? 21.293  -14.291 -4.042  1.00 37.12 ? 205 LEU A CB  1 
ATOM   1253 C CG  . LEU A 1 205 ? 21.531  -12.785 -4.111  1.00 37.59 ? 205 LEU A CG  1 
ATOM   1254 C CD1 . LEU A 1 205 ? 20.474  -12.034 -3.325  1.00 37.80 ? 205 LEU A CD1 1 
ATOM   1255 C CD2 . LEU A 1 205 ? 22.916  -12.439 -3.588  1.00 37.37 ? 205 LEU A CD2 1 
ATOM   1256 N N   . ASN A 1 206 ? 20.620  -16.884 -5.738  1.00 36.20 ? 206 ASN A N   1 
ATOM   1257 C CA  . ASN A 1 206 ? 20.855  -17.752 -6.896  1.00 35.33 ? 206 ASN A CA  1 
ATOM   1258 C C   . ASN A 1 206 ? 19.565  -18.176 -7.596  1.00 34.57 ? 206 ASN A C   1 
ATOM   1259 O O   . ASN A 1 206 ? 19.600  -18.606 -8.749  1.00 34.87 ? 206 ASN A O   1 
ATOM   1260 C CB  . ASN A 1 206 ? 21.688  -18.984 -6.498  1.00 35.51 ? 206 ASN A CB  1 
ATOM   1261 N N   . ASN A 1 207 ? 18.435  -18.051 -6.905  1.00 33.28 ? 207 ASN A N   1 
ATOM   1262 C CA  . ASN A 1 207 ? 17.132  -18.375 -7.489  1.00 31.83 ? 207 ASN A CA  1 
ATOM   1263 C C   . ASN A 1 207 ? 16.436  -17.151 -8.115  1.00 30.67 ? 207 ASN A C   1 
ATOM   1264 O O   . ASN A 1 207 ? 15.313  -17.254 -8.617  1.00 31.19 ? 207 ASN A O   1 
ATOM   1265 C CB  . ASN A 1 207 ? 16.236  -19.035 -6.447  1.00 32.17 ? 207 ASN A CB  1 
ATOM   1266 N N   . ILE A 1 208 ? 17.102  -15.999 -8.083  1.00 28.73 ? 208 ILE A N   1 
ATOM   1267 C CA  . ILE A 1 208 ? 16.559  -14.781 -8.684  1.00 26.59 ? 208 ILE A CA  1 
ATOM   1268 C C   . ILE A 1 208 ? 17.388  -14.412 -9.906  1.00 24.81 ? 208 ILE A C   1 
ATOM   1269 O O   . ILE A 1 208 ? 18.577  -14.128 -9.773  1.00 24.81 ? 208 ILE A O   1 
ATOM   1270 C CB  . ILE A 1 208 ? 16.522  -13.587 -7.684  1.00 26.64 ? 208 ILE A CB  1 
ATOM   1271 C CG1 . ILE A 1 208 ? 15.619  -13.901 -6.485  1.00 26.64 ? 208 ILE A CG1 1 
ATOM   1272 C CG2 . ILE A 1 208 ? 16.047  -12.294 -8.385  1.00 26.49 ? 208 ILE A CG2 1 
ATOM   1273 C CD1 . ILE A 1 208 ? 15.820  -12.959 -5.296  1.00 26.64 ? 208 ILE A CD1 1 
ATOM   1274 N N   . PRO A 1 209 ? 16.765  -14.411 -11.103 1.00 22.96 ? 209 PRO A N   1 
ATOM   1275 C CA  . PRO A 1 209 ? 17.479  -14.074 -12.335 1.00 21.57 ? 209 PRO A CA  1 
ATOM   1276 C C   . PRO A 1 209 ? 18.320  -12.803 -12.261 1.00 19.88 ? 209 PRO A C   1 
ATOM   1277 O O   . PRO A 1 209 ? 19.429  -12.783 -12.793 1.00 19.10 ? 209 PRO A O   1 
ATOM   1278 C CB  . PRO A 1 209 ? 16.349  -13.934 -13.358 1.00 21.60 ? 209 PRO A CB  1 
ATOM   1279 C CG  . PRO A 1 209 ? 15.337  -14.900 -12.887 1.00 22.41 ? 209 PRO A CG  1 
ATOM   1280 C CD  . PRO A 1 209 ? 15.360  -14.762 -11.383 1.00 22.99 ? 209 PRO A CD  1 
ATOM   1281 N N   . LEU A 1 210 ? 17.816  -11.756 -11.606 1.00 18.48 ? 210 LEU A N   1 
ATOM   1282 C CA  . LEU A 1 210 ? 18.590  -10.517 -11.467 1.00 17.19 ? 210 LEU A CA  1 
ATOM   1283 C C   . LEU A 1 210 ? 19.712  -10.624 -10.427 1.00 16.87 ? 210 LEU A C   1 
ATOM   1284 O O   . LEU A 1 210 ? 20.569  -9.747  -10.356 1.00 16.01 ? 210 LEU A O   1 
ATOM   1285 C CB  . LEU A 1 210 ? 17.694  -9.303  -11.186 1.00 17.08 ? 210 LEU A CB  1 
ATOM   1286 C CG  . LEU A 1 210 ? 16.920  -8.684  -12.363 1.00 16.19 ? 210 LEU A CG  1 
ATOM   1287 C CD1 . LEU A 1 210 ? 16.198  -7.430  -11.897 1.00 16.38 ? 210 LEU A CD1 1 
ATOM   1288 C CD2 . LEU A 1 210 ? 17.809  -8.364  -13.561 1.00 15.96 ? 210 LEU A CD2 1 
ATOM   1289 N N   . LYS A 1 211 ? 19.691  -11.697 -9.637  1.00 16.87 ? 211 LYS A N   1 
ATOM   1290 C CA  . LYS A 1 211 ? 20.780  -12.024 -8.685  1.00 17.26 ? 211 LYS A CA  1 
ATOM   1291 C C   . LYS A 1 211 ? 20.992  -10.969 -7.579  1.00 17.24 ? 211 LYS A C   1 
ATOM   1292 O O   . LYS A 1 211 ? 22.134  -10.698 -7.150  1.00 16.38 ? 211 LYS A O   1 
ATOM   1293 C CB  . LYS A 1 211 ? 22.094  -12.326 -9.434  1.00 17.54 ? 211 LYS A CB  1 
ATOM   1294 C CG  . LYS A 1 211 ? 22.023  -13.522 -10.395 1.00 18.85 ? 211 LYS A CG  1 
ATOM   1295 C CD  . LYS A 1 211 ? 22.069  -14.869 -9.661  1.00 20.25 ? 211 LYS A CD  1 
ATOM   1296 C CE  . LYS A 1 211 ? 21.967  -16.058 -10.621 1.00 20.62 ? 211 LYS A CE  1 
ATOM   1297 N NZ  . LYS A 1 211 ? 20.564  -16.269 -11.096 1.00 22.32 ? 211 LYS A NZ  1 
ATOM   1298 N N   . ARG A 1 212 ? 19.878  -10.384 -7.133  1.00 16.84 ? 212 ARG A N   1 
ATOM   1299 C CA  . ARG A 1 212 ? 19.849  -9.447  -6.009  1.00 17.56 ? 212 ARG A CA  1 
ATOM   1300 C C   . ARG A 1 212 ? 18.420  -9.345  -5.469  1.00 17.31 ? 212 ARG A C   1 
ATOM   1301 O O   . ARG A 1 212 ? 17.449  -9.646  -6.187  1.00 16.79 ? 212 ARG A O   1 
ATOM   1302 C CB  . ARG A 1 212 ? 20.361  -8.062  -6.437  1.00 17.29 ? 212 ARG A CB  1 
ATOM   1303 C CG  . ARG A 1 212 ? 19.348  -7.246  -7.251  1.00 18.46 ? 212 ARG A CG  1 
ATOM   1304 C CD  . ARG A 1 212 ? 19.940  -5.982  -7.803  1.00 19.68 ? 212 ARG A CD  1 
ATOM   1305 N NE  . ARG A 1 212 ? 20.434  -6.196  -9.161  1.00 27.53 ? 212 ARG A NE  1 
ATOM   1306 C CZ  . ARG A 1 212 ? 19.807  -5.809  -10.269 1.00 28.02 ? 212 ARG A CZ  1 
ATOM   1307 N NH1 . ARG A 1 212 ? 18.656  -5.156  -10.202 1.00 30.54 ? 212 ARG A NH1 1 
ATOM   1308 N NH2 . ARG A 1 212 ? 20.350  -6.060  -11.451 1.00 30.31 ? 212 ARG A NH2 1 
ATOM   1309 N N   . PHE A 1 213 ? 18.283  -8.934  -4.207  1.00 17.02 ? 213 PHE A N   1 
ATOM   1310 C CA  . PHE A 1 213 ? 16.960  -8.651  -3.643  1.00 16.56 ? 213 PHE A CA  1 
ATOM   1311 C C   . PHE A 1 213 ? 16.468  -7.292  -4.134  1.00 15.92 ? 213 PHE A C   1 
ATOM   1312 O O   . PHE A 1 213 ? 17.261  -6.428  -4.510  1.00 15.36 ? 213 PHE A O   1 
ATOM   1313 C CB  . PHE A 1 213 ? 16.968  -8.669  -2.104  1.00 16.95 ? 213 PHE A CB  1 
ATOM   1314 C CG  . PHE A 1 213 ? 17.400  -9.986  -1.500  1.00 17.41 ? 213 PHE A CG  1 
ATOM   1315 C CD1 . PHE A 1 213 ? 16.984  -11.199 -2.047  1.00 18.64 ? 213 PHE A CD1 1 
ATOM   1316 C CD2 . PHE A 1 213 ? 18.215  -10.008 -0.372  1.00 18.33 ? 213 PHE A CD2 1 
ATOM   1317 C CE1 . PHE A 1 213 ? 17.392  -12.418 -1.490  1.00 18.81 ? 213 PHE A CE1 1 
ATOM   1318 C CE2 . PHE A 1 213 ? 18.625  -11.223 0.189   1.00 18.50 ? 213 PHE A CE2 1 
ATOM   1319 C CZ  . PHE A 1 213 ? 18.207  -12.423 -0.369  1.00 17.67 ? 213 PHE A CZ  1 
ATOM   1320 N N   . GLY A 1 214 ? 15.156  -7.106  -4.127  1.00 16.12 ? 214 GLY A N   1 
ATOM   1321 C CA  . GLY A 1 214 ? 14.589  -5.789  -4.405  1.00 16.17 ? 214 GLY A CA  1 
ATOM   1322 C C   . GLY A 1 214 ? 14.701  -4.892  -3.188  1.00 16.18 ? 214 GLY A C   1 
ATOM   1323 O O   . GLY A 1 214 ? 15.088  -5.342  -2.106  1.00 16.70 ? 214 GLY A O   1 
ATOM   1324 N N   . THR A 1 215 ? 14.369  -3.619  -3.364  1.00 16.03 ? 215 THR A N   1 
ATOM   1325 C CA  . THR A 1 215 ? 14.428  -2.656  -2.266  1.00 15.69 ? 215 THR A CA  1 
ATOM   1326 C C   . THR A 1 215 ? 13.043  -2.078  -1.989  1.00 15.66 ? 215 THR A C   1 
ATOM   1327 O O   . THR A 1 215 ? 12.182  -2.095  -2.882  1.00 16.02 ? 215 THR A O   1 
ATOM   1328 C CB  . THR A 1 215 ? 15.407  -1.499  -2.532  1.00 15.01 ? 215 THR A CB  1 
ATOM   1329 O OG1 . THR A 1 215 ? 14.871  -0.619  -3.530  1.00 14.37 ? 215 THR A OG1 1 
ATOM   1330 C CG2 . THR A 1 215 ? 16.820  -2.010  -2.927  1.00 16.45 ? 215 THR A CG2 1 
ATOM   1331 N N   . PRO A 1 216 ? 12.822  -1.556  -0.764  1.00 15.82 ? 216 PRO A N   1 
ATOM   1332 C CA  . PRO A 1 216 ? 11.531  -0.936  -0.446  1.00 15.90 ? 216 PRO A CA  1 
ATOM   1333 C C   . PRO A 1 216 ? 11.258  0.266   -1.355  1.00 15.85 ? 216 PRO A C   1 
ATOM   1334 O O   . PRO A 1 216 ? 10.115  0.482   -1.762  1.00 15.83 ? 216 PRO A O   1 
ATOM   1335 C CB  . PRO A 1 216 ? 11.691  -0.488  1.019   1.00 15.71 ? 216 PRO A CB  1 
ATOM   1336 C CG  . PRO A 1 216 ? 12.871  -1.223  1.539   1.00 16.21 ? 216 PRO A CG  1 
ATOM   1337 C CD  . PRO A 1 216 ? 13.759  -1.497  0.377   1.00 15.91 ? 216 PRO A CD  1 
ATOM   1338 N N   . GLU A 1 217 ? 12.310  1.012   -1.693  1.00 15.78 ? 217 GLU A N   1 
ATOM   1339 C CA  . GLU A 1 217 ? 12.195  2.176   -2.589  1.00 16.21 ? 217 GLU A CA  1 
ATOM   1340 C C   . GLU A 1 217 ? 11.710  1.812   -3.994  1.00 15.72 ? 217 GLU A C   1 
ATOM   1341 O O   . GLU A 1 217 ? 10.888  2.532   -4.580  1.00 14.71 ? 217 GLU A O   1 
ATOM   1342 C CB  . GLU A 1 217 ? 13.513  2.952   -2.660  1.00 16.03 ? 217 GLU A CB  1 
ATOM   1343 C CG  . GLU A 1 217 ? 13.915  3.622   -1.335  1.00 18.16 ? 217 GLU A CG  1 
ATOM   1344 C CD  . GLU A 1 217 ? 14.352  2.622   -0.255  1.00 20.98 ? 217 GLU A CD  1 
ATOM   1345 O OE1 . GLU A 1 217 ? 13.975  2.818   0.927   1.00 20.97 ? 217 GLU A OE1 1 
ATOM   1346 O OE2 . GLU A 1 217 ? 15.070  1.651   -0.589  1.00 17.97 ? 217 GLU A OE2 1 
ATOM   1347 N N   . GLU A 1 218 ? 12.208  0.693   -4.520  1.00 15.75 ? 218 GLU A N   1 
ATOM   1348 C CA  . GLU A 1 218 ? 11.770  0.174   -5.827  1.00 15.80 ? 218 GLU A CA  1 
ATOM   1349 C C   . GLU A 1 218 ? 10.274  -0.142  -5.821  1.00 16.00 ? 218 GLU A C   1 
ATOM   1350 O O   . GLU A 1 218 ? 9.554   0.258   -6.741  1.00 16.46 ? 218 GLU A O   1 
ATOM   1351 C CB  . GLU A 1 218 ? 12.581  -1.064  -6.226  1.00 15.47 ? 218 GLU A CB  1 
ATOM   1352 C CG  . GLU A 1 218 ? 13.986  -0.751  -6.720  1.00 15.56 ? 218 GLU A CG  1 
ATOM   1353 C CD  . GLU A 1 218 ? 14.928  -1.952  -6.686  1.00 16.31 ? 218 GLU A CD  1 
ATOM   1354 O OE1 . GLU A 1 218 ? 16.055  -1.823  -7.200  1.00 18.80 ? 218 GLU A OE1 1 
ATOM   1355 O OE2 . GLU A 1 218 ? 14.551  -3.014  -6.160  1.00 16.55 ? 218 GLU A OE2 1 
ATOM   1356 N N   . VAL A 1 219 ? 9.810   -0.843  -4.786  1.00 15.39 ? 219 VAL A N   1 
ATOM   1357 C CA  . VAL A 1 219 ? 8.383   -1.123  -4.617  1.00 15.73 ? 219 VAL A CA  1 
ATOM   1358 C C   . VAL A 1 219 ? 7.609   0.202   -4.544  1.00 15.71 ? 219 VAL A C   1 
ATOM   1359 O O   . VAL A 1 219 ? 6.603   0.381   -5.254  1.00 15.08 ? 219 VAL A O   1 
ATOM   1360 C CB  . VAL A 1 219 ? 8.097   -2.000  -3.370  1.00 16.12 ? 219 VAL A CB  1 
ATOM   1361 C CG1 . VAL A 1 219 ? 6.582   -2.260  -3.216  1.00 15.69 ? 219 VAL A CG1 1 
ATOM   1362 C CG2 . VAL A 1 219 ? 8.866   -3.324  -3.440  1.00 15.82 ? 219 VAL A CG2 1 
ATOM   1363 N N   . ALA A 1 220 ? 8.111   1.132   -3.727  1.00 15.24 ? 220 ALA A N   1 
ATOM   1364 C CA  . ALA A 1 220 ? 7.520   2.480   -3.582  1.00 15.18 ? 220 ALA A CA  1 
ATOM   1365 C C   . ALA A 1 220 ? 7.408   3.231   -4.917  1.00 15.09 ? 220 ALA A C   1 
ATOM   1366 O O   . ALA A 1 220 ? 6.377   3.859   -5.192  1.00 15.02 ? 220 ALA A O   1 
ATOM   1367 C CB  . ALA A 1 220 ? 8.305   3.301   -2.573  1.00 14.57 ? 220 ALA A CB  1 
ATOM   1368 N N   . ASN A 1 221 ? 8.455   3.152   -5.745  1.00 15.04 ? 221 ASN A N   1 
ATOM   1369 C CA  . ASN A 1 221 ? 8.457   3.748   -7.083  1.00 15.24 ? 221 ASN A CA  1 
ATOM   1370 C C   . ASN A 1 221 ? 7.389   3.166   -8.019  1.00 15.18 ? 221 ASN A C   1 
ATOM   1371 O O   . ASN A 1 221 ? 6.804   3.896   -8.831  1.00 15.37 ? 221 ASN A O   1 
ATOM   1372 C CB  . ASN A 1 221 ? 9.852   3.644   -7.733  1.00 15.74 ? 221 ASN A CB  1 
ATOM   1373 C CG  . ASN A 1 221 ? 10.882  4.542   -7.061  1.00 17.84 ? 221 ASN A CG  1 
ATOM   1374 O OD1 . ASN A 1 221 ? 12.095  4.392   -7.274  1.00 20.85 ? 221 ASN A OD1 1 
ATOM   1375 N ND2 . ASN A 1 221 ? 10.412  5.479   -6.249  1.00 18.14 ? 221 ASN A ND2 1 
ATOM   1376 N N   . VAL A 1 222 ? 7.131   1.865   -7.907  1.00 14.14 ? 222 VAL A N   1 
ATOM   1377 C CA  . VAL A 1 222 ? 6.088   1.228   -8.709  1.00 13.91 ? 222 VAL A CA  1 
ATOM   1378 C C   . VAL A 1 222 ? 4.698   1.691   -8.240  1.00 13.31 ? 222 VAL A C   1 
ATOM   1379 O O   . VAL A 1 222 ? 3.820   1.983   -9.069  1.00 12.68 ? 222 VAL A O   1 
ATOM   1380 C CB  . VAL A 1 222 ? 6.170   -0.310  -8.703  1.00 13.79 ? 222 VAL A CB  1 
ATOM   1381 C CG1 . VAL A 1 222 ? 5.018   -0.913  -9.509  1.00 14.04 ? 222 VAL A CG1 1 
ATOM   1382 C CG2 . VAL A 1 222 ? 7.515   -0.797  -9.283  1.00 15.60 ? 222 VAL A CG2 1 
ATOM   1383 N N   . VAL A 1 223 ? 4.503   1.758   -6.926  1.00 13.24 ? 223 VAL A N   1 
ATOM   1384 C CA  . VAL A 1 223 ? 3.258   2.325   -6.386  1.00 13.68 ? 223 VAL A CA  1 
ATOM   1385 C C   . VAL A 1 223 ? 3.119   3.790   -6.836  1.00 13.76 ? 223 VAL A C   1 
ATOM   1386 O O   . VAL A 1 223 ? 2.021   4.236   -7.178  1.00 14.54 ? 223 VAL A O   1 
ATOM   1387 C CB  . VAL A 1 223 ? 3.157   2.191   -4.838  1.00 13.38 ? 223 VAL A CB  1 
ATOM   1388 C CG1 . VAL A 1 223 ? 1.861   2.832   -4.326  1.00 14.28 ? 223 VAL A CG1 1 
ATOM   1389 C CG2 . VAL A 1 223 ? 3.226   0.732   -4.428  1.00 13.65 ? 223 VAL A CG2 1 
ATOM   1390 N N   . GLY A 1 224 ? 4.230   4.522   -6.854  1.00 13.65 ? 224 GLY A N   1 
ATOM   1391 C CA  . GLY A 1 224 ? 4.256   5.898   -7.354  1.00 14.80 ? 224 GLY A CA  1 
ATOM   1392 C C   . GLY A 1 224 ? 3.714   6.015   -8.777  1.00 14.99 ? 224 GLY A C   1 
ATOM   1393 O O   . GLY A 1 224 ? 2.865   6.871   -9.061  1.00 15.09 ? 224 GLY A O   1 
ATOM   1394 N N   . PHE A 1 225 ? 4.189   5.126   -9.647  1.00 14.98 ? 225 PHE A N   1 
ATOM   1395 C CA  . PHE A 1 225 ? 3.679   4.969   -11.020 1.00 15.37 ? 225 PHE A CA  1 
ATOM   1396 C C   . PHE A 1 225 ? 2.173   4.671   -11.050 1.00 15.51 ? 225 PHE A C   1 
ATOM   1397 O O   . PHE A 1 225 ? 1.413   5.377   -11.717 1.00 16.48 ? 225 PHE A O   1 
ATOM   1398 C CB  . PHE A 1 225 ? 4.464   3.873   -11.759 1.00 14.84 ? 225 PHE A CB  1 
ATOM   1399 C CG  . PHE A 1 225 ? 3.846   3.452   -13.075 1.00 14.56 ? 225 PHE A CG  1 
ATOM   1400 C CD1 . PHE A 1 225 ? 3.836   4.317   -14.166 1.00 14.32 ? 225 PHE A CD1 1 
ATOM   1401 C CD2 . PHE A 1 225 ? 3.258   2.199   -13.208 1.00 12.86 ? 225 PHE A CD2 1 
ATOM   1402 C CE1 . PHE A 1 225 ? 3.257   3.932   -15.377 1.00 13.76 ? 225 PHE A CE1 1 
ATOM   1403 C CE2 . PHE A 1 225 ? 2.679   1.800   -14.420 1.00 12.43 ? 225 PHE A CE2 1 
ATOM   1404 C CZ  . PHE A 1 225 ? 2.674   2.668   -15.506 1.00 13.40 ? 225 PHE A CZ  1 
ATOM   1405 N N   . LEU A 1 226 ? 1.743   3.653   -10.307 1.00 15.28 ? 226 LEU A N   1 
ATOM   1406 C CA  . LEU A 1 226 ? 0.314   3.317   -10.225 1.00 15.89 ? 226 LEU A CA  1 
ATOM   1407 C C   . LEU A 1 226 ? -0.579  4.404   -9.604  1.00 16.49 ? 226 LEU A C   1 
ATOM   1408 O O   . LEU A 1 226 ? -1.786  4.404   -9.835  1.00 17.01 ? 226 LEU A O   1 
ATOM   1409 C CB  . LEU A 1 226 ? 0.088   1.978   -9.518  1.00 15.53 ? 226 LEU A CB  1 
ATOM   1410 C CG  . LEU A 1 226 ? 0.643   0.775   -10.288 1.00 14.28 ? 226 LEU A CG  1 
ATOM   1411 C CD1 . LEU A 1 226 ? 0.525   -0.484  -9.421  1.00 13.24 ? 226 LEU A CD1 1 
ATOM   1412 C CD2 . LEU A 1 226 ? -0.058  0.592   -11.652 1.00 14.55 ? 226 LEU A CD2 1 
ATOM   1413 N N   . ALA A 1 227 ? 0.008   5.313   -8.833  1.00 16.46 ? 227 ALA A N   1 
ATOM   1414 C CA  . ALA A 1 227 ? -0.745  6.416   -8.223  1.00 17.65 ? 227 ALA A CA  1 
ATOM   1415 C C   . ALA A 1 227 ? -0.844  7.635   -9.161  1.00 18.21 ? 227 ALA A C   1 
ATOM   1416 O O   . ALA A 1 227 ? -1.790  8.425   -9.070  1.00 19.18 ? 227 ALA A O   1 
ATOM   1417 C CB  . ALA A 1 227 ? -0.116  6.812   -6.894  1.00 17.26 ? 227 ALA A CB  1 
ATOM   1418 N N   . SER A 1 228 ? 0.125   7.764   -10.061 1.00 17.64 ? 228 SER A N   1 
ATOM   1419 C CA  . SER A 1 228 ? 0.226   8.900   -10.960 1.00 18.19 ? 228 SER A CA  1 
ATOM   1420 C C   . SER A 1 228 ? -0.629  8.747   -12.227 1.00 17.72 ? 228 SER A C   1 
ATOM   1421 O O   . SER A 1 228 ? -1.160  7.665   -12.520 1.00 16.81 ? 228 SER A O   1 
ATOM   1422 C CB  . SER A 1 228 ? 1.686   9.127   -11.357 1.00 18.69 ? 228 SER A CB  1 
ATOM   1423 O OG  . SER A 1 228 ? 2.096   8.167   -12.322 1.00 20.47 ? 228 SER A OG  1 
ATOM   1424 N N   . ASP A 1 229 ? -0.738  9.845   -12.972 1.00 17.67 ? 229 ASP A N   1 
ATOM   1425 C CA  . ASP A 1 229 ? -1.427  9.855   -14.269 1.00 17.88 ? 229 ASP A CA  1 
ATOM   1426 C C   . ASP A 1 229 ? -0.688  9.052   -15.340 1.00 17.38 ? 229 ASP A C   1 
ATOM   1427 O O   . ASP A 1 229 ? -1.263  8.720   -16.378 1.00 16.90 ? 229 ASP A O   1 
ATOM   1428 C CB  . ASP A 1 229 ? -1.624  11.295  -14.746 1.00 18.46 ? 229 ASP A CB  1 
ATOM   1429 C CG  . ASP A 1 229 ? -2.749  12.007  -14.017 1.00 20.17 ? 229 ASP A CG  1 
ATOM   1430 O OD1 . ASP A 1 229 ? -3.621  11.326  -13.440 1.00 22.21 ? 229 ASP A OD1 1 
ATOM   1431 O OD2 . ASP A 1 229 ? -2.769  13.257  -14.044 1.00 23.97 ? 229 ASP A OD2 1 
ATOM   1432 N N   . ASP A 1 230 ? 0.588   8.749   -15.093 1.00 16.82 ? 230 ASP A N   1 
ATOM   1433 C CA  . ASP A 1 230 ? 1.378   7.924   -16.021 1.00 17.35 ? 230 ASP A CA  1 
ATOM   1434 C C   . ASP A 1 230 ? 0.828   6.513   -16.223 1.00 16.76 ? 230 ASP A C   1 
ATOM   1435 O O   . ASP A 1 230 ? 1.141   5.868   -17.216 1.00 16.76 ? 230 ASP A O   1 
ATOM   1436 C CB  . ASP A 1 230 ? 2.838   7.830   -15.561 1.00 17.41 ? 230 ASP A CB  1 
ATOM   1437 C CG  . ASP A 1 230 ? 3.580   9.136   -15.706 1.00 20.67 ? 230 ASP A CG  1 
ATOM   1438 O OD1 . ASP A 1 230 ? 3.107   10.032  -16.435 1.00 23.29 ? 230 ASP A OD1 1 
ATOM   1439 O OD2 . ASP A 1 230 ? 4.658   9.266   -15.098 1.00 24.62 ? 230 ASP A OD2 1 
ATOM   1440 N N   . SER A 1 231 ? 0.031   6.039   -15.267 1.00 16.10 ? 231 SER A N   1 
ATOM   1441 C CA  . SER A 1 231 ? -0.581  4.717   -15.334 1.00 16.06 ? 231 SER A CA  1 
ATOM   1442 C C   . SER A 1 231 ? -2.066  4.772   -15.709 1.00 15.81 ? 231 SER A C   1 
ATOM   1443 O O   . SER A 1 231 ? -2.774  3.785   -15.576 1.00 15.47 ? 231 SER A O   1 
ATOM   1444 C CB  . SER A 1 231 ? -0.422  3.996   -13.989 1.00 16.34 ? 231 SER A CB  1 
ATOM   1445 O OG  . SER A 1 231 ? -1.047  4.746   -12.962 1.00 15.72 ? 231 SER A OG  1 
ATOM   1446 N N   . ASN A 1 232 ? -2.549  5.932   -16.157 1.00 16.07 ? 232 ASN A N   1 
ATOM   1447 C CA  . ASN A 1 232 ? -3.926  6.016   -16.664 1.00 16.32 ? 232 ASN A CA  1 
ATOM   1448 C C   . ASN A 1 232 ? -4.200  4.986   -17.747 1.00 15.91 ? 232 ASN A C   1 
ATOM   1449 O O   . ASN A 1 232 ? -3.324  4.655   -18.552 1.00 15.88 ? 232 ASN A O   1 
ATOM   1450 C CB  . ASN A 1 232 ? -4.256  7.428   -17.160 1.00 16.63 ? 232 ASN A CB  1 
ATOM   1451 C CG  . ASN A 1 232 ? -4.375  8.424   -16.027 1.00 17.05 ? 232 ASN A CG  1 
ATOM   1452 O OD1 . ASN A 1 232 ? -4.386  8.048   -14.849 1.00 17.30 ? 232 ASN A OD1 1 
ATOM   1453 N ND2 . ASN A 1 232 ? -4.471  9.708   -16.376 1.00 18.58 ? 232 ASN A ND2 1 
ATOM   1454 N N   . TYR A 1 233 ? -5.422  4.468   -17.731 1.00 15.98 ? 233 TYR A N   1 
ATOM   1455 C CA  . TYR A 1 233 ? -5.878  3.425   -18.636 1.00 15.75 ? 233 TYR A CA  1 
ATOM   1456 C C   . TYR A 1 233 ? -5.402  2.009   -18.290 1.00 15.69 ? 233 TYR A C   1 
ATOM   1457 O O   . TYR A 1 233 ? -5.730  1.057   -18.996 1.00 16.58 ? 233 TYR A O   1 
ATOM   1458 C CB  . TYR A 1 233 ? -5.543  3.776   -20.089 1.00 15.91 ? 233 TYR A CB  1 
ATOM   1459 C CG  . TYR A 1 233 ? -6.494  3.185   -21.087 1.00 16.09 ? 233 TYR A CG  1 
ATOM   1460 C CD1 . TYR A 1 233 ? -6.040  2.309   -22.074 1.00 15.25 ? 233 TYR A CD1 1 
ATOM   1461 C CD2 . TYR A 1 233 ? -7.852  3.490   -21.046 1.00 16.64 ? 233 TYR A CD2 1 
ATOM   1462 C CE1 . TYR A 1 233 ? -6.910  1.765   -23.012 1.00 15.32 ? 233 TYR A CE1 1 
ATOM   1463 C CE2 . TYR A 1 233 ? -8.739  2.950   -21.986 1.00 15.94 ? 233 TYR A CE2 1 
ATOM   1464 C CZ  . TYR A 1 233 ? -8.257  2.090   -22.960 1.00 16.11 ? 233 TYR A CZ  1 
ATOM   1465 O OH  . TYR A 1 233 ? -9.105  1.544   -23.887 1.00 17.08 ? 233 TYR A OH  1 
ATOM   1466 N N   . ILE A 1 234 ? -4.642  1.869   -17.209 1.00 15.16 ? 234 ILE A N   1 
ATOM   1467 C CA  . ILE A 1 234 ? -4.252  0.544   -16.721 1.00 14.72 ? 234 ILE A CA  1 
ATOM   1468 C C   . ILE A 1 234 ? -5.148  0.183   -15.547 1.00 14.37 ? 234 ILE A C   1 
ATOM   1469 O O   . ILE A 1 234 ? -5.159  0.878   -14.531 1.00 15.06 ? 234 ILE A O   1 
ATOM   1470 C CB  . ILE A 1 234 ? -2.768  0.509   -16.258 1.00 14.60 ? 234 ILE A CB  1 
ATOM   1471 C CG1 . ILE A 1 234 ? -1.825  0.904   -17.398 1.00 14.52 ? 234 ILE A CG1 1 
ATOM   1472 C CG2 . ILE A 1 234 ? -2.416  -0.872  -15.666 1.00 14.57 ? 234 ILE A CG2 1 
ATOM   1473 C CD1 . ILE A 1 234 ? -0.382  1.187   -16.935 1.00 15.29 ? 234 ILE A CD1 1 
ATOM   1474 N N   . THR A 1 235 ? -5.899  -0.900  -15.686 1.00 13.66 ? 235 THR A N   1 
ATOM   1475 C CA  . THR A 1 235 ? -6.699  -1.401  -14.576 1.00 13.96 ? 235 THR A CA  1 
ATOM   1476 C C   . THR A 1 235 ? -6.827  -2.915  -14.580 1.00 13.57 ? 235 THR A C   1 
ATOM   1477 O O   . THR A 1 235 ? -6.761  -3.554  -15.639 1.00 13.39 ? 235 THR A O   1 
ATOM   1478 C CB  . THR A 1 235 ? -8.082  -0.707  -14.504 1.00 13.83 ? 235 THR A CB  1 
ATOM   1479 O OG1 . THR A 1 235 ? -8.566  -0.795  -13.165 1.00 13.61 ? 235 THR A OG1 1 
ATOM   1480 C CG2 . THR A 1 235 ? -9.086  -1.348  -15.489 1.00 14.55 ? 235 THR A CG2 1 
ATOM   1481 N N   . GLY A 1 236 ? -6.984  -3.485  -13.386 1.00 13.52 ? 236 GLY A N   1 
ATOM   1482 C CA  . GLY A 1 236 ? -7.121  -4.928  -13.228 1.00 13.97 ? 236 GLY A CA  1 
ATOM   1483 C C   . GLY A 1 236 ? -5.840  -5.692  -13.474 1.00 14.12 ? 236 GLY A C   1 
ATOM   1484 O O   . GLY A 1 236 ? -5.872  -6.882  -13.790 1.00 14.58 ? 236 GLY A O   1 
ATOM   1485 N N   . GLN A 1 237 ? -4.711  -5.013  -13.287 1.00 14.01 ? 237 GLN A N   1 
ATOM   1486 C CA  . GLN A 1 237 ? -3.410  -5.581  -13.605 1.00 14.35 ? 237 GLN A CA  1 
ATOM   1487 C C   . GLN A 1 237 ? -2.572  -5.853  -12.356 1.00 14.51 ? 237 GLN A C   1 
ATOM   1488 O O   . GLN A 1 237 ? -2.769  -5.221  -11.323 1.00 14.04 ? 237 GLN A O   1 
ATOM   1489 C CB  . GLN A 1 237 ? -2.641  -4.644  -14.543 1.00 13.84 ? 237 GLN A CB  1 
ATOM   1490 C CG  . GLN A 1 237 ? -3.369  -4.345  -15.870 1.00 14.60 ? 237 GLN A CG  1 
ATOM   1491 C CD  . GLN A 1 237 ? -3.828  -5.585  -16.592 1.00 16.11 ? 237 GLN A CD  1 
ATOM   1492 O OE1 . GLN A 1 237 ? -3.049  -6.515  -16.815 1.00 18.43 ? 237 GLN A OE1 1 
ATOM   1493 N NE2 . GLN A 1 237 ? -5.097  -5.603  -16.986 1.00 15.32 ? 237 GLN A NE2 1 
ATOM   1494 N N   . VAL A 1 238 ? -1.631  -6.790  -12.476 1.00 14.08 ? 238 VAL A N   1 
ATOM   1495 C CA  . VAL A 1 238 ? -0.631  -7.017  -11.431 1.00 14.21 ? 238 VAL A CA  1 
ATOM   1496 C C   . VAL A 1 238 ? 0.769   -6.741  -11.968 1.00 13.97 ? 238 VAL A C   1 
ATOM   1497 O O   . VAL A 1 238 ? 1.169   -7.309  -12.990 1.00 14.44 ? 238 VAL A O   1 
ATOM   1498 C CB  . VAL A 1 238 ? -0.663  -8.478  -10.923 1.00 13.88 ? 238 VAL A CB  1 
ATOM   1499 C CG1 . VAL A 1 238 ? 0.279   -8.653  -9.718  1.00 14.47 ? 238 VAL A CG1 1 
ATOM   1500 C CG2 . VAL A 1 238 ? -2.050  -8.874  -10.541 1.00 15.66 ? 238 VAL A CG2 1 
ATOM   1501 N N   . ILE A 1 239 ? 1.516   -5.887  -11.276 1.00 13.77 ? 239 ILE A N   1 
ATOM   1502 C CA  . ILE A 1 239 ? 2.913   -5.662  -11.619 1.00 14.75 ? 239 ILE A CA  1 
ATOM   1503 C C   . ILE A 1 239 ? 3.792   -6.456  -10.651 1.00 14.58 ? 239 ILE A C   1 
ATOM   1504 O O   . ILE A 1 239 ? 3.837   -6.162  -9.449  1.00 14.62 ? 239 ILE A O   1 
ATOM   1505 C CB  . ILE A 1 239 ? 3.280   -4.151  -11.622 1.00 14.54 ? 239 ILE A CB  1 
ATOM   1506 C CG1 . ILE A 1 239 ? 2.467   -3.423  -12.716 1.00 15.08 ? 239 ILE A CG1 1 
ATOM   1507 C CG2 . ILE A 1 239 ? 4.794   -3.955  -11.826 1.00 14.35 ? 239 ILE A CG2 1 
ATOM   1508 C CD1 . ILE A 1 239 ? 2.571   -1.902  -12.682 1.00 16.01 ? 239 ILE A CD1 1 
ATOM   1509 N N   . ASN A 1 240 ? 4.455   -7.477  -11.194 1.00 14.64 ? 240 ASN A N   1 
ATOM   1510 C CA  . ASN A 1 240 ? 5.419   -8.272  -10.448 1.00 14.90 ? 240 ASN A CA  1 
ATOM   1511 C C   . ASN A 1 240 ? 6.764   -7.550  -10.427 1.00 14.84 ? 240 ASN A C   1 
ATOM   1512 O O   . ASN A 1 240 ? 7.339   -7.268  -11.472 1.00 14.72 ? 240 ASN A O   1 
ATOM   1513 C CB  . ASN A 1 240 ? 5.569   -9.654  -11.074 1.00 15.06 ? 240 ASN A CB  1 
ATOM   1514 C CG  . ASN A 1 240 ? 4.267   -10.421 -11.129 1.00 16.37 ? 240 ASN A CG  1 
ATOM   1515 O OD1 . ASN A 1 240 ? 3.706   -10.789 -10.104 1.00 17.19 ? 240 ASN A OD1 1 
ATOM   1516 N ND2 . ASN A 1 240 ? 3.792   -10.691 -12.338 1.00 17.21 ? 240 ASN A ND2 1 
ATOM   1517 N N   . ILE A 1 241 ? 7.236   -7.227  -9.231  1.00 15.20 ? 241 ILE A N   1 
ATOM   1518 C CA  . ILE A 1 241 ? 8.557   -6.636  -9.047  1.00 15.91 ? 241 ILE A CA  1 
ATOM   1519 C C   . ILE A 1 241 ? 9.386   -7.635  -8.228  1.00 16.14 ? 241 ILE A C   1 
ATOM   1520 O O   . ILE A 1 241 ? 9.427   -7.601  -6.997  1.00 16.44 ? 241 ILE A O   1 
ATOM   1521 C CB  . ILE A 1 241 ? 8.480   -5.179  -8.459  1.00 15.62 ? 241 ILE A CB  1 
ATOM   1522 C CG1 . ILE A 1 241 ? 9.886   -4.582  -8.259  1.00 16.56 ? 241 ILE A CG1 1 
ATOM   1523 C CG2 . ILE A 1 241 ? 7.616   -5.110  -7.183  1.00 15.82 ? 241 ILE A CG2 1 
ATOM   1524 C CD1 . ILE A 1 241 ? 9.929   -3.065  -8.294  1.00 15.64 ? 241 ILE A CD1 1 
ATOM   1525 N N   . ASP A 1 242 ? 10.010  -8.561  -8.939  1.00 16.38 ? 242 ASP A N   1 
ATOM   1526 C CA  . ASP A 1 242 ? 10.581  -9.744  -8.301  1.00 16.91 ? 242 ASP A CA  1 
ATOM   1527 C C   . ASP A 1 242 ? 11.915  -10.172 -8.905  1.00 17.07 ? 242 ASP A C   1 
ATOM   1528 O O   . ASP A 1 242 ? 12.396  -11.267 -8.629  1.00 17.50 ? 242 ASP A O   1 
ATOM   1529 C CB  . ASP A 1 242 ? 9.582   -10.903 -8.375  1.00 16.78 ? 242 ASP A CB  1 
ATOM   1530 C CG  . ASP A 1 242 ? 9.119   -11.198 -9.793  1.00 17.73 ? 242 ASP A CG  1 
ATOM   1531 O OD1 . ASP A 1 242 ? 9.867   -10.945 -10.763 1.00 17.10 ? 242 ASP A OD1 1 
ATOM   1532 O OD2 . ASP A 1 242 ? 7.989   -11.697 -9.940  1.00 19.96 ? 242 ASP A OD2 1 
ATOM   1533 N N   . GLY A 1 243 ? 12.483  -9.317  -9.752  1.00 17.75 ? 243 GLY A N   1 
ATOM   1534 C CA  . GLY A 1 243 ? 13.762  -9.593  -10.400 1.00 18.14 ? 243 GLY A CA  1 
ATOM   1535 C C   . GLY A 1 243 ? 13.720  -10.763 -11.361 1.00 18.68 ? 243 GLY A C   1 
ATOM   1536 O O   . GLY A 1 243 ? 14.740  -11.409 -11.603 1.00 17.94 ? 243 GLY A O   1 
ATOM   1537 N N   . GLY A 1 244 ? 12.534  -11.033 -11.905 1.00 19.34 ? 244 GLY A N   1 
ATOM   1538 C CA  . GLY A 1 244 ? 12.358  -12.094 -12.884 1.00 20.32 ? 244 GLY A CA  1 
ATOM   1539 C C   . GLY A 1 244 ? 12.053  -13.442 -12.269 1.00 21.63 ? 244 GLY A C   1 
ATOM   1540 O O   . GLY A 1 244 ? 11.941  -14.437 -12.987 1.00 21.65 ? 244 GLY A O   1 
ATOM   1541 N N   . LEU A 1 245 ? 11.918  -13.470 -10.942 1.00 22.33 ? 245 LEU A N   1 
ATOM   1542 C CA  . LEU A 1 245 ? 11.614  -14.694 -10.200 1.00 23.38 ? 245 LEU A CA  1 
ATOM   1543 C C   . LEU A 1 245 ? 10.203  -15.190 -10.499 1.00 23.58 ? 245 LEU A C   1 
ATOM   1544 O O   . LEU A 1 245 ? 10.030  -16.186 -11.210 1.00 24.42 ? 245 LEU A O   1 
ATOM   1545 C CB  . LEU A 1 245 ? 11.809  -14.457 -8.697  1.00 23.39 ? 245 LEU A CB  1 
ATOM   1546 C CG  . LEU A 1 245 ? 11.183  -15.346 -7.618  1.00 24.19 ? 245 LEU A CG  1 
ATOM   1547 C CD1 . LEU A 1 245 ? 11.807  -16.735 -7.604  1.00 24.89 ? 245 LEU A CD1 1 
ATOM   1548 C CD2 . LEU A 1 245 ? 11.339  -14.670 -6.257  1.00 23.93 ? 245 LEU A CD2 1 
HETATM 1549 O O   . HOH B 2 .   ? -0.964  5.962   -19.048 1.00 21.91 ? 248 HOH A O   1 
HETATM 1550 O O   . HOH B 2 .   ? -11.129 -0.108  -12.935 1.00 22.11 ? 249 HOH A O   1 
HETATM 1551 O O   . HOH B 2 .   ? -0.928  8.639   -19.059 1.00 21.60 ? 250 HOH A O   1 
HETATM 1552 O O   . HOH B 2 .   ? -5.354  -2.573  3.770   1.00 26.48 ? 251 HOH A O   1 
HETATM 1553 O O   . HOH B 2 .   ? -4.127  3.227   -13.284 1.00 21.28 ? 252 HOH A O   1 
HETATM 1554 O O   . HOH B 2 .   ? -17.577 13.805  -9.760  1.00 33.75 ? 253 HOH A O   1 
HETATM 1555 O O   . HOH B 2 .   ? -0.996  -11.195 0.026   1.00 26.42 ? 254 HOH A O   1 
HETATM 1556 O O   . HOH B 2 .   ? 6.108   8.049   -17.652 1.00 26.01 ? 255 HOH A O   1 
HETATM 1557 O O   . HOH B 2 .   ? 19.398  -7.954  2.661   1.00 32.01 ? 256 HOH A O   1 
HETATM 1558 O O   . HOH B 2 .   ? 6.304   13.625  -8.779  1.00 48.86 ? 257 HOH A O   1 
HETATM 1559 O O   . HOH B 2 .   ? -5.144  1.728   -9.204  1.00 25.15 ? 258 HOH A O   1 
HETATM 1560 O O   . HOH B 2 .   ? 12.758  -11.178 -6.006  1.00 28.31 ? 259 HOH A O   1 
HETATM 1561 O O   . HOH B 2 .   ? 2.084   16.726  1.252   1.00 30.95 ? 260 HOH A O   1 
HETATM 1562 O O   . HOH B 2 .   ? 16.823  -0.242  0.808   1.00 26.21 ? 261 HOH A O   1 
HETATM 1563 O O   . HOH B 2 .   ? -6.551  9.213   -8.161  1.00 27.53 ? 262 HOH A O   1 
HETATM 1564 O O   . HOH B 2 .   ? 9.536   -8.420  -12.188 1.00 19.47 ? 263 HOH A O   1 
HETATM 1565 O O   . HOH B 2 .   ? -1.761  -8.455  -14.729 1.00 30.32 ? 264 HOH A O   1 
HETATM 1566 O O   . HOH B 2 .   ? -2.556  13.005  13.065  1.00 31.23 ? 265 HOH A O   1 
HETATM 1567 O O   . HOH B 2 .   ? -8.277  14.081  10.823  1.00 38.02 ? 266 HOH A O   1 
HETATM 1568 O O   . HOH B 2 .   ? -14.352 13.811  -1.745  1.00 25.12 ? 267 HOH A O   1 
HETATM 1569 O O   . HOH B 2 .   ? -0.129  -17.382 -4.901  1.00 28.42 ? 268 HOH A O   1 
HETATM 1570 O O   . HOH B 2 .   ? -8.730  11.080  -7.755  1.00 33.17 ? 269 HOH A O   1 
HETATM 1571 O O   . HOH B 2 .   ? -17.038 14.008  -4.496  0.50 49.41 ? 270 HOH A O   1 
HETATM 1572 O O   . HOH B 2 .   ? 10.980  2.307   5.290   1.00 33.70 ? 271 HOH A O   1 
HETATM 1573 O O   . HOH B 2 .   ? -4.117  -4.792  3.084   1.00 31.32 ? 272 HOH A O   1 
HETATM 1574 O O   . HOH B 2 .   ? 17.331  2.594   -2.476  1.00 36.43 ? 273 HOH A O   1 
HETATM 1575 O O   . HOH B 2 .   ? -0.627  -15.439 -6.777  1.00 24.11 ? 274 HOH A O   1 
HETATM 1576 O O   . HOH B 2 .   ? 4.717   -0.789  14.328  0.50 39.62 ? 275 HOH A O   1 
HETATM 1577 O O   . HOH B 2 .   ? -6.232  16.157  -0.979  1.00 31.00 ? 276 HOH A O   1 
HETATM 1578 O O   . HOH B 2 .   ? -4.584  10.203  -19.113 1.00 30.76 ? 277 HOH A O   1 
HETATM 1579 O O   . HOH B 2 .   ? -9.764  7.786   -11.523 1.00 28.97 ? 278 HOH A O   1 
HETATM 1580 O O   . HOH B 2 .   ? 12.253  5.006   1.489   1.00 30.80 ? 279 HOH A O   1 
HETATM 1581 O O   . HOH B 2 .   ? 4.727   -2.191  5.698   1.00 27.94 ? 280 HOH A O   1 
HETATM 1582 O O   . HOH B 2 .   ? 4.357   -10.651 -3.012  1.00 36.95 ? 281 HOH A O   1 
HETATM 1583 O O   . HOH B 2 .   ? 1.246   18.236  8.166   1.00 44.50 ? 282 HOH A O   1 
HETATM 1584 O O   . HOH B 2 .   ? 5.521   7.316   -13.378 1.00 32.94 ? 283 HOH A O   1 
HETATM 1585 O O   . HOH B 2 .   ? 17.220  -3.234  5.941   1.00 42.94 ? 284 HOH A O   1 
HETATM 1586 O O   . HOH B 2 .   ? 4.001   -8.023  -14.041 1.00 28.99 ? 285 HOH A O   1 
HETATM 1587 O O   . HOH B 2 .   ? 0.253   12.265  -12.107 1.00 27.78 ? 286 HOH A O   1 
HETATM 1588 O O   . HOH B 2 .   ? -18.911 0.949   -2.793  1.00 40.16 ? 287 HOH A O   1 
HETATM 1589 O O   . HOH B 2 .   ? 23.003  -11.154 4.812   1.00 56.41 ? 288 HOH A O   1 
HETATM 1590 O O   . HOH B 2 .   ? 20.149  -15.249 -14.066 1.00 36.35 ? 289 HOH A O   1 
HETATM 1591 O O   . HOH B 2 .   ? 10.490  5.316   -0.617  1.00 21.60 ? 290 HOH A O   1 
HETATM 1592 O O   . HOH B 2 .   ? 6.067   -11.385 -7.985  1.00 30.41 ? 291 HOH A O   1 
HETATM 1593 O O   . HOH B 2 .   ? 1.655   -0.560  13.569  1.00 43.30 ? 292 HOH A O   1 
HETATM 1594 O O   . HOH B 2 .   ? -2.294  -6.349  1.733   1.00 53.29 ? 293 HOH A O   1 
HETATM 1595 O O   . HOH B 2 .   ? -5.555  14.453  -13.124 1.00 54.97 ? 294 HOH A O   1 
HETATM 1596 O O   . HOH B 2 .   ? -7.999  8.339   -15.638 1.00 29.38 ? 295 HOH A O   1 
HETATM 1597 O O   . HOH B 2 .   ? -17.573 -1.159  -14.119 1.00 31.31 ? 296 HOH A O   1 
HETATM 1598 O O   . HOH B 2 .   ? 15.071  -2.588  4.084   1.00 44.06 ? 297 HOH A O   1 
HETATM 1599 O O   . HOH B 2 .   ? 20.519  -8.398  -2.773  1.00 26.64 ? 298 HOH A O   1 
HETATM 1600 O O   . HOH B 2 .   ? -4.821  -14.911 -8.532  1.00 28.68 ? 299 HOH A O   1 
HETATM 1601 O O   . HOH B 2 .   ? -6.752  -13.983 -10.608 1.00 30.45 ? 300 HOH A O   1 
HETATM 1602 O O   . HOH B 2 .   ? -7.496  8.387   -10.751 1.00 29.11 ? 301 HOH A O   1 
# 
loop_
_pdbx_poly_seq_scheme.asym_id 
_pdbx_poly_seq_scheme.entity_id 
_pdbx_poly_seq_scheme.seq_id 
_pdbx_poly_seq_scheme.mon_id 
_pdbx_poly_seq_scheme.ndb_seq_num 
_pdbx_poly_seq_scheme.pdb_seq_num 
_pdbx_poly_seq_scheme.auth_seq_num 
_pdbx_poly_seq_scheme.pdb_mon_id 
_pdbx_poly_seq_scheme.auth_mon_id 
_pdbx_poly_seq_scheme.pdb_strand_id 
_pdbx_poly_seq_scheme.pdb_ins_code 
_pdbx_poly_seq_scheme.hetero 
A 1 1   MET 1   1   1   MET MET A . n 
A 1 2   GLN 2   2   2   GLN GLN A . n 
A 1 3   LEU 3   3   3   LEU LEU A . n 
A 1 4   LYS 4   4   4   LYS ALA A . n 
A 1 5   GLY 5   5   5   GLY GLY A . n 
A 1 6   LYS 6   6   6   LYS LYS A . n 
A 1 7   THR 7   7   7   THR THR A . n 
A 1 8   ALA 8   8   8   ALA ALA A . n 
A 1 9   ILE 9   9   9   ILE ILE A . n 
A 1 10  VAL 10  10  10  VAL VAL A . n 
A 1 11  THR 11  11  11  THR THR A . n 
A 1 12  GLY 12  12  12  GLY GLY A . n 
A 1 13  SER 13  13  13  SER SER A . n 
A 1 14  SER 14  14  14  SER SER A . n 
A 1 15  ARG 15  15  15  ARG ALA A . n 
A 1 16  GLY 16  16  16  GLY GLY A . n 
A 1 17  LEU 17  17  17  LEU LEU A . n 
A 1 18  GLY 18  18  18  GLY GLY A . n 
A 1 19  LYS 19  19  19  LYS LYS A . n 
A 1 20  ALA 20  20  20  ALA ALA A . n 
A 1 21  ILE 21  21  21  ILE ILE A . n 
A 1 22  ALA 22  22  22  ALA ALA A . n 
A 1 23  TRP 23  23  23  TRP TRP A . n 
A 1 24  LYS 24  24  24  LYS LYS A . n 
A 1 25  LEU 25  25  25  LEU LEU A . n 
A 1 26  GLY 26  26  26  GLY GLY A . n 
A 1 27  ASN 27  27  27  ASN ASN A . n 
A 1 28  MET 28  28  28  MET MET A . n 
A 1 29  GLY 29  29  29  GLY GLY A . n 
A 1 30  ALA 30  30  30  ALA ALA A . n 
A 1 31  ASN 31  31  31  ASN ASN A . n 
A 1 32  ILE 32  32  32  ILE ILE A . n 
A 1 33  VAL 33  33  33  VAL VAL A . n 
A 1 34  LEU 34  34  34  LEU LEU A . n 
A 1 35  ASN 35  35  35  ASN ASN A . n 
A 1 36  GLY 36  36  36  GLY GLY A . n 
A 1 37  SER 37  37  37  SER SER A . n 
A 1 38  PRO 38  38  38  PRO PRO A . n 
A 1 39  ALA 39  39  39  ALA ALA A . n 
A 1 40  SER 40  40  40  SER SER A . n 
A 1 41  THR 41  41  41  THR THR A . n 
A 1 42  SER 42  42  42  SER SER A . n 
A 1 43  LEU 43  43  43  LEU LEU A . n 
A 1 44  ASP 44  44  44  ASP ASP A . n 
A 1 45  ALA 45  45  45  ALA ALA A . n 
A 1 46  THR 46  46  46  THR THR A . n 
A 1 47  ALA 47  47  47  ALA ALA A . n 
A 1 48  GLU 48  48  48  GLU GLU A . n 
A 1 49  GLU 49  49  49  GLU GLU A . n 
A 1 50  PHE 50  50  50  PHE PHE A . n 
A 1 51  LYS 51  51  51  LYS ALA A . n 
A 1 52  ALA 52  52  52  ALA ALA A . n 
A 1 53  ALA 53  53  53  ALA ALA A . n 
A 1 54  GLY 54  54  54  GLY GLY A . n 
A 1 55  ILE 55  55  55  ILE ILE A . n 
A 1 56  ASN 56  56  56  ASN ASN A . n 
A 1 57  VAL 57  57  57  VAL VAL A . n 
A 1 58  VAL 58  58  58  VAL VAL A . n 
A 1 59  VAL 59  59  59  VAL VAL A . n 
A 1 60  ALA 60  60  60  ALA ALA A . n 
A 1 61  LYS 61  61  61  LYS LYS A . n 
A 1 62  GLY 62  62  62  GLY GLY A . n 
A 1 63  ASP 63  63  63  ASP ALA A . n 
A 1 64  VAL 64  64  64  VAL VAL A . n 
A 1 65  LYS 65  65  65  LYS LYS A . n 
A 1 66  ASN 66  66  66  ASN ASN A . n 
A 1 67  PRO 67  67  67  PRO PRO A . n 
A 1 68  GLU 68  68  68  GLU ALA A . n 
A 1 69  ASP 69  69  69  ASP ASP A . n 
A 1 70  VAL 70  70  70  VAL VAL A . n 
A 1 71  GLU 71  71  71  GLU ALA A . n 
A 1 72  ASN 72  72  72  ASN ASN A . n 
A 1 73  MET 73  73  73  MET MET A . n 
A 1 74  VAL 74  74  74  VAL VAL A . n 
A 1 75  LYS 75  75  75  LYS LYS A . n 
A 1 76  THR 76  76  76  THR THR A . n 
A 1 77  ALA 77  77  77  ALA ALA A . n 
A 1 78  MET 78  78  78  MET MET A . n 
A 1 79  ASP 79  79  79  ASP ASP A . n 
A 1 80  ALA 80  80  80  ALA ALA A . n 
A 1 81  PHE 81  81  81  PHE PHE A . n 
A 1 82  GLY 82  82  82  GLY GLY A . n 
A 1 83  ARG 83  83  83  ARG ARG A . n 
A 1 84  ILE 84  84  84  ILE ILE A . n 
A 1 85  ASP 85  85  85  ASP ASP A . n 
A 1 86  ILE 86  86  86  ILE ILE A . n 
A 1 87  LEU 87  87  87  LEU LEU A . n 
A 1 88  VAL 88  88  88  VAL VAL A . n 
A 1 89  ASN 89  89  89  ASN ASN A . n 
A 1 90  ASN 90  90  90  ASN ASN A . n 
A 1 91  ALA 91  91  91  ALA ALA A . n 
A 1 92  GLY 92  92  ?   ?   ?   A . n 
A 1 93  ILE 93  93  ?   ?   ?   A . n 
A 1 94  THR 94  94  ?   ?   ?   A . n 
A 1 95  ARG 95  95  ?   ?   ?   A . n 
A 1 96  ASP 96  96  ?   ?   ?   A . n 
A 1 97  THR 97  97  ?   ?   ?   A . n 
A 1 98  LEU 98  98  ?   ?   ?   A . n 
A 1 99  MET 99  99  ?   ?   ?   A . n 
A 1 100 LEU 100 100 ?   ?   ?   A . n 
A 1 101 LYS 101 101 ?   ?   ?   A . n 
A 1 102 MET 102 102 ?   ?   ?   A . n 
A 1 103 SER 103 103 ?   ?   ?   A . n 
A 1 104 GLU 104 104 ?   ?   ?   A . n 
A 1 105 LYS 105 105 ?   ?   ?   A . n 
A 1 106 ASP 106 106 ?   ?   ?   A . n 
A 1 107 TRP 107 107 107 TRP ALA A . n 
A 1 108 ASP 108 108 108 ASP ASP A . n 
A 1 109 ASP 109 109 109 ASP ALA A . n 
A 1 110 VAL 110 110 110 VAL ALA A . n 
A 1 111 LEU 111 111 111 LEU LEU A . n 
A 1 112 ASN 112 112 112 ASN ASN A . n 
A 1 113 THR 113 113 113 THR ALA A . n 
A 1 114 ASN 114 114 114 ASN ALA A . n 
A 1 115 LEU 115 115 115 LEU LEU A . n 
A 1 116 LYS 116 116 116 LYS ALA A . n 
A 1 117 SER 117 117 117 SER SER A . n 
A 1 118 ALA 118 118 118 ALA ALA A . n 
A 1 119 TYR 119 119 119 TYR TYR A . n 
A 1 120 LEU 120 120 120 LEU LEU A . n 
A 1 121 CYS 121 121 121 CYS CYS A . n 
A 1 122 THR 122 122 122 THR THR A . n 
A 1 123 LYS 123 123 123 LYS ALA A . n 
A 1 124 ALA 124 124 124 ALA ALA A . n 
A 1 125 VAL 125 125 125 VAL VAL A . n 
A 1 126 SER 126 126 126 SER SER A . n 
A 1 127 LYS 127 127 127 LYS ALA A . n 
A 1 128 ILE 128 128 128 ILE ILE A . n 
A 1 129 MET 129 129 129 MET MET A . n 
A 1 130 LEU 130 130 130 LEU LEU A . n 
A 1 131 LYS 131 131 131 LYS LYS A . n 
A 1 132 GLN 132 132 132 GLN GLN A . n 
A 1 133 LYS 133 133 133 LYS LYS A . n 
A 1 134 SER 134 134 134 SER SER A . n 
A 1 135 GLY 135 135 135 GLY GLY A . n 
A 1 136 LYS 136 136 136 LYS LYS A . n 
A 1 137 ILE 137 137 137 ILE ILE A . n 
A 1 138 ILE 138 138 138 ILE ILE A . n 
A 1 139 ASN 139 139 139 ASN ASN A . n 
A 1 140 ILE 140 140 140 ILE ILE A . n 
A 1 141 THR 141 141 141 THR THR A . n 
A 1 142 SER 142 142 142 SER SER A . n 
A 1 143 ILE 143 143 ?   ?   ?   A . n 
A 1 144 ALA 144 144 ?   ?   ?   A . n 
A 1 145 GLY 145 145 ?   ?   ?   A . n 
A 1 146 ILE 146 146 ?   ?   ?   A . n 
A 1 147 ILE 147 147 ?   ?   ?   A . n 
A 1 148 GLY 148 148 ?   ?   ?   A . n 
A 1 149 ASN 149 149 ?   ?   ?   A . n 
A 1 150 ALA 150 150 ?   ?   ?   A . n 
A 1 151 GLY 151 151 ?   ?   ?   A . n 
A 1 152 GLN 152 152 152 GLN GLN A . n 
A 1 153 ALA 153 153 153 ALA ALA A . n 
A 1 154 ASN 154 154 154 ASN ASN A . n 
A 1 155 TYR 155 155 155 TYR TYR A . n 
A 1 156 ALA 156 156 156 ALA ALA A . n 
A 1 157 ALA 157 157 157 ALA ALA A . n 
A 1 158 SER 158 158 158 SER SER A . n 
A 1 159 LYS 159 159 159 LYS LYS A . n 
A 1 160 ALA 160 160 160 ALA ALA A . n 
A 1 161 GLY 161 161 161 GLY GLY A . n 
A 1 162 LEU 162 162 162 LEU LEU A . n 
A 1 163 ILE 163 163 163 ILE ILE A . n 
A 1 164 GLY 164 164 164 GLY GLY A . n 
A 1 165 PHE 165 165 165 PHE PHE A . n 
A 1 166 THR 166 166 166 THR THR A . n 
A 1 167 LYS 167 167 167 LYS LYS A . n 
A 1 168 SER 168 168 168 SER SER A . n 
A 1 169 ILE 169 169 169 ILE ILE A . n 
A 1 170 ALA 170 170 170 ALA ALA A . n 
A 1 171 LYS 171 171 171 LYS LYS A . n 
A 1 172 GLU 172 172 172 GLU GLU A . n 
A 1 173 PHE 173 173 173 PHE PHE A . n 
A 1 174 ALA 174 174 174 ALA ALA A . n 
A 1 175 ALA 175 175 175 ALA ALA A . n 
A 1 176 LYS 176 176 176 LYS LYS A . n 
A 1 177 GLY 177 177 177 GLY GLY A . n 
A 1 178 ILE 178 178 178 ILE ILE A . n 
A 1 179 TYR 179 179 179 TYR TYR A . n 
A 1 180 CYS 180 180 180 CYS CYS A . n 
A 1 181 ASN 181 181 181 ASN ASN A . n 
A 1 182 ALA 182 182 182 ALA ALA A . n 
A 1 183 VAL 183 183 183 VAL VAL A . n 
A 1 184 ALA 184 184 184 ALA ALA A . n 
A 1 185 PRO 185 185 185 PRO PRO A . n 
A 1 186 GLY 186 186 186 GLY GLY A . n 
A 1 187 ILE 187 187 187 ILE ILE A . n 
A 1 188 ILE 188 188 188 ILE ILE A . n 
A 1 189 LYS 189 189 189 LYS LYS A . n 
A 1 190 THR 190 190 190 THR THR A . n 
A 1 191 ASP 191 191 191 ASP ASP A . n 
A 1 192 MET 192 192 192 MET ALA A . n 
A 1 193 THR 193 193 193 THR THR A . n 
A 1 194 ASP 194 194 194 ASP ASP A . n 
A 1 195 VAL 195 195 195 VAL ALA A . n 
A 1 196 LEU 196 196 196 LEU LEU A . n 
A 1 197 PRO 197 197 197 PRO PRO A . n 
A 1 198 ASP 198 198 198 ASP ALA A . n 
A 1 199 LYS 199 199 199 LYS ALA A . n 
A 1 200 VAL 200 200 200 VAL ALA A . n 
A 1 201 LYS 201 201 201 LYS ALA A . n 
A 1 202 GLU 202 202 202 GLU ALA A . n 
A 1 203 MET 203 203 203 MET ALA A . n 
A 1 204 TYR 204 204 204 TYR TYR A . n 
A 1 205 LEU 205 205 205 LEU LEU A . n 
A 1 206 ASN 206 206 206 ASN ALA A . n 
A 1 207 ASN 207 207 207 ASN ALA A . n 
A 1 208 ILE 208 208 208 ILE ILE A . n 
A 1 209 PRO 209 209 209 PRO PRO A . n 
A 1 210 LEU 210 210 210 LEU LEU A . n 
A 1 211 LYS 211 211 211 LYS LYS A . n 
A 1 212 ARG 212 212 212 ARG ARG A . n 
A 1 213 PHE 213 213 213 PHE PHE A . n 
A 1 214 GLY 214 214 214 GLY GLY A . n 
A 1 215 THR 215 215 215 THR THR A . n 
A 1 216 PRO 216 216 216 PRO PRO A . n 
A 1 217 GLU 217 217 217 GLU GLU A . n 
A 1 218 GLU 218 218 218 GLU GLU A . n 
A 1 219 VAL 219 219 219 VAL VAL A . n 
A 1 220 ALA 220 220 220 ALA ALA A . n 
A 1 221 ASN 221 221 221 ASN ASN A . n 
A 1 222 VAL 222 222 222 VAL VAL A . n 
A 1 223 VAL 223 223 223 VAL VAL A . n 
A 1 224 GLY 224 224 224 GLY GLY A . n 
A 1 225 PHE 225 225 225 PHE PHE A . n 
A 1 226 LEU 226 226 226 LEU LEU A . n 
A 1 227 ALA 227 227 227 ALA ALA A . n 
A 1 228 SER 228 228 228 SER SER A . n 
A 1 229 ASP 229 229 229 ASP ASP A . n 
A 1 230 ASP 230 230 230 ASP ASP A . n 
A 1 231 SER 231 231 231 SER SER A . n 
A 1 232 ASN 232 232 232 ASN ASN A . n 
A 1 233 TYR 233 233 233 TYR TYR A . n 
A 1 234 ILE 234 234 234 ILE ILE A . n 
A 1 235 THR 235 235 235 THR THR A . n 
A 1 236 GLY 236 236 236 GLY GLY A . n 
A 1 237 GLN 237 237 237 GLN GLN A . n 
A 1 238 VAL 238 238 238 VAL VAL A . n 
A 1 239 ILE 239 239 239 ILE ILE A . n 
A 1 240 ASN 240 240 240 ASN ASN A . n 
A 1 241 ILE 241 241 241 ILE ILE A . n 
A 1 242 ASP 242 242 242 ASP ASP A . n 
A 1 243 GLY 243 243 243 GLY GLY A . n 
A 1 244 GLY 244 244 244 GLY GLY A . n 
A 1 245 LEU 245 245 245 LEU LEU A . n 
A 1 246 VAL 246 246 ?   ?   ?   A . n 
A 1 247 MET 247 247 ?   ?   ?   A . n 
# 
_pdbx_SG_project.id                    1 
_pdbx_SG_project.project_name          'PSI, Protein Structure Initiative' 
_pdbx_SG_project.full_name_of_center   'Southeast Collaboratory for Structural Genomics' 
_pdbx_SG_project.initial_of_center     SECSG 
# 
loop_
_pdbx_nonpoly_scheme.asym_id 
_pdbx_nonpoly_scheme.entity_id 
_pdbx_nonpoly_scheme.mon_id 
_pdbx_nonpoly_scheme.ndb_seq_num 
_pdbx_nonpoly_scheme.pdb_seq_num 
_pdbx_nonpoly_scheme.auth_seq_num 
_pdbx_nonpoly_scheme.pdb_mon_id 
_pdbx_nonpoly_scheme.auth_mon_id 
_pdbx_nonpoly_scheme.pdb_strand_id 
_pdbx_nonpoly_scheme.pdb_ins_code 
B 2 HOH 1  248 1  HOH HOH A . 
B 2 HOH 2  249 2  HOH HOH A . 
B 2 HOH 3  250 3  HOH HOH A . 
B 2 HOH 4  251 4  HOH HOH A . 
B 2 HOH 5  252 5  HOH HOH A . 
B 2 HOH 6  253 6  HOH HOH A . 
B 2 HOH 7  254 7  HOH HOH A . 
B 2 HOH 8  255 8  HOH HOH A . 
B 2 HOH 9  256 9  HOH HOH A . 
B 2 HOH 10 257 10 HOH HOH A . 
B 2 HOH 11 258 11 HOH HOH A . 
B 2 HOH 12 259 12 HOH HOH A . 
B 2 HOH 13 260 13 HOH HOH A . 
B 2 HOH 14 261 14 HOH HOH A . 
B 2 HOH 15 262 15 HOH HOH A . 
B 2 HOH 16 263 16 HOH HOH A . 
B 2 HOH 17 264 17 HOH HOH A . 
B 2 HOH 18 265 18 HOH HOH A . 
B 2 HOH 19 266 19 HOH HOH A . 
B 2 HOH 20 267 20 HOH HOH A . 
B 2 HOH 21 268 21 HOH HOH A . 
B 2 HOH 22 269 22 HOH HOH A . 
B 2 HOH 23 270 23 HOH HOH A . 
B 2 HOH 24 271 24 HOH HOH A . 
B 2 HOH 25 272 25 HOH HOH A . 
B 2 HOH 26 273 26 HOH HOH A . 
B 2 HOH 27 274 27 HOH HOH A . 
B 2 HOH 28 275 28 HOH HOH A . 
B 2 HOH 29 276 29 HOH HOH A . 
B 2 HOH 30 277 30 HOH HOH A . 
B 2 HOH 31 278 31 HOH HOH A . 
B 2 HOH 32 279 32 HOH HOH A . 
B 2 HOH 33 280 33 HOH HOH A . 
B 2 HOH 34 281 34 HOH HOH A . 
B 2 HOH 35 282 35 HOH HOH A . 
B 2 HOH 36 283 36 HOH HOH A . 
B 2 HOH 37 284 37 HOH HOH A . 
B 2 HOH 38 285 38 HOH HOH A . 
B 2 HOH 39 286 39 HOH HOH A . 
B 2 HOH 40 287 40 HOH HOH A . 
B 2 HOH 41 288 41 HOH HOH A . 
B 2 HOH 42 289 42 HOH HOH A . 
B 2 HOH 43 290 44 HOH HOH A . 
B 2 HOH 44 291 45 HOH HOH A . 
B 2 HOH 45 292 46 HOH HOH A . 
B 2 HOH 46 293 47 HOH HOH A . 
B 2 HOH 47 294 48 HOH HOH A . 
B 2 HOH 48 295 49 HOH HOH A . 
B 2 HOH 49 296 50 HOH HOH A . 
B 2 HOH 50 297 51 HOH HOH A . 
B 2 HOH 51 298 52 HOH HOH A . 
B 2 HOH 52 299 53 HOH HOH A . 
B 2 HOH 53 300 54 HOH HOH A . 
B 2 HOH 54 301 55 HOH HOH A . 
# 
_pdbx_struct_assembly.id                   1 
_pdbx_struct_assembly.details              author_defined_assembly 
_pdbx_struct_assembly.method_details       ? 
_pdbx_struct_assembly.oligomeric_details   tetrameric 
_pdbx_struct_assembly.oligomeric_count     4 
# 
_pdbx_struct_assembly_gen.assembly_id       1 
_pdbx_struct_assembly_gen.oper_expression   1,2,3,4 
_pdbx_struct_assembly_gen.asym_id_list      A,B 
# 
loop_
_pdbx_struct_oper_list.id 
_pdbx_struct_oper_list.type 
_pdbx_struct_oper_list.name 
_pdbx_struct_oper_list.symmetry_operation 
_pdbx_struct_oper_list.matrix[1][1] 
_pdbx_struct_oper_list.matrix[1][2] 
_pdbx_struct_oper_list.matrix[1][3] 
_pdbx_struct_oper_list.vector[1] 
_pdbx_struct_oper_list.matrix[2][1] 
_pdbx_struct_oper_list.matrix[2][2] 
_pdbx_struct_oper_list.matrix[2][3] 
_pdbx_struct_oper_list.vector[2] 
_pdbx_struct_oper_list.matrix[3][1] 
_pdbx_struct_oper_list.matrix[3][2] 
_pdbx_struct_oper_list.matrix[3][3] 
_pdbx_struct_oper_list.vector[3] 
1 'identity operation'         1_555 x,y,z       1.0000000000  0.0000000000  0.0000000000  0.0000000000   0.0000000000  1.0000000000  0.0000000000  0.0000000000   0.0000000000  0.0000000000  1.0000000000  0.0000000000   
2 'crystal symmetry operation' 3_556 -x,y,-z+1   -0.7780034542 0.6223295763  0.0861192410  8.7893394787   0.6223295763  0.7445951701  0.2414206516  0.8757793113   0.0861192410  0.2414206516  -0.9665917159 -28.9856987154 
3 'crystal symmetry operation' 2_565 -x,-y+1,z   -0.6911712686 -0.0101673959 -0.7226194722 -15.0547592869 -0.0101673959 -0.9996652645 0.0237903974  -32.4268154587 -0.7226194722 0.0237903974  0.6908365331  -5.9777602300  
4 'crystal symmetry operation' 4_566 x,-y+1,-z+1 0.4691747228  -0.6121621804 0.6365002312  -0.1929722937  -0.6121621804 -0.7449299056 -0.2652110490 -34.0812476011 0.6365002312  -0.2652110490 -0.7242448172 -32.3326525566 
# 
_pdbx_struct_special_symmetry.id              1 
_pdbx_struct_special_symmetry.PDB_model_num   1 
_pdbx_struct_special_symmetry.auth_asym_id    A 
_pdbx_struct_special_symmetry.auth_comp_id    HOH 
_pdbx_struct_special_symmetry.auth_seq_id     270 
_pdbx_struct_special_symmetry.PDB_ins_code    ? 
_pdbx_struct_special_symmetry.label_asym_id   B 
_pdbx_struct_special_symmetry.label_comp_id   HOH 
_pdbx_struct_special_symmetry.label_seq_id    . 
# 
loop_
_pdbx_audit_revision_history.ordinal 
_pdbx_audit_revision_history.data_content_type 
_pdbx_audit_revision_history.major_revision 
_pdbx_audit_revision_history.minor_revision 
_pdbx_audit_revision_history.revision_date 
1 'Structure model' 1 0 2006-09-12 
2 'Structure model' 1 1 2008-04-29 
3 'Structure model' 1 2 2011-07-13 
4 'Structure model' 1 3 2018-01-24 
5 'Structure model' 1 4 2023-08-30 
# 
_pdbx_audit_revision_details.ordinal             1 
_pdbx_audit_revision_details.revision_ordinal    1 
_pdbx_audit_revision_details.data_content_type   'Structure model' 
_pdbx_audit_revision_details.provider            repository 
_pdbx_audit_revision_details.type                'Initial release' 
_pdbx_audit_revision_details.description         ? 
_pdbx_audit_revision_details.details             ? 
# 
loop_
_pdbx_audit_revision_group.ordinal 
_pdbx_audit_revision_group.revision_ordinal 
_pdbx_audit_revision_group.data_content_type 
_pdbx_audit_revision_group.group 
1 2 'Structure model' 'Version format compliance' 
2 3 'Structure model' 'Version format compliance' 
3 4 'Structure model' 'Database references'       
4 5 'Structure model' 'Data collection'           
5 5 'Structure model' 'Database references'       
6 5 'Structure model' 'Refinement description'    
# 
loop_
_pdbx_audit_revision_category.ordinal 
_pdbx_audit_revision_category.revision_ordinal 
_pdbx_audit_revision_category.data_content_type 
_pdbx_audit_revision_category.category 
1 4 'Structure model' citation_author               
2 5 'Structure model' chem_comp_atom                
3 5 'Structure model' chem_comp_bond                
4 5 'Structure model' database_2                    
5 5 'Structure model' pdbx_initial_refinement_model 
# 
loop_
_pdbx_audit_revision_item.ordinal 
_pdbx_audit_revision_item.revision_ordinal 
_pdbx_audit_revision_item.data_content_type 
_pdbx_audit_revision_item.item 
1 4 'Structure model' '_citation_author.name'               
2 5 'Structure model' '_database_2.pdbx_DOI'                
3 5 'Structure model' '_database_2.pdbx_database_accession' 
# 
loop_
_software.name 
_software.classification 
_software.version 
_software.citation_id 
_software.pdbx_ordinal 
CCP4     'model building' .        ? 1 
REFMAC   refinement       5.2.0019 ? 2 
HKL-2000 'data reduction' .        ? 3 
HKL-2000 'data scaling'   .        ? 4 
CCP4     phasing          .        ? 5 
# 
_pdbx_validate_torsion.id              1 
_pdbx_validate_torsion.PDB_model_num   1 
_pdbx_validate_torsion.auth_comp_id    ASP 
_pdbx_validate_torsion.auth_asym_id    A 
_pdbx_validate_torsion.auth_seq_id     242 
_pdbx_validate_torsion.PDB_ins_code    ? 
_pdbx_validate_torsion.label_alt_id    ? 
_pdbx_validate_torsion.phi             -141.64 
_pdbx_validate_torsion.psi             10.73 
# 
loop_
_pdbx_unobs_or_zero_occ_atoms.id 
_pdbx_unobs_or_zero_occ_atoms.PDB_model_num 
_pdbx_unobs_or_zero_occ_atoms.polymer_flag 
_pdbx_unobs_or_zero_occ_atoms.occupancy_flag 
_pdbx_unobs_or_zero_occ_atoms.auth_asym_id 
_pdbx_unobs_or_zero_occ_atoms.auth_comp_id 
_pdbx_unobs_or_zero_occ_atoms.auth_seq_id 
_pdbx_unobs_or_zero_occ_atoms.PDB_ins_code 
_pdbx_unobs_or_zero_occ_atoms.auth_atom_id 
_pdbx_unobs_or_zero_occ_atoms.label_alt_id 
_pdbx_unobs_or_zero_occ_atoms.label_asym_id 
_pdbx_unobs_or_zero_occ_atoms.label_comp_id 
_pdbx_unobs_or_zero_occ_atoms.label_seq_id 
_pdbx_unobs_or_zero_occ_atoms.label_atom_id 
1   1 Y 1 A LYS 4   ? CG  ? A LYS 4   CG  
2   1 Y 1 A LYS 4   ? CD  ? A LYS 4   CD  
3   1 Y 1 A LYS 4   ? CE  ? A LYS 4   CE  
4   1 Y 1 A LYS 4   ? NZ  ? A LYS 4   NZ  
5   1 Y 1 A ARG 15  ? CG  ? A ARG 15  CG  
6   1 Y 1 A ARG 15  ? CD  ? A ARG 15  CD  
7   1 Y 1 A ARG 15  ? NE  ? A ARG 15  NE  
8   1 Y 1 A ARG 15  ? CZ  ? A ARG 15  CZ  
9   1 Y 1 A ARG 15  ? NH1 ? A ARG 15  NH1 
10  1 Y 1 A ARG 15  ? NH2 ? A ARG 15  NH2 
11  1 Y 1 A LYS 51  ? CG  ? A LYS 51  CG  
12  1 Y 1 A LYS 51  ? CD  ? A LYS 51  CD  
13  1 Y 1 A LYS 51  ? CE  ? A LYS 51  CE  
14  1 Y 1 A LYS 51  ? NZ  ? A LYS 51  NZ  
15  1 Y 1 A ASP 63  ? CG  ? A ASP 63  CG  
16  1 Y 1 A ASP 63  ? OD1 ? A ASP 63  OD1 
17  1 Y 1 A ASP 63  ? OD2 ? A ASP 63  OD2 
18  1 Y 1 A GLU 68  ? CG  ? A GLU 68  CG  
19  1 Y 1 A GLU 68  ? CD  ? A GLU 68  CD  
20  1 Y 1 A GLU 68  ? OE1 ? A GLU 68  OE1 
21  1 Y 1 A GLU 68  ? OE2 ? A GLU 68  OE2 
22  1 Y 1 A GLU 71  ? CG  ? A GLU 71  CG  
23  1 Y 1 A GLU 71  ? CD  ? A GLU 71  CD  
24  1 Y 1 A GLU 71  ? OE1 ? A GLU 71  OE1 
25  1 Y 1 A GLU 71  ? OE2 ? A GLU 71  OE2 
26  1 Y 1 A TRP 107 ? CG  ? A TRP 107 CG  
27  1 Y 1 A TRP 107 ? CD1 ? A TRP 107 CD1 
28  1 Y 1 A TRP 107 ? CD2 ? A TRP 107 CD2 
29  1 Y 1 A TRP 107 ? NE1 ? A TRP 107 NE1 
30  1 Y 1 A TRP 107 ? CE2 ? A TRP 107 CE2 
31  1 Y 1 A TRP 107 ? CE3 ? A TRP 107 CE3 
32  1 Y 1 A TRP 107 ? CZ2 ? A TRP 107 CZ2 
33  1 Y 1 A TRP 107 ? CZ3 ? A TRP 107 CZ3 
34  1 Y 1 A TRP 107 ? CH2 ? A TRP 107 CH2 
35  1 Y 1 A ASP 109 ? CG  ? A ASP 109 CG  
36  1 Y 1 A ASP 109 ? OD1 ? A ASP 109 OD1 
37  1 Y 1 A ASP 109 ? OD2 ? A ASP 109 OD2 
38  1 Y 1 A VAL 110 ? CG1 ? A VAL 110 CG1 
39  1 Y 1 A VAL 110 ? CG2 ? A VAL 110 CG2 
40  1 Y 1 A THR 113 ? OG1 ? A THR 113 OG1 
41  1 Y 1 A THR 113 ? CG2 ? A THR 113 CG2 
42  1 Y 1 A ASN 114 ? CG  ? A ASN 114 CG  
43  1 Y 1 A ASN 114 ? OD1 ? A ASN 114 OD1 
44  1 Y 1 A ASN 114 ? ND2 ? A ASN 114 ND2 
45  1 Y 1 A LYS 116 ? CG  ? A LYS 116 CG  
46  1 Y 1 A LYS 116 ? CD  ? A LYS 116 CD  
47  1 Y 1 A LYS 116 ? CE  ? A LYS 116 CE  
48  1 Y 1 A LYS 116 ? NZ  ? A LYS 116 NZ  
49  1 Y 1 A LYS 123 ? CG  ? A LYS 123 CG  
50  1 Y 1 A LYS 123 ? CD  ? A LYS 123 CD  
51  1 Y 1 A LYS 123 ? CE  ? A LYS 123 CE  
52  1 Y 1 A LYS 123 ? NZ  ? A LYS 123 NZ  
53  1 Y 1 A LYS 127 ? CG  ? A LYS 127 CG  
54  1 Y 1 A LYS 127 ? CD  ? A LYS 127 CD  
55  1 Y 1 A LYS 127 ? CE  ? A LYS 127 CE  
56  1 Y 1 A LYS 127 ? NZ  ? A LYS 127 NZ  
57  1 Y 1 A GLN 152 ? CG  ? A GLN 152 CG  
58  1 Y 1 A GLN 152 ? CD  ? A GLN 152 CD  
59  1 Y 1 A GLN 152 ? OE1 ? A GLN 152 OE1 
60  1 Y 1 A GLN 152 ? NE2 ? A GLN 152 NE2 
61  1 Y 1 A ASN 154 ? CG  ? A ASN 154 CG  
62  1 Y 1 A ASN 154 ? OD1 ? A ASN 154 OD1 
63  1 Y 1 A ASN 154 ? ND2 ? A ASN 154 ND2 
64  1 Y 1 A TYR 155 ? CG  ? A TYR 155 CG  
65  1 Y 1 A TYR 155 ? CD1 ? A TYR 155 CD1 
66  1 Y 1 A TYR 155 ? CD2 ? A TYR 155 CD2 
67  1 Y 1 A TYR 155 ? CE1 ? A TYR 155 CE1 
68  1 Y 1 A TYR 155 ? CE2 ? A TYR 155 CE2 
69  1 Y 1 A TYR 155 ? CZ  ? A TYR 155 CZ  
70  1 Y 1 A TYR 155 ? OH  ? A TYR 155 OH  
71  1 Y 1 A MET 192 ? CG  ? A MET 192 CG  
72  1 Y 1 A MET 192 ? SD  ? A MET 192 SD  
73  1 Y 1 A MET 192 ? CE  ? A MET 192 CE  
74  1 Y 1 A VAL 195 ? CG1 ? A VAL 195 CG1 
75  1 Y 1 A VAL 195 ? CG2 ? A VAL 195 CG2 
76  1 Y 1 A ASP 198 ? CG  ? A ASP 198 CG  
77  1 Y 1 A ASP 198 ? OD1 ? A ASP 198 OD1 
78  1 Y 1 A ASP 198 ? OD2 ? A ASP 198 OD2 
79  1 Y 1 A LYS 199 ? CG  ? A LYS 199 CG  
80  1 Y 1 A LYS 199 ? CD  ? A LYS 199 CD  
81  1 Y 1 A LYS 199 ? CE  ? A LYS 199 CE  
82  1 Y 1 A LYS 199 ? NZ  ? A LYS 199 NZ  
83  1 Y 1 A VAL 200 ? CG1 ? A VAL 200 CG1 
84  1 Y 1 A VAL 200 ? CG2 ? A VAL 200 CG2 
85  1 Y 1 A LYS 201 ? CG  ? A LYS 201 CG  
86  1 Y 1 A LYS 201 ? CD  ? A LYS 201 CD  
87  1 Y 1 A LYS 201 ? CE  ? A LYS 201 CE  
88  1 Y 1 A LYS 201 ? NZ  ? A LYS 201 NZ  
89  1 Y 1 A GLU 202 ? CG  ? A GLU 202 CG  
90  1 Y 1 A GLU 202 ? CD  ? A GLU 202 CD  
91  1 Y 1 A GLU 202 ? OE1 ? A GLU 202 OE1 
92  1 Y 1 A GLU 202 ? OE2 ? A GLU 202 OE2 
93  1 Y 1 A MET 203 ? CG  ? A MET 203 CG  
94  1 Y 1 A MET 203 ? SD  ? A MET 203 SD  
95  1 Y 1 A MET 203 ? CE  ? A MET 203 CE  
96  1 Y 1 A ASN 206 ? CG  ? A ASN 206 CG  
97  1 Y 1 A ASN 206 ? OD1 ? A ASN 206 OD1 
98  1 Y 1 A ASN 206 ? ND2 ? A ASN 206 ND2 
99  1 Y 1 A ASN 207 ? CG  ? A ASN 207 CG  
100 1 Y 1 A ASN 207 ? OD1 ? A ASN 207 OD1 
101 1 Y 1 A ASN 207 ? ND2 ? A ASN 207 ND2 
# 
loop_
_pdbx_unobs_or_zero_occ_residues.id 
_pdbx_unobs_or_zero_occ_residues.PDB_model_num 
_pdbx_unobs_or_zero_occ_residues.polymer_flag 
_pdbx_unobs_or_zero_occ_residues.occupancy_flag 
_pdbx_unobs_or_zero_occ_residues.auth_asym_id 
_pdbx_unobs_or_zero_occ_residues.auth_comp_id 
_pdbx_unobs_or_zero_occ_residues.auth_seq_id 
_pdbx_unobs_or_zero_occ_residues.PDB_ins_code 
_pdbx_unobs_or_zero_occ_residues.label_asym_id 
_pdbx_unobs_or_zero_occ_residues.label_comp_id 
_pdbx_unobs_or_zero_occ_residues.label_seq_id 
1  1 Y 1 A GLY 92  ? A GLY 92  
2  1 Y 1 A ILE 93  ? A ILE 93  
3  1 Y 1 A THR 94  ? A THR 94  
4  1 Y 1 A ARG 95  ? A ARG 95  
5  1 Y 1 A ASP 96  ? A ASP 96  
6  1 Y 1 A THR 97  ? A THR 97  
7  1 Y 1 A LEU 98  ? A LEU 98  
8  1 Y 1 A MET 99  ? A MET 99  
9  1 Y 1 A LEU 100 ? A LEU 100 
10 1 Y 1 A LYS 101 ? A LYS 101 
11 1 Y 1 A MET 102 ? A MET 102 
12 1 Y 1 A SER 103 ? A SER 103 
13 1 Y 1 A GLU 104 ? A GLU 104 
14 1 Y 1 A LYS 105 ? A LYS 105 
15 1 Y 1 A ASP 106 ? A ASP 106 
16 1 Y 1 A ILE 143 ? A ILE 143 
17 1 Y 1 A ALA 144 ? A ALA 144 
18 1 Y 1 A GLY 145 ? A GLY 145 
19 1 Y 1 A ILE 146 ? A ILE 146 
20 1 Y 1 A ILE 147 ? A ILE 147 
21 1 Y 1 A GLY 148 ? A GLY 148 
22 1 Y 1 A ASN 149 ? A ASN 149 
23 1 Y 1 A ALA 150 ? A ALA 150 
24 1 Y 1 A GLY 151 ? A GLY 151 
25 1 Y 1 A VAL 246 ? A VAL 246 
26 1 Y 1 A MET 247 ? A MET 247 
# 
loop_
_chem_comp_atom.comp_id 
_chem_comp_atom.atom_id 
_chem_comp_atom.type_symbol 
_chem_comp_atom.pdbx_aromatic_flag 
_chem_comp_atom.pdbx_stereo_config 
_chem_comp_atom.pdbx_ordinal 
ALA N    N N N 1   
ALA CA   C N S 2   
ALA C    C N N 3   
ALA O    O N N 4   
ALA CB   C N N 5   
ALA OXT  O N N 6   
ALA H    H N N 7   
ALA H2   H N N 8   
ALA HA   H N N 9   
ALA HB1  H N N 10  
ALA HB2  H N N 11  
ALA HB3  H N N 12  
ALA HXT  H N N 13  
ARG N    N N N 14  
ARG CA   C N S 15  
ARG C    C N N 16  
ARG O    O N N 17  
ARG CB   C N N 18  
ARG CG   C N N 19  
ARG CD   C N N 20  
ARG NE   N N N 21  
ARG CZ   C N N 22  
ARG NH1  N N N 23  
ARG NH2  N N N 24  
ARG OXT  O N N 25  
ARG H    H N N 26  
ARG H2   H N N 27  
ARG HA   H N N 28  
ARG HB2  H N N 29  
ARG HB3  H N N 30  
ARG HG2  H N N 31  
ARG HG3  H N N 32  
ARG HD2  H N N 33  
ARG HD3  H N N 34  
ARG HE   H N N 35  
ARG HH11 H N N 36  
ARG HH12 H N N 37  
ARG HH21 H N N 38  
ARG HH22 H N N 39  
ARG HXT  H N N 40  
ASN N    N N N 41  
ASN CA   C N S 42  
ASN C    C N N 43  
ASN O    O N N 44  
ASN CB   C N N 45  
ASN CG   C N N 46  
ASN OD1  O N N 47  
ASN ND2  N N N 48  
ASN OXT  O N N 49  
ASN H    H N N 50  
ASN H2   H N N 51  
ASN HA   H N N 52  
ASN HB2  H N N 53  
ASN HB3  H N N 54  
ASN HD21 H N N 55  
ASN HD22 H N N 56  
ASN HXT  H N N 57  
ASP N    N N N 58  
ASP CA   C N S 59  
ASP C    C N N 60  
ASP O    O N N 61  
ASP CB   C N N 62  
ASP CG   C N N 63  
ASP OD1  O N N 64  
ASP OD2  O N N 65  
ASP OXT  O N N 66  
ASP H    H N N 67  
ASP H2   H N N 68  
ASP HA   H N N 69  
ASP HB2  H N N 70  
ASP HB3  H N N 71  
ASP HD2  H N N 72  
ASP HXT  H N N 73  
CYS N    N N N 74  
CYS CA   C N R 75  
CYS C    C N N 76  
CYS O    O N N 77  
CYS CB   C N N 78  
CYS SG   S N N 79  
CYS OXT  O N N 80  
CYS H    H N N 81  
CYS H2   H N N 82  
CYS HA   H N N 83  
CYS HB2  H N N 84  
CYS HB3  H N N 85  
CYS HG   H N N 86  
CYS HXT  H N N 87  
GLN N    N N N 88  
GLN CA   C N S 89  
GLN C    C N N 90  
GLN O    O N N 91  
GLN CB   C N N 92  
GLN CG   C N N 93  
GLN CD   C N N 94  
GLN OE1  O N N 95  
GLN NE2  N N N 96  
GLN OXT  O N N 97  
GLN H    H N N 98  
GLN H2   H N N 99  
GLN HA   H N N 100 
GLN HB2  H N N 101 
GLN HB3  H N N 102 
GLN HG2  H N N 103 
GLN HG3  H N N 104 
GLN HE21 H N N 105 
GLN HE22 H N N 106 
GLN HXT  H N N 107 
GLU N    N N N 108 
GLU CA   C N S 109 
GLU C    C N N 110 
GLU O    O N N 111 
GLU CB   C N N 112 
GLU CG   C N N 113 
GLU CD   C N N 114 
GLU OE1  O N N 115 
GLU OE2  O N N 116 
GLU OXT  O N N 117 
GLU H    H N N 118 
GLU H2   H N N 119 
GLU HA   H N N 120 
GLU HB2  H N N 121 
GLU HB3  H N N 122 
GLU HG2  H N N 123 
GLU HG3  H N N 124 
GLU HE2  H N N 125 
GLU HXT  H N N 126 
GLY N    N N N 127 
GLY CA   C N N 128 
GLY C    C N N 129 
GLY O    O N N 130 
GLY OXT  O N N 131 
GLY H    H N N 132 
GLY H2   H N N 133 
GLY HA2  H N N 134 
GLY HA3  H N N 135 
GLY HXT  H N N 136 
HOH O    O N N 137 
HOH H1   H N N 138 
HOH H2   H N N 139 
ILE N    N N N 140 
ILE CA   C N S 141 
ILE C    C N N 142 
ILE O    O N N 143 
ILE CB   C N S 144 
ILE CG1  C N N 145 
ILE CG2  C N N 146 
ILE CD1  C N N 147 
ILE OXT  O N N 148 
ILE H    H N N 149 
ILE H2   H N N 150 
ILE HA   H N N 151 
ILE HB   H N N 152 
ILE HG12 H N N 153 
ILE HG13 H N N 154 
ILE HG21 H N N 155 
ILE HG22 H N N 156 
ILE HG23 H N N 157 
ILE HD11 H N N 158 
ILE HD12 H N N 159 
ILE HD13 H N N 160 
ILE HXT  H N N 161 
LEU N    N N N 162 
LEU CA   C N S 163 
LEU C    C N N 164 
LEU O    O N N 165 
LEU CB   C N N 166 
LEU CG   C N N 167 
LEU CD1  C N N 168 
LEU CD2  C N N 169 
LEU OXT  O N N 170 
LEU H    H N N 171 
LEU H2   H N N 172 
LEU HA   H N N 173 
LEU HB2  H N N 174 
LEU HB3  H N N 175 
LEU HG   H N N 176 
LEU HD11 H N N 177 
LEU HD12 H N N 178 
LEU HD13 H N N 179 
LEU HD21 H N N 180 
LEU HD22 H N N 181 
LEU HD23 H N N 182 
LEU HXT  H N N 183 
LYS N    N N N 184 
LYS CA   C N S 185 
LYS C    C N N 186 
LYS O    O N N 187 
LYS CB   C N N 188 
LYS CG   C N N 189 
LYS CD   C N N 190 
LYS CE   C N N 191 
LYS NZ   N N N 192 
LYS OXT  O N N 193 
LYS H    H N N 194 
LYS H2   H N N 195 
LYS HA   H N N 196 
LYS HB2  H N N 197 
LYS HB3  H N N 198 
LYS HG2  H N N 199 
LYS HG3  H N N 200 
LYS HD2  H N N 201 
LYS HD3  H N N 202 
LYS HE2  H N N 203 
LYS HE3  H N N 204 
LYS HZ1  H N N 205 
LYS HZ2  H N N 206 
LYS HZ3  H N N 207 
LYS HXT  H N N 208 
MET N    N N N 209 
MET CA   C N S 210 
MET C    C N N 211 
MET O    O N N 212 
MET CB   C N N 213 
MET CG   C N N 214 
MET SD   S N N 215 
MET CE   C N N 216 
MET OXT  O N N 217 
MET H    H N N 218 
MET H2   H N N 219 
MET HA   H N N 220 
MET HB2  H N N 221 
MET HB3  H N N 222 
MET HG2  H N N 223 
MET HG3  H N N 224 
MET HE1  H N N 225 
MET HE2  H N N 226 
MET HE3  H N N 227 
MET HXT  H N N 228 
PHE N    N N N 229 
PHE CA   C N S 230 
PHE C    C N N 231 
PHE O    O N N 232 
PHE CB   C N N 233 
PHE CG   C Y N 234 
PHE CD1  C Y N 235 
PHE CD2  C Y N 236 
PHE CE1  C Y N 237 
PHE CE2  C Y N 238 
PHE CZ   C Y N 239 
PHE OXT  O N N 240 
PHE H    H N N 241 
PHE H2   H N N 242 
PHE HA   H N N 243 
PHE HB2  H N N 244 
PHE HB3  H N N 245 
PHE HD1  H N N 246 
PHE HD2  H N N 247 
PHE HE1  H N N 248 
PHE HE2  H N N 249 
PHE HZ   H N N 250 
PHE HXT  H N N 251 
PRO N    N N N 252 
PRO CA   C N S 253 
PRO C    C N N 254 
PRO O    O N N 255 
PRO CB   C N N 256 
PRO CG   C N N 257 
PRO CD   C N N 258 
PRO OXT  O N N 259 
PRO H    H N N 260 
PRO HA   H N N 261 
PRO HB2  H N N 262 
PRO HB3  H N N 263 
PRO HG2  H N N 264 
PRO HG3  H N N 265 
PRO HD2  H N N 266 
PRO HD3  H N N 267 
PRO HXT  H N N 268 
SER N    N N N 269 
SER CA   C N S 270 
SER C    C N N 271 
SER O    O N N 272 
SER CB   C N N 273 
SER OG   O N N 274 
SER OXT  O N N 275 
SER H    H N N 276 
SER H2   H N N 277 
SER HA   H N N 278 
SER HB2  H N N 279 
SER HB3  H N N 280 
SER HG   H N N 281 
SER HXT  H N N 282 
THR N    N N N 283 
THR CA   C N S 284 
THR C    C N N 285 
THR O    O N N 286 
THR CB   C N R 287 
THR OG1  O N N 288 
THR CG2  C N N 289 
THR OXT  O N N 290 
THR H    H N N 291 
THR H2   H N N 292 
THR HA   H N N 293 
THR HB   H N N 294 
THR HG1  H N N 295 
THR HG21 H N N 296 
THR HG22 H N N 297 
THR HG23 H N N 298 
THR HXT  H N N 299 
TRP N    N N N 300 
TRP CA   C N S 301 
TRP C    C N N 302 
TRP O    O N N 303 
TRP CB   C N N 304 
TRP CG   C Y N 305 
TRP CD1  C Y N 306 
TRP CD2  C Y N 307 
TRP NE1  N Y N 308 
TRP CE2  C Y N 309 
TRP CE3  C Y N 310 
TRP CZ2  C Y N 311 
TRP CZ3  C Y N 312 
TRP CH2  C Y N 313 
TRP OXT  O N N 314 
TRP H    H N N 315 
TRP H2   H N N 316 
TRP HA   H N N 317 
TRP HB2  H N N 318 
TRP HB3  H N N 319 
TRP HD1  H N N 320 
TRP HE1  H N N 321 
TRP HE3  H N N 322 
TRP HZ2  H N N 323 
TRP HZ3  H N N 324 
TRP HH2  H N N 325 
TRP HXT  H N N 326 
TYR N    N N N 327 
TYR CA   C N S 328 
TYR C    C N N 329 
TYR O    O N N 330 
TYR CB   C N N 331 
TYR CG   C Y N 332 
TYR CD1  C Y N 333 
TYR CD2  C Y N 334 
TYR CE1  C Y N 335 
TYR CE2  C Y N 336 
TYR CZ   C Y N 337 
TYR OH   O N N 338 
TYR OXT  O N N 339 
TYR H    H N N 340 
TYR H2   H N N 341 
TYR HA   H N N 342 
TYR HB2  H N N 343 
TYR HB3  H N N 344 
TYR HD1  H N N 345 
TYR HD2  H N N 346 
TYR HE1  H N N 347 
TYR HE2  H N N 348 
TYR HH   H N N 349 
TYR HXT  H N N 350 
VAL N    N N N 351 
VAL CA   C N S 352 
VAL C    C N N 353 
VAL O    O N N 354 
VAL CB   C N N 355 
VAL CG1  C N N 356 
VAL CG2  C N N 357 
VAL OXT  O N N 358 
VAL H    H N N 359 
VAL H2   H N N 360 
VAL HA   H N N 361 
VAL HB   H N N 362 
VAL HG11 H N N 363 
VAL HG12 H N N 364 
VAL HG13 H N N 365 
VAL HG21 H N N 366 
VAL HG22 H N N 367 
VAL HG23 H N N 368 
VAL HXT  H N N 369 
# 
loop_
_chem_comp_bond.comp_id 
_chem_comp_bond.atom_id_1 
_chem_comp_bond.atom_id_2 
_chem_comp_bond.value_order 
_chem_comp_bond.pdbx_aromatic_flag 
_chem_comp_bond.pdbx_stereo_config 
_chem_comp_bond.pdbx_ordinal 
ALA N   CA   sing N N 1   
ALA N   H    sing N N 2   
ALA N   H2   sing N N 3   
ALA CA  C    sing N N 4   
ALA CA  CB   sing N N 5   
ALA CA  HA   sing N N 6   
ALA C   O    doub N N 7   
ALA C   OXT  sing N N 8   
ALA CB  HB1  sing N N 9   
ALA CB  HB2  sing N N 10  
ALA CB  HB3  sing N N 11  
ALA OXT HXT  sing N N 12  
ARG N   CA   sing N N 13  
ARG N   H    sing N N 14  
ARG N   H2   sing N N 15  
ARG CA  C    sing N N 16  
ARG CA  CB   sing N N 17  
ARG CA  HA   sing N N 18  
ARG C   O    doub N N 19  
ARG C   OXT  sing N N 20  
ARG CB  CG   sing N N 21  
ARG CB  HB2  sing N N 22  
ARG CB  HB3  sing N N 23  
ARG CG  CD   sing N N 24  
ARG CG  HG2  sing N N 25  
ARG CG  HG3  sing N N 26  
ARG CD  NE   sing N N 27  
ARG CD  HD2  sing N N 28  
ARG CD  HD3  sing N N 29  
ARG NE  CZ   sing N N 30  
ARG NE  HE   sing N N 31  
ARG CZ  NH1  sing N N 32  
ARG CZ  NH2  doub N N 33  
ARG NH1 HH11 sing N N 34  
ARG NH1 HH12 sing N N 35  
ARG NH2 HH21 sing N N 36  
ARG NH2 HH22 sing N N 37  
ARG OXT HXT  sing N N 38  
ASN N   CA   sing N N 39  
ASN N   H    sing N N 40  
ASN N   H2   sing N N 41  
ASN CA  C    sing N N 42  
ASN CA  CB   sing N N 43  
ASN CA  HA   sing N N 44  
ASN C   O    doub N N 45  
ASN C   OXT  sing N N 46  
ASN CB  CG   sing N N 47  
ASN CB  HB2  sing N N 48  
ASN CB  HB3  sing N N 49  
ASN CG  OD1  doub N N 50  
ASN CG  ND2  sing N N 51  
ASN ND2 HD21 sing N N 52  
ASN ND2 HD22 sing N N 53  
ASN OXT HXT  sing N N 54  
ASP N   CA   sing N N 55  
ASP N   H    sing N N 56  
ASP N   H2   sing N N 57  
ASP CA  C    sing N N 58  
ASP CA  CB   sing N N 59  
ASP CA  HA   sing N N 60  
ASP C   O    doub N N 61  
ASP C   OXT  sing N N 62  
ASP CB  CG   sing N N 63  
ASP CB  HB2  sing N N 64  
ASP CB  HB3  sing N N 65  
ASP CG  OD1  doub N N 66  
ASP CG  OD2  sing N N 67  
ASP OD2 HD2  sing N N 68  
ASP OXT HXT  sing N N 69  
CYS N   CA   sing N N 70  
CYS N   H    sing N N 71  
CYS N   H2   sing N N 72  
CYS CA  C    sing N N 73  
CYS CA  CB   sing N N 74  
CYS CA  HA   sing N N 75  
CYS C   O    doub N N 76  
CYS C   OXT  sing N N 77  
CYS CB  SG   sing N N 78  
CYS CB  HB2  sing N N 79  
CYS CB  HB3  sing N N 80  
CYS SG  HG   sing N N 81  
CYS OXT HXT  sing N N 82  
GLN N   CA   sing N N 83  
GLN N   H    sing N N 84  
GLN N   H2   sing N N 85  
GLN CA  C    sing N N 86  
GLN CA  CB   sing N N 87  
GLN CA  HA   sing N N 88  
GLN C   O    doub N N 89  
GLN C   OXT  sing N N 90  
GLN CB  CG   sing N N 91  
GLN CB  HB2  sing N N 92  
GLN CB  HB3  sing N N 93  
GLN CG  CD   sing N N 94  
GLN CG  HG2  sing N N 95  
GLN CG  HG3  sing N N 96  
GLN CD  OE1  doub N N 97  
GLN CD  NE2  sing N N 98  
GLN NE2 HE21 sing N N 99  
GLN NE2 HE22 sing N N 100 
GLN OXT HXT  sing N N 101 
GLU N   CA   sing N N 102 
GLU N   H    sing N N 103 
GLU N   H2   sing N N 104 
GLU CA  C    sing N N 105 
GLU CA  CB   sing N N 106 
GLU CA  HA   sing N N 107 
GLU C   O    doub N N 108 
GLU C   OXT  sing N N 109 
GLU CB  CG   sing N N 110 
GLU CB  HB2  sing N N 111 
GLU CB  HB3  sing N N 112 
GLU CG  CD   sing N N 113 
GLU CG  HG2  sing N N 114 
GLU CG  HG3  sing N N 115 
GLU CD  OE1  doub N N 116 
GLU CD  OE2  sing N N 117 
GLU OE2 HE2  sing N N 118 
GLU OXT HXT  sing N N 119 
GLY N   CA   sing N N 120 
GLY N   H    sing N N 121 
GLY N   H2   sing N N 122 
GLY CA  C    sing N N 123 
GLY CA  HA2  sing N N 124 
GLY CA  HA3  sing N N 125 
GLY C   O    doub N N 126 
GLY C   OXT  sing N N 127 
GLY OXT HXT  sing N N 128 
HOH O   H1   sing N N 129 
HOH O   H2   sing N N 130 
ILE N   CA   sing N N 131 
ILE N   H    sing N N 132 
ILE N   H2   sing N N 133 
ILE CA  C    sing N N 134 
ILE CA  CB   sing N N 135 
ILE CA  HA   sing N N 136 
ILE C   O    doub N N 137 
ILE C   OXT  sing N N 138 
ILE CB  CG1  sing N N 139 
ILE CB  CG2  sing N N 140 
ILE CB  HB   sing N N 141 
ILE CG1 CD1  sing N N 142 
ILE CG1 HG12 sing N N 143 
ILE CG1 HG13 sing N N 144 
ILE CG2 HG21 sing N N 145 
ILE CG2 HG22 sing N N 146 
ILE CG2 HG23 sing N N 147 
ILE CD1 HD11 sing N N 148 
ILE CD1 HD12 sing N N 149 
ILE CD1 HD13 sing N N 150 
ILE OXT HXT  sing N N 151 
LEU N   CA   sing N N 152 
LEU N   H    sing N N 153 
LEU N   H2   sing N N 154 
LEU CA  C    sing N N 155 
LEU CA  CB   sing N N 156 
LEU CA  HA   sing N N 157 
LEU C   O    doub N N 158 
LEU C   OXT  sing N N 159 
LEU CB  CG   sing N N 160 
LEU CB  HB2  sing N N 161 
LEU CB  HB3  sing N N 162 
LEU CG  CD1  sing N N 163 
LEU CG  CD2  sing N N 164 
LEU CG  HG   sing N N 165 
LEU CD1 HD11 sing N N 166 
LEU CD1 HD12 sing N N 167 
LEU CD1 HD13 sing N N 168 
LEU CD2 HD21 sing N N 169 
LEU CD2 HD22 sing N N 170 
LEU CD2 HD23 sing N N 171 
LEU OXT HXT  sing N N 172 
LYS N   CA   sing N N 173 
LYS N   H    sing N N 174 
LYS N   H2   sing N N 175 
LYS CA  C    sing N N 176 
LYS CA  CB   sing N N 177 
LYS CA  HA   sing N N 178 
LYS C   O    doub N N 179 
LYS C   OXT  sing N N 180 
LYS CB  CG   sing N N 181 
LYS CB  HB2  sing N N 182 
LYS CB  HB3  sing N N 183 
LYS CG  CD   sing N N 184 
LYS CG  HG2  sing N N 185 
LYS CG  HG3  sing N N 186 
LYS CD  CE   sing N N 187 
LYS CD  HD2  sing N N 188 
LYS CD  HD3  sing N N 189 
LYS CE  NZ   sing N N 190 
LYS CE  HE2  sing N N 191 
LYS CE  HE3  sing N N 192 
LYS NZ  HZ1  sing N N 193 
LYS NZ  HZ2  sing N N 194 
LYS NZ  HZ3  sing N N 195 
LYS OXT HXT  sing N N 196 
MET N   CA   sing N N 197 
MET N   H    sing N N 198 
MET N   H2   sing N N 199 
MET CA  C    sing N N 200 
MET CA  CB   sing N N 201 
MET CA  HA   sing N N 202 
MET C   O    doub N N 203 
MET C   OXT  sing N N 204 
MET CB  CG   sing N N 205 
MET CB  HB2  sing N N 206 
MET CB  HB3  sing N N 207 
MET CG  SD   sing N N 208 
MET CG  HG2  sing N N 209 
MET CG  HG3  sing N N 210 
MET SD  CE   sing N N 211 
MET CE  HE1  sing N N 212 
MET CE  HE2  sing N N 213 
MET CE  HE3  sing N N 214 
MET OXT HXT  sing N N 215 
PHE N   CA   sing N N 216 
PHE N   H    sing N N 217 
PHE N   H2   sing N N 218 
PHE CA  C    sing N N 219 
PHE CA  CB   sing N N 220 
PHE CA  HA   sing N N 221 
PHE C   O    doub N N 222 
PHE C   OXT  sing N N 223 
PHE CB  CG   sing N N 224 
PHE CB  HB2  sing N N 225 
PHE CB  HB3  sing N N 226 
PHE CG  CD1  doub Y N 227 
PHE CG  CD2  sing Y N 228 
PHE CD1 CE1  sing Y N 229 
PHE CD1 HD1  sing N N 230 
PHE CD2 CE2  doub Y N 231 
PHE CD2 HD2  sing N N 232 
PHE CE1 CZ   doub Y N 233 
PHE CE1 HE1  sing N N 234 
PHE CE2 CZ   sing Y N 235 
PHE CE2 HE2  sing N N 236 
PHE CZ  HZ   sing N N 237 
PHE OXT HXT  sing N N 238 
PRO N   CA   sing N N 239 
PRO N   CD   sing N N 240 
PRO N   H    sing N N 241 
PRO CA  C    sing N N 242 
PRO CA  CB   sing N N 243 
PRO CA  HA   sing N N 244 
PRO C   O    doub N N 245 
PRO C   OXT  sing N N 246 
PRO CB  CG   sing N N 247 
PRO CB  HB2  sing N N 248 
PRO CB  HB3  sing N N 249 
PRO CG  CD   sing N N 250 
PRO CG  HG2  sing N N 251 
PRO CG  HG3  sing N N 252 
PRO CD  HD2  sing N N 253 
PRO CD  HD3  sing N N 254 
PRO OXT HXT  sing N N 255 
SER N   CA   sing N N 256 
SER N   H    sing N N 257 
SER N   H2   sing N N 258 
SER CA  C    sing N N 259 
SER CA  CB   sing N N 260 
SER CA  HA   sing N N 261 
SER C   O    doub N N 262 
SER C   OXT  sing N N 263 
SER CB  OG   sing N N 264 
SER CB  HB2  sing N N 265 
SER CB  HB3  sing N N 266 
SER OG  HG   sing N N 267 
SER OXT HXT  sing N N 268 
THR N   CA   sing N N 269 
THR N   H    sing N N 270 
THR N   H2   sing N N 271 
THR CA  C    sing N N 272 
THR CA  CB   sing N N 273 
THR CA  HA   sing N N 274 
THR C   O    doub N N 275 
THR C   OXT  sing N N 276 
THR CB  OG1  sing N N 277 
THR CB  CG2  sing N N 278 
THR CB  HB   sing N N 279 
THR OG1 HG1  sing N N 280 
THR CG2 HG21 sing N N 281 
THR CG2 HG22 sing N N 282 
THR CG2 HG23 sing N N 283 
THR OXT HXT  sing N N 284 
TRP N   CA   sing N N 285 
TRP N   H    sing N N 286 
TRP N   H2   sing N N 287 
TRP CA  C    sing N N 288 
TRP CA  CB   sing N N 289 
TRP CA  HA   sing N N 290 
TRP C   O    doub N N 291 
TRP C   OXT  sing N N 292 
TRP CB  CG   sing N N 293 
TRP CB  HB2  sing N N 294 
TRP CB  HB3  sing N N 295 
TRP CG  CD1  doub Y N 296 
TRP CG  CD2  sing Y N 297 
TRP CD1 NE1  sing Y N 298 
TRP CD1 HD1  sing N N 299 
TRP CD2 CE2  doub Y N 300 
TRP CD2 CE3  sing Y N 301 
TRP NE1 CE2  sing Y N 302 
TRP NE1 HE1  sing N N 303 
TRP CE2 CZ2  sing Y N 304 
TRP CE3 CZ3  doub Y N 305 
TRP CE3 HE3  sing N N 306 
TRP CZ2 CH2  doub Y N 307 
TRP CZ2 HZ2  sing N N 308 
TRP CZ3 CH2  sing Y N 309 
TRP CZ3 HZ3  sing N N 310 
TRP CH2 HH2  sing N N 311 
TRP OXT HXT  sing N N 312 
TYR N   CA   sing N N 313 
TYR N   H    sing N N 314 
TYR N   H2   sing N N 315 
TYR CA  C    sing N N 316 
TYR CA  CB   sing N N 317 
TYR CA  HA   sing N N 318 
TYR C   O    doub N N 319 
TYR C   OXT  sing N N 320 
TYR CB  CG   sing N N 321 
TYR CB  HB2  sing N N 322 
TYR CB  HB3  sing N N 323 
TYR CG  CD1  doub Y N 324 
TYR CG  CD2  sing Y N 325 
TYR CD1 CE1  sing Y N 326 
TYR CD1 HD1  sing N N 327 
TYR CD2 CE2  doub Y N 328 
TYR CD2 HD2  sing N N 329 
TYR CE1 CZ   doub Y N 330 
TYR CE1 HE1  sing N N 331 
TYR CE2 CZ   sing Y N 332 
TYR CE2 HE2  sing N N 333 
TYR CZ  OH   sing N N 334 
TYR OH  HH   sing N N 335 
TYR OXT HXT  sing N N 336 
VAL N   CA   sing N N 337 
VAL N   H    sing N N 338 
VAL N   H2   sing N N 339 
VAL CA  C    sing N N 340 
VAL CA  CB   sing N N 341 
VAL CA  HA   sing N N 342 
VAL C   O    doub N N 343 
VAL C   OXT  sing N N 344 
VAL CB  CG1  sing N N 345 
VAL CB  CG2  sing N N 346 
VAL CB  HB   sing N N 347 
VAL CG1 HG11 sing N N 348 
VAL CG1 HG12 sing N N 349 
VAL CG1 HG13 sing N N 350 
VAL CG2 HG21 sing N N 351 
VAL CG2 HG22 sing N N 352 
VAL CG2 HG23 sing N N 353 
VAL OXT HXT  sing N N 354 
# 
_pdbx_entity_nonpoly.entity_id   2 
_pdbx_entity_nonpoly.name        water 
_pdbx_entity_nonpoly.comp_id     HOH 
# 
_pdbx_initial_refinement_model.id               1 
_pdbx_initial_refinement_model.entity_id_list   ? 
_pdbx_initial_refinement_model.type             'experimental model' 
_pdbx_initial_refinement_model.source_name      PDB 
_pdbx_initial_refinement_model.accession_code   1EDO 
_pdbx_initial_refinement_model.details          'PDB entry 1EDO' 
# 
